data_9LBT
#
_entry.id   9LBT
#
_cell.length_a   117.827
_cell.length_b   126.370
_cell.length_c   136.867
_cell.angle_alpha   90.00
_cell.angle_beta   90.00
_cell.angle_gamma   90.00
#
_symmetry.space_group_name_H-M   'P 21 21 21'
#
loop_
_entity.id
_entity.type
_entity.pdbx_description
1 polymer 'Dipeptidyl peptidase 4 soluble form'
2 polymer VAL-ALA-MET-PRO
3 water water
#
loop_
_entity_poly.entity_id
_entity_poly.type
_entity_poly.pdbx_seq_one_letter_code
_entity_poly.pdbx_strand_id
1 'polypeptide(L)'
;AKTYTLTDYLKNTYRLKLYSLRWISDHEYLYKQENNILVFNAEYGNSSVFLENSTFDEFGHSINDYSISPDGQFILLEYN
YVKQWRHSYTASYDIYDLNKRQLITEERIPNNTQWVTWSPVGHKLAYVWNNDIYVKIEPNLPSYRITWTGKEDIIYNGIT
DWVYEEEVFSAYSALWWSPNGTFLAYAQFNDTEVPLIEYSFYSDESLQYPKTVRVPYPKAGAVNPTVKFFVVNTDSLSSV
TNATSIQITAPASMLIGDHYLCDVTWATQERISLQWLRRIQNYSVMDICDYDESSGRWNCLVARQHIEMSTTGWVGRFRP
SEPHFTLDGNSFYKIISNEEGYRHICYFQIDKKDCTFITKGTWEVIGIEALTSDYLYYISNEYKGMPGGRNLYKIQLSDY
TKVTCLSCELNPERCQYYSVSFSKEAKYYQLRCSGPGLPLYTLHSSVNDKGLRVLEDNSALDKMLQNVQMPSKKLDFIIL
NETKFWYQMILPPHFDKSKKYPLLLDVYAGPCSQKADTVFRLNWATYLASTENIIVASFDGRGSGYQGDKIMHAINRRLG
TFEVEDQIEAARQFSKMGFVDNKRIAIWGWSYGGYVTSMVLGSGSGVFKCGIAVAPVSRWEYYDSVYTERYMGLPTPEDN
LDHYRNSTVMSRAENFKQVEYLLIHGTADDNVHFQQSAQISKALVDVGVDFQAMWYTDEDHGIASSTAHQHIYTHMSHFI
KQCFSL
;
A,B
2 'polypeptide(L)' VAMP C,D
#
# COMPACT_ATOMS: atom_id res chain seq x y z
N ALA A 1 28.02 35.24 -8.02
CA ALA A 1 28.34 33.82 -7.76
C ALA A 1 27.08 32.97 -7.55
N LYS A 2 27.03 31.83 -8.22
CA LYS A 2 25.87 30.96 -8.09
C LYS A 2 25.79 30.39 -6.67
N THR A 3 24.57 30.01 -6.26
CA THR A 3 24.42 29.26 -5.02
C THR A 3 24.44 27.76 -5.33
N TYR A 4 24.48 26.96 -4.26
CA TYR A 4 24.41 25.51 -4.38
C TYR A 4 22.93 25.13 -4.43
N THR A 5 22.48 24.70 -5.60
CA THR A 5 21.06 24.57 -5.88
C THR A 5 20.58 23.14 -5.61
N LEU A 6 19.26 22.99 -5.67
CA LEU A 6 18.66 21.66 -5.53
C LEU A 6 19.12 20.76 -6.67
N THR A 7 19.16 21.29 -7.89
CA THR A 7 19.69 20.50 -9.01
C THR A 7 21.16 20.15 -8.80
N ASP A 8 21.98 21.05 -8.23
CA ASP A 8 23.36 20.62 -7.93
C ASP A 8 23.37 19.41 -7.02
N TYR A 9 22.51 19.39 -6.01
CA TYR A 9 22.50 18.25 -5.11
C TYR A 9 22.02 17.00 -5.86
N LEU A 10 20.93 17.13 -6.60
CA LEU A 10 20.29 15.96 -7.22
C LEU A 10 21.08 15.41 -8.41
N LYS A 11 21.79 16.24 -9.15
CA LYS A 11 22.57 15.81 -10.31
C LYS A 11 24.05 15.64 -10.00
N ASN A 12 24.46 15.84 -8.73
CA ASN A 12 25.83 15.57 -8.32
C ASN A 12 26.83 16.44 -9.07
N THR A 13 26.47 17.70 -9.30
CA THR A 13 27.37 18.62 -10.00
C THR A 13 28.74 18.72 -9.33
N TYR A 14 28.78 18.71 -7.98
CA TYR A 14 30.05 18.87 -7.25
C TYR A 14 30.35 17.54 -6.54
N ARG A 15 31.31 16.77 -7.05
CA ARG A 15 31.51 15.38 -6.61
C ARG A 15 32.75 15.37 -5.73
N LEU A 16 32.64 14.77 -4.56
CA LEU A 16 33.82 14.55 -3.71
C LEU A 16 34.66 13.43 -4.37
N LYS A 17 35.96 13.66 -4.52
CA LYS A 17 36.84 12.60 -5.05
C LYS A 17 37.27 11.68 -3.89
N LEU A 18 37.39 10.40 -4.19
CA LEU A 18 37.75 9.39 -3.17
C LEU A 18 39.07 8.74 -3.53
N TYR A 19 39.51 7.82 -2.68
CA TYR A 19 40.75 7.07 -3.00
C TYR A 19 40.56 5.71 -2.35
N SER A 20 39.77 4.86 -3.00
CA SER A 20 39.44 3.53 -2.44
C SER A 20 40.52 2.53 -2.85
N LEU A 21 41.32 2.11 -1.89
CA LEU A 21 42.39 1.15 -2.18
C LEU A 21 42.12 -0.18 -1.49
N ARG A 22 42.81 -1.21 -1.96
CA ARG A 22 42.65 -2.57 -1.39
C ARG A 22 44.06 -3.13 -1.14
N TRP A 23 44.43 -3.19 0.12
CA TRP A 23 45.74 -3.75 0.49
C TRP A 23 45.77 -5.23 0.13
N ILE A 24 46.79 -5.63 -0.60
CA ILE A 24 46.94 -7.05 -0.90
C ILE A 24 48.12 -7.66 -0.18
N SER A 25 48.89 -6.87 0.57
CA SER A 25 50.04 -7.41 1.26
C SER A 25 50.45 -6.36 2.28
N ASP A 26 51.61 -6.56 2.86
CA ASP A 26 52.10 -5.52 3.74
C ASP A 26 52.71 -4.34 2.98
N HIS A 27 52.84 -4.40 1.64
CA HIS A 27 53.51 -3.33 0.93
C HIS A 27 52.88 -2.90 -0.40
N GLU A 28 51.76 -3.48 -0.81
CA GLU A 28 51.17 -3.13 -2.10
C GLU A 28 49.68 -3.03 -1.92
N TYR A 29 49.04 -2.19 -2.74
CA TYR A 29 47.58 -2.13 -2.77
C TYR A 29 47.07 -2.04 -4.20
N LEU A 30 45.82 -2.46 -4.37
CA LEU A 30 45.12 -2.33 -5.64
C LEU A 30 44.29 -1.07 -5.67
N TYR A 31 44.23 -0.48 -6.85
CA TYR A 31 43.50 0.76 -7.04
C TYR A 31 42.88 0.73 -8.43
N LYS A 32 41.55 0.86 -8.51
CA LYS A 32 40.89 0.79 -9.82
C LYS A 32 41.10 2.04 -10.71
CA ASN A 36 41.38 -0.72 -15.26
C ASN A 36 41.98 -0.76 -13.83
N ILE A 37 42.76 -1.79 -13.47
CA ILE A 37 43.11 -2.04 -12.07
C ILE A 37 44.63 -1.97 -11.96
N LEU A 38 45.14 -1.11 -11.08
CA LEU A 38 46.58 -0.94 -10.91
C LEU A 38 47.02 -1.47 -9.55
N VAL A 39 48.30 -1.81 -9.47
CA VAL A 39 48.90 -2.24 -8.22
C VAL A 39 49.98 -1.21 -7.86
N PHE A 40 49.95 -0.73 -6.63
CA PHE A 40 50.82 0.33 -6.16
C PHE A 40 51.76 -0.21 -5.10
N ASN A 41 52.99 0.23 -5.18
CA ASN A 41 53.99 0.01 -4.16
C ASN A 41 53.90 1.17 -3.15
N ALA A 42 53.61 0.84 -1.90
CA ALA A 42 53.39 1.89 -0.89
C ALA A 42 54.66 2.66 -0.60
N GLU A 43 55.80 1.99 -0.63
CA GLU A 43 57.05 2.67 -0.29
C GLU A 43 57.34 3.78 -1.30
N TYR A 44 57.26 3.48 -2.59
CA TYR A 44 57.68 4.44 -3.62
C TYR A 44 56.54 5.16 -4.33
N GLY A 45 55.32 4.62 -4.35
CA GLY A 45 54.26 5.24 -5.08
C GLY A 45 54.24 4.91 -6.55
N ASN A 46 55.19 4.12 -7.06
CA ASN A 46 55.11 3.59 -8.42
C ASN A 46 54.04 2.53 -8.52
N SER A 47 53.52 2.35 -9.74
CA SER A 47 52.43 1.43 -9.98
C SER A 47 52.70 0.64 -11.26
N SER A 48 51.97 -0.47 -11.42
CA SER A 48 51.87 -1.20 -12.67
C SER A 48 50.41 -1.49 -12.94
N VAL A 49 50.10 -1.82 -14.20
CA VAL A 49 48.76 -2.25 -14.58
C VAL A 49 48.61 -3.71 -14.20
N PHE A 50 47.62 -4.00 -13.36
CA PHE A 50 47.38 -5.37 -12.95
C PHE A 50 46.36 -6.02 -13.86
N LEU A 51 45.34 -5.27 -14.28
CA LEU A 51 44.38 -5.81 -15.23
C LEU A 51 43.87 -4.70 -16.11
N GLU A 52 44.00 -4.89 -17.44
CA GLU A 52 43.60 -3.87 -18.40
C GLU A 52 42.09 -3.79 -18.48
N ASN A 53 41.62 -2.57 -18.72
CA ASN A 53 40.18 -2.35 -18.85
C ASN A 53 39.60 -2.97 -20.12
N SER A 54 40.45 -3.41 -21.07
CA SER A 54 39.98 -4.05 -22.30
C SER A 54 39.90 -5.58 -22.21
N THR A 55 40.38 -6.19 -21.13
CA THR A 55 40.51 -7.65 -21.10
C THR A 55 39.17 -8.34 -21.36
N PHE A 56 38.05 -7.76 -20.87
CA PHE A 56 36.75 -8.43 -20.95
C PHE A 56 35.77 -7.71 -21.88
N ASP A 57 36.32 -6.96 -22.85
CA ASP A 57 35.48 -6.31 -23.86
C ASP A 57 34.54 -7.30 -24.53
N GLU A 58 35.00 -8.53 -24.76
CA GLU A 58 34.21 -9.54 -25.45
C GLU A 58 33.45 -10.44 -24.49
N PHE A 59 33.33 -10.03 -23.22
CA PHE A 59 32.76 -10.91 -22.20
C PHE A 59 31.27 -11.09 -22.38
N GLY A 60 30.56 -10.08 -22.87
CA GLY A 60 29.16 -10.24 -23.18
C GLY A 60 28.21 -9.94 -22.05
N HIS A 61 28.73 -9.64 -20.86
CA HIS A 61 27.92 -9.22 -19.74
C HIS A 61 28.56 -7.98 -19.14
N SER A 62 27.74 -7.05 -18.68
CA SER A 62 28.25 -5.95 -17.88
C SER A 62 28.78 -6.46 -16.53
N ILE A 63 30.02 -6.11 -16.21
CA ILE A 63 30.69 -6.68 -15.04
C ILE A 63 30.46 -5.73 -13.87
N ASN A 64 29.76 -6.21 -12.85
CA ASN A 64 29.40 -5.37 -11.72
C ASN A 64 30.61 -5.14 -10.81
N ASP A 65 31.45 -6.15 -10.66
CA ASP A 65 32.54 -6.08 -9.69
C ASP A 65 33.52 -7.19 -9.97
N TYR A 66 34.68 -7.06 -9.34
CA TYR A 66 35.73 -8.05 -9.49
C TYR A 66 36.30 -8.30 -8.11
N SER A 67 36.91 -9.46 -7.95
CA SER A 67 37.58 -9.78 -6.70
C SER A 67 38.77 -10.66 -7.03
N ILE A 68 39.96 -10.16 -6.79
CA ILE A 68 41.19 -10.88 -7.10
C ILE A 68 41.55 -11.80 -5.93
N SER A 69 41.92 -13.03 -6.25
CA SER A 69 42.26 -13.96 -5.19
C SER A 69 43.48 -13.43 -4.43
N PRO A 70 43.65 -13.83 -3.16
CA PRO A 70 44.78 -13.30 -2.38
C PRO A 70 46.11 -13.56 -3.02
N ASP A 71 46.29 -14.70 -3.71
CA ASP A 71 47.60 -14.95 -4.30
C ASP A 71 47.78 -14.27 -5.66
N GLY A 72 46.79 -13.53 -6.13
CA GLY A 72 46.90 -12.87 -7.41
C GLY A 72 46.69 -13.74 -8.63
N GLN A 73 46.35 -15.01 -8.48
CA GLN A 73 46.33 -15.88 -9.67
C GLN A 73 45.02 -15.84 -10.41
N PHE A 74 43.94 -15.47 -9.74
CA PHE A 74 42.60 -15.52 -10.31
C PHE A 74 41.81 -14.26 -10.00
N ILE A 75 40.85 -14.00 -10.86
CA ILE A 75 39.88 -12.93 -10.66
C ILE A 75 38.46 -13.45 -10.80
N LEU A 76 37.65 -13.17 -9.79
CA LEU A 76 36.22 -13.44 -9.81
C LEU A 76 35.54 -12.27 -10.48
N LEU A 77 34.76 -12.54 -11.53
CA LEU A 77 33.99 -11.53 -12.23
C LEU A 77 32.51 -11.69 -11.87
N GLU A 78 31.96 -10.64 -11.24
CA GLU A 78 30.59 -10.60 -10.77
C GLU A 78 29.71 -9.87 -11.78
N TYR A 79 28.61 -10.51 -12.18
CA TYR A 79 27.70 -9.89 -13.12
C TYR A 79 26.28 -10.37 -12.82
N ASN A 80 25.31 -9.90 -13.60
CA ASN A 80 23.89 -10.18 -13.32
C ASN A 80 23.56 -9.83 -11.86
N TYR A 81 24.12 -8.73 -11.37
CA TYR A 81 23.85 -8.31 -10.00
C TYR A 81 22.36 -8.00 -9.80
N VAL A 82 21.74 -8.63 -8.79
CA VAL A 82 20.36 -8.29 -8.39
C VAL A 82 20.35 -8.04 -6.87
N LYS A 83 20.04 -6.81 -6.47
CA LYS A 83 20.02 -6.45 -5.06
C LYS A 83 18.91 -7.19 -4.31
N GLN A 84 19.20 -7.67 -3.08
CA GLN A 84 18.07 -7.98 -2.21
C GLN A 84 17.85 -6.96 -1.06
N TRP A 85 18.45 -7.15 0.12
CA TRP A 85 18.20 -6.23 1.26
C TRP A 85 19.36 -5.24 1.36
N ARG A 86 19.70 -4.71 2.54
CA ARG A 86 20.77 -3.70 2.57
C ARG A 86 22.14 -4.25 2.11
N HIS A 87 22.43 -5.53 2.39
CA HIS A 87 23.71 -6.15 2.02
C HIS A 87 23.59 -7.31 1.05
N SER A 88 22.48 -8.05 1.09
CA SER A 88 22.30 -9.27 0.31
C SER A 88 22.02 -8.94 -1.16
N TYR A 89 22.43 -9.84 -2.04
CA TYR A 89 22.18 -9.79 -3.47
C TYR A 89 22.54 -11.17 -4.01
N THR A 90 22.08 -11.47 -5.21
CA THR A 90 22.60 -12.60 -5.96
C THR A 90 23.29 -12.09 -7.21
N ALA A 91 24.15 -12.92 -7.78
CA ALA A 91 24.90 -12.55 -8.97
C ALA A 91 25.35 -13.84 -9.62
N SER A 92 25.80 -13.72 -10.87
CA SER A 92 26.51 -14.77 -11.58
C SER A 92 28.00 -14.47 -11.47
N TYR A 93 28.81 -15.53 -11.58
CA TYR A 93 30.24 -15.40 -11.43
C TYR A 93 30.96 -16.18 -12.51
N ASP A 94 32.01 -15.59 -13.05
CA ASP A 94 33.00 -16.33 -13.81
C ASP A 94 34.36 -16.13 -13.19
N ILE A 95 35.26 -17.07 -13.40
CA ILE A 95 36.57 -16.98 -12.82
C ILE A 95 37.57 -16.89 -13.96
N TYR A 96 38.46 -15.92 -13.89
CA TYR A 96 39.44 -15.73 -14.93
C TYR A 96 40.81 -16.08 -14.36
N ASP A 97 41.50 -16.99 -15.05
CA ASP A 97 42.83 -17.45 -14.71
C ASP A 97 43.83 -16.43 -15.23
N LEU A 98 44.54 -15.75 -14.33
CA LEU A 98 45.38 -14.65 -14.78
C LEU A 98 46.70 -15.12 -15.38
N ASN A 99 47.08 -16.36 -15.13
CA ASN A 99 48.32 -16.86 -15.72
C ASN A 99 48.08 -17.53 -17.07
N LYS A 100 47.07 -18.38 -17.22
CA LYS A 100 46.82 -18.88 -18.57
C LYS A 100 45.89 -17.96 -19.36
N ARG A 101 45.47 -16.83 -18.78
CA ARG A 101 44.66 -15.82 -19.47
C ARG A 101 43.43 -16.42 -20.15
N GLN A 102 42.70 -17.22 -19.38
CA GLN A 102 41.54 -17.97 -19.83
C GLN A 102 40.45 -17.77 -18.79
N LEU A 103 39.23 -17.56 -19.24
CA LEU A 103 38.07 -17.86 -18.42
C LEU A 103 38.04 -19.36 -18.14
N ILE A 104 37.72 -19.74 -16.89
CA ILE A 104 37.43 -21.14 -16.60
C ILE A 104 36.05 -21.47 -17.13
N THR A 105 35.95 -22.50 -17.97
CA THR A 105 34.66 -22.83 -18.58
C THR A 105 34.09 -24.04 -17.90
N GLU A 106 34.89 -24.69 -17.07
CA GLU A 106 34.44 -25.92 -16.37
C GLU A 106 34.09 -25.68 -14.90
N GLU A 107 33.16 -26.45 -14.37
CA GLU A 107 32.81 -26.40 -12.93
C GLU A 107 32.54 -24.94 -12.52
N ARG A 108 31.73 -24.26 -13.30
CA ARG A 108 31.48 -22.86 -13.01
C ARG A 108 30.63 -22.70 -11.76
N ILE A 109 30.82 -21.56 -11.11
CA ILE A 109 29.90 -21.15 -10.05
C ILE A 109 28.51 -20.97 -10.64
N PRO A 110 27.44 -21.45 -9.99
CA PRO A 110 26.11 -21.35 -10.59
C PRO A 110 25.63 -19.91 -10.65
N ASN A 111 24.70 -19.68 -11.58
CA ASN A 111 23.88 -18.47 -11.58
C ASN A 111 23.12 -18.36 -10.26
N ASN A 112 22.71 -17.14 -9.88
CA ASN A 112 21.93 -16.93 -8.65
C ASN A 112 22.71 -17.32 -7.39
N THR A 113 24.03 -17.19 -7.43
CA THR A 113 24.84 -17.42 -6.24
C THR A 113 24.60 -16.29 -5.27
N GLN A 114 24.44 -16.64 -4.00
CA GLN A 114 24.07 -15.72 -2.95
C GLN A 114 25.26 -15.10 -2.22
N TRP A 115 26.37 -15.81 -2.19
CA TRP A 115 27.56 -15.27 -1.55
C TRP A 115 28.73 -16.05 -2.07
N VAL A 116 29.86 -15.38 -2.30
CA VAL A 116 31.08 -16.08 -2.67
C VAL A 116 32.25 -15.36 -2.02
N THR A 117 33.27 -16.13 -1.61
CA THR A 117 34.44 -15.49 -1.03
C THR A 117 35.65 -16.38 -1.27
N TRP A 118 36.78 -15.74 -1.56
CA TRP A 118 38.06 -16.43 -1.55
C TRP A 118 38.43 -16.81 -0.11
N SER A 119 39.21 -17.88 0.05
CA SER A 119 39.95 -18.08 1.28
C SER A 119 40.90 -16.87 1.51
N PRO A 120 41.36 -16.66 2.74
CA PRO A 120 42.19 -15.46 3.00
C PRO A 120 43.60 -15.59 2.47
N VAL A 121 44.08 -16.79 2.16
CA VAL A 121 45.35 -16.93 1.47
C VAL A 121 45.07 -17.92 0.34
N GLY A 122 45.90 -17.86 -0.71
CA GLY A 122 45.73 -18.81 -1.81
C GLY A 122 44.54 -18.47 -2.69
N HIS A 123 43.80 -19.51 -3.14
CA HIS A 123 42.69 -19.30 -4.06
C HIS A 123 41.57 -20.34 -3.93
N LYS A 124 41.32 -20.85 -2.72
CA LYS A 124 40.10 -21.62 -2.51
C LYS A 124 38.91 -20.68 -2.58
N LEU A 125 37.74 -21.25 -2.84
CA LEU A 125 36.48 -20.51 -2.93
C LEU A 125 35.43 -21.19 -2.06
N ALA A 126 34.63 -20.40 -1.37
CA ALA A 126 33.42 -20.90 -0.72
C ALA A 126 32.26 -20.06 -1.26
N TYR A 127 31.17 -20.71 -1.65
CA TYR A 127 30.01 -19.96 -2.14
C TYR A 127 28.74 -20.61 -1.60
N VAL A 128 27.67 -19.85 -1.63
CA VAL A 128 26.37 -20.27 -1.13
C VAL A 128 25.43 -20.19 -2.31
N TRP A 129 24.71 -21.28 -2.56
CA TRP A 129 23.77 -21.34 -3.68
C TRP A 129 22.56 -22.12 -3.21
N ASN A 130 21.37 -21.59 -3.45
CA ASN A 130 20.15 -22.24 -2.92
C ASN A 130 20.26 -22.56 -1.43
N ASN A 131 20.86 -21.64 -0.67
CA ASN A 131 20.96 -21.70 0.80
C ASN A 131 21.88 -22.80 1.31
N ASP A 132 22.65 -23.46 0.44
CA ASP A 132 23.66 -24.42 0.87
C ASP A 132 25.06 -23.95 0.53
N ILE A 133 26.05 -24.48 1.26
CA ILE A 133 27.45 -24.09 1.13
C ILE A 133 28.20 -25.07 0.27
N TYR A 134 29.06 -24.54 -0.62
CA TYR A 134 29.92 -25.29 -1.52
C TYR A 134 31.35 -24.76 -1.42
N VAL A 135 32.35 -25.64 -1.55
CA VAL A 135 33.74 -25.23 -1.54
C VAL A 135 34.40 -25.72 -2.81
N LYS A 136 35.14 -24.85 -3.49
CA LYS A 136 36.01 -25.25 -4.59
C LYS A 136 37.46 -25.11 -4.12
N ILE A 137 38.21 -26.21 -4.15
CA ILE A 137 39.63 -26.14 -3.78
C ILE A 137 40.44 -25.49 -4.90
N GLU A 138 40.05 -25.69 -6.15
CA GLU A 138 40.69 -25.11 -7.32
C GLU A 138 39.59 -24.60 -8.22
N PRO A 139 39.81 -23.48 -8.91
CA PRO A 139 38.69 -22.83 -9.62
C PRO A 139 38.10 -23.70 -10.73
N ASN A 140 38.89 -24.60 -11.31
CA ASN A 140 38.37 -25.47 -12.35
C ASN A 140 37.94 -26.84 -11.85
N LEU A 141 37.93 -27.08 -10.56
CA LEU A 141 37.55 -28.40 -10.09
C LEU A 141 36.11 -28.43 -9.58
N PRO A 142 35.51 -29.64 -9.56
CA PRO A 142 34.16 -29.78 -9.00
C PRO A 142 34.11 -29.27 -7.57
N SER A 143 32.95 -28.70 -7.22
CA SER A 143 32.66 -28.24 -5.87
C SER A 143 32.38 -29.41 -4.93
N TYR A 144 32.74 -29.23 -3.66
CA TYR A 144 32.25 -30.10 -2.61
C TYR A 144 31.05 -29.44 -1.96
N ARG A 145 29.93 -30.15 -1.90
CA ARG A 145 28.76 -29.62 -1.22
C ARG A 145 28.93 -29.83 0.27
N ILE A 146 28.80 -28.77 1.05
CA ILE A 146 29.06 -28.88 2.48
C ILE A 146 27.77 -29.11 3.23
N THR A 147 26.68 -28.45 2.84
CA THR A 147 25.41 -28.59 3.53
C THR A 147 24.36 -29.05 2.52
N TRP A 148 23.37 -29.77 3.03
CA TRP A 148 22.29 -30.32 2.21
C TRP A 148 20.91 -29.91 2.68
N THR A 149 20.82 -29.04 3.68
CA THR A 149 19.56 -28.70 4.35
C THR A 149 19.00 -27.36 3.90
N GLY A 150 19.71 -26.63 3.04
CA GLY A 150 19.25 -25.30 2.68
C GLY A 150 17.85 -25.36 2.11
N LYS A 151 17.02 -24.38 2.49
CA LYS A 151 15.64 -24.31 1.99
C LYS A 151 15.21 -22.86 2.02
N GLU A 152 14.85 -22.32 0.85
CA GLU A 152 14.42 -20.93 0.73
C GLU A 152 13.51 -20.51 1.89
N ASP A 153 13.86 -19.41 2.54
CA ASP A 153 13.10 -18.78 3.61
C ASP A 153 13.01 -19.62 4.87
N ILE A 154 13.69 -20.77 4.95
CA ILE A 154 13.55 -21.64 6.10
C ILE A 154 14.91 -21.94 6.71
N ILE A 155 15.80 -22.60 5.95
CA ILE A 155 17.12 -22.97 6.44
C ILE A 155 18.17 -22.21 5.63
N TYR A 156 18.99 -21.45 6.34
CA TYR A 156 20.04 -20.63 5.75
C TYR A 156 21.39 -21.16 6.20
N ASN A 157 22.18 -21.72 5.28
CA ASN A 157 23.55 -22.16 5.58
C ASN A 157 24.55 -21.16 5.00
N GLY A 158 25.36 -20.56 5.86
CA GLY A 158 26.45 -19.71 5.41
C GLY A 158 26.01 -18.35 4.89
N ILE A 159 24.72 -18.05 4.93
CA ILE A 159 24.14 -16.72 4.69
C ILE A 159 23.17 -16.40 5.82
N THR A 160 22.96 -15.09 6.06
CA THR A 160 22.04 -14.65 7.11
C THR A 160 20.62 -14.51 6.56
N ASP A 161 19.65 -14.62 7.47
CA ASP A 161 18.26 -14.27 7.16
C ASP A 161 18.10 -12.76 7.31
N TRP A 162 16.87 -12.27 7.15
CA TRP A 162 16.68 -10.81 7.10
C TRP A 162 17.23 -10.16 8.36
N VAL A 163 16.85 -10.70 9.54
CA VAL A 163 17.14 -9.95 10.76
C VAL A 163 18.62 -10.08 11.15
N TYR A 164 19.24 -11.24 10.88
CA TYR A 164 20.67 -11.34 11.15
C TYR A 164 21.48 -10.46 10.18
N GLU A 165 21.06 -10.40 8.92
CA GLU A 165 21.72 -9.54 7.95
C GLU A 165 21.68 -8.08 8.38
N GLU A 166 20.47 -7.60 8.74
CA GLU A 166 20.32 -6.17 9.00
C GLU A 166 20.85 -5.75 10.38
N GLU A 167 20.58 -6.57 11.41
CA GLU A 167 20.76 -6.13 12.79
C GLU A 167 21.92 -6.79 13.53
N VAL A 168 22.53 -7.83 12.99
CA VAL A 168 23.58 -8.49 13.76
C VAL A 168 24.89 -8.42 13.01
N PHE A 169 24.98 -9.05 11.82
CA PHE A 169 26.27 -9.13 11.13
C PHE A 169 26.47 -8.01 10.11
N SER A 170 25.42 -7.21 9.81
CA SER A 170 25.54 -6.19 8.76
C SER A 170 26.18 -6.76 7.49
N ALA A 171 25.76 -7.96 7.13
CA ALA A 171 26.34 -8.71 6.02
C ALA A 171 25.36 -9.85 5.72
N TYR A 172 25.34 -10.27 4.45
CA TYR A 172 24.66 -11.50 4.07
C TYR A 172 25.50 -12.72 4.37
N SER A 173 26.82 -12.57 4.35
CA SER A 173 27.73 -13.67 4.57
C SER A 173 27.56 -14.20 6.00
N ALA A 174 27.55 -15.50 6.14
CA ALA A 174 27.75 -16.12 7.44
C ALA A 174 28.78 -17.25 7.28
N LEU A 175 29.89 -16.91 6.61
CA LEU A 175 31.03 -17.81 6.36
C LEU A 175 32.25 -17.12 6.94
N TRP A 176 33.14 -17.88 7.62
CA TRP A 176 34.37 -17.33 8.19
C TRP A 176 35.49 -18.33 7.97
N TRP A 177 36.33 -18.07 6.97
CA TRP A 177 37.56 -18.85 6.78
C TRP A 177 38.49 -18.68 7.96
N SER A 178 39.20 -19.74 8.32
CA SER A 178 40.32 -19.61 9.25
C SER A 178 41.47 -18.85 8.55
N PRO A 179 42.44 -18.33 9.32
CA PRO A 179 43.44 -17.43 8.71
C PRO A 179 44.20 -18.01 7.54
N ASN A 180 44.56 -19.29 7.52
CA ASN A 180 45.28 -19.85 6.37
C ASN A 180 44.36 -20.64 5.43
N GLY A 181 43.06 -20.61 5.66
CA GLY A 181 42.13 -21.26 4.78
C GLY A 181 41.92 -22.73 5.06
N THR A 182 42.50 -23.28 6.14
CA THR A 182 42.27 -24.69 6.45
C THR A 182 40.80 -24.98 6.76
N PHE A 183 40.23 -24.22 7.67
CA PHE A 183 38.88 -24.45 8.16
C PHE A 183 37.93 -23.40 7.59
N LEU A 184 36.70 -23.82 7.38
CA LEU A 184 35.63 -22.91 7.03
C LEU A 184 34.58 -23.02 8.13
N ALA A 185 34.38 -21.95 8.89
CA ALA A 185 33.32 -21.89 9.87
C ALA A 185 32.07 -21.26 9.23
N TYR A 186 30.89 -21.64 9.74
CA TYR A 186 29.66 -21.09 9.19
C TYR A 186 28.51 -21.23 10.19
N ALA A 187 27.56 -20.32 10.07
CA ALA A 187 26.36 -20.36 10.87
C ALA A 187 25.23 -20.91 10.02
N GLN A 188 24.26 -21.52 10.67
CA GLN A 188 23.04 -21.98 10.05
C GLN A 188 21.85 -21.36 10.78
N PHE A 189 20.97 -20.70 10.05
CA PHE A 189 19.80 -20.08 10.65
C PHE A 189 18.53 -20.86 10.28
N ASN A 190 17.65 -21.05 11.27
CA ASN A 190 16.40 -21.82 11.07
C ASN A 190 15.25 -20.84 11.34
N ASP A 191 14.53 -20.46 10.30
CA ASP A 191 13.45 -19.47 10.41
C ASP A 191 12.07 -20.14 10.40
N THR A 192 12.02 -21.45 10.69
CA THR A 192 10.76 -22.19 10.49
C THR A 192 9.57 -21.49 11.11
N GLU A 193 9.70 -21.03 12.35
CA GLU A 193 8.51 -20.48 12.99
C GLU A 193 8.52 -18.96 13.03
N VAL A 194 9.36 -18.32 12.23
CA VAL A 194 9.37 -16.86 12.20
C VAL A 194 8.22 -16.40 11.31
N PRO A 195 7.34 -15.51 11.78
CA PRO A 195 6.27 -14.99 10.91
C PRO A 195 6.83 -14.22 9.73
N LEU A 196 6.01 -14.13 8.68
CA LEU A 196 6.33 -13.44 7.43
C LEU A 196 5.72 -12.03 7.46
N ILE A 197 6.51 -11.00 7.15
CA ILE A 197 5.91 -9.75 6.67
C ILE A 197 5.53 -9.95 5.20
N GLU A 198 4.32 -9.52 4.86
CA GLU A 198 3.76 -9.64 3.51
C GLU A 198 3.41 -8.23 3.01
N TYR A 199 3.81 -7.92 1.78
CA TYR A 199 3.45 -6.63 1.20
C TYR A 199 3.41 -6.75 -0.31
N SER A 200 2.64 -5.88 -0.95
CA SER A 200 2.49 -5.91 -2.39
C SER A 200 3.69 -5.28 -3.07
N PHE A 201 4.04 -5.84 -4.21
CA PHE A 201 5.02 -5.31 -5.15
C PHE A 201 4.36 -5.22 -6.52
N TYR A 202 4.36 -4.02 -7.12
CA TYR A 202 3.54 -3.78 -8.31
C TYR A 202 4.28 -4.05 -9.61
N SER A 203 5.61 -3.83 -9.61
CA SER A 203 6.51 -4.12 -10.75
C SER A 203 6.18 -3.20 -11.92
N ASP A 204 6.68 -3.54 -13.11
CA ASP A 204 6.43 -2.77 -14.30
C ASP A 204 4.93 -2.78 -14.58
N GLU A 205 4.48 -1.80 -15.33
CA GLU A 205 3.03 -1.72 -15.54
C GLU A 205 2.53 -2.92 -16.34
N SER A 206 3.42 -3.65 -17.03
CA SER A 206 3.04 -4.85 -17.75
C SER A 206 2.50 -5.94 -16.83
N LEU A 207 2.80 -5.92 -15.54
CA LEU A 207 2.41 -7.00 -14.65
C LEU A 207 0.93 -6.85 -14.26
N GLN A 208 0.12 -7.81 -14.68
CA GLN A 208 -1.33 -7.67 -14.55
C GLN A 208 -1.77 -7.75 -13.09
N TYR A 209 -1.22 -8.70 -12.33
CA TYR A 209 -1.53 -8.91 -10.89
C TYR A 209 -0.33 -8.57 -10.06
N PRO A 210 -0.47 -7.71 -9.03
CA PRO A 210 0.65 -7.44 -8.12
C PRO A 210 1.12 -8.71 -7.45
N LYS A 211 2.42 -8.73 -7.17
CA LYS A 211 3.05 -9.82 -6.46
C LYS A 211 2.99 -9.52 -4.98
N THR A 212 2.90 -10.55 -4.18
CA THR A 212 3.00 -10.40 -2.73
C THR A 212 4.38 -10.91 -2.34
N VAL A 213 5.18 -10.04 -1.73
CA VAL A 213 6.48 -10.37 -1.17
C VAL A 213 6.29 -10.86 0.25
N ARG A 214 6.93 -11.99 0.59
CA ARG A 214 6.82 -12.59 1.91
C ARG A 214 8.23 -12.81 2.45
N VAL A 215 8.55 -12.17 3.57
CA VAL A 215 9.89 -12.15 4.12
C VAL A 215 9.82 -12.64 5.57
N PRO A 216 10.54 -13.69 5.94
CA PRO A 216 10.60 -14.03 7.37
C PRO A 216 11.29 -12.92 8.14
N TYR A 217 10.55 -12.35 9.10
CA TYR A 217 10.85 -11.08 9.76
C TYR A 217 10.19 -11.12 11.13
N PRO A 218 10.96 -11.30 12.21
CA PRO A 218 10.36 -11.29 13.56
C PRO A 218 10.17 -9.86 14.04
N LYS A 219 8.91 -9.46 14.22
CA LYS A 219 8.61 -8.23 14.92
C LYS A 219 8.83 -8.41 16.43
N ALA A 220 8.86 -7.29 17.16
CA ALA A 220 9.21 -7.29 18.59
C ALA A 220 8.38 -8.33 19.32
N GLY A 221 9.07 -9.19 20.06
CA GLY A 221 8.41 -10.23 20.84
C GLY A 221 7.99 -11.48 20.07
N ALA A 222 8.16 -11.52 18.74
CA ALA A 222 7.71 -12.66 17.95
C ALA A 222 8.74 -13.79 18.01
N VAL A 223 8.43 -14.93 17.41
CA VAL A 223 9.39 -16.04 17.42
C VAL A 223 10.58 -15.64 16.55
N ASN A 224 11.82 -15.85 17.10
CA ASN A 224 13.06 -15.49 16.43
C ASN A 224 13.62 -16.69 15.66
N PRO A 225 14.49 -16.42 14.68
CA PRO A 225 15.27 -17.52 14.09
C PRO A 225 16.11 -18.17 15.18
N THR A 226 16.39 -19.46 14.99
CA THR A 226 17.38 -20.12 15.82
C THR A 226 18.68 -20.27 15.02
N VAL A 227 19.79 -20.54 15.74
CA VAL A 227 21.10 -20.50 15.10
C VAL A 227 21.95 -21.69 15.60
N LYS A 228 22.70 -22.30 14.69
CA LYS A 228 23.72 -23.28 15.01
C LYS A 228 25.02 -22.85 14.33
N PHE A 229 26.14 -23.32 14.85
CA PHE A 229 27.45 -22.92 14.36
C PHE A 229 28.31 -24.14 14.10
N PHE A 230 29.01 -24.18 12.96
CA PHE A 230 29.74 -25.36 12.50
C PHE A 230 31.11 -24.96 11.98
N VAL A 231 32.06 -25.89 12.04
CA VAL A 231 33.35 -25.72 11.39
C VAL A 231 33.64 -26.97 10.55
N VAL A 232 34.05 -26.78 9.30
CA VAL A 232 34.42 -27.90 8.43
C VAL A 232 35.90 -27.76 8.06
N ASN A 233 36.61 -28.89 8.00
CA ASN A 233 38.00 -28.89 7.56
C ASN A 233 38.00 -28.99 6.04
N THR A 234 38.45 -27.94 5.36
CA THR A 234 38.40 -27.98 3.90
C THR A 234 39.59 -28.69 3.29
N ASP A 235 40.52 -29.18 4.12
CA ASP A 235 41.62 -29.96 3.59
C ASP A 235 41.31 -31.44 3.55
N SER A 236 40.22 -31.90 4.15
CA SER A 236 39.94 -33.32 4.16
C SER A 236 38.58 -33.59 3.54
N LEU A 237 38.22 -32.80 2.53
CA LEU A 237 36.99 -33.06 1.81
C LEU A 237 37.20 -34.24 0.88
N SER A 238 36.13 -34.97 0.63
CA SER A 238 36.12 -36.17 -0.20
C SER A 238 35.08 -36.08 -1.30
N SER A 239 35.43 -36.64 -2.46
CA SER A 239 34.47 -36.84 -3.54
C SER A 239 33.49 -37.97 -3.25
N VAL A 240 33.79 -38.86 -2.32
CA VAL A 240 32.98 -40.05 -2.11
C VAL A 240 32.00 -39.88 -0.97
N THR A 241 32.45 -39.30 0.14
CA THR A 241 31.57 -39.15 1.27
C THR A 241 31.26 -37.67 1.46
N ASN A 242 30.13 -37.44 2.14
CA ASN A 242 29.72 -36.11 2.48
C ASN A 242 30.67 -35.55 3.52
N ALA A 243 30.87 -34.24 3.46
CA ALA A 243 31.76 -33.57 4.42
C ALA A 243 31.15 -33.60 5.80
N THR A 244 32.00 -33.78 6.81
CA THR A 244 31.58 -33.73 8.20
C THR A 244 31.78 -32.31 8.71
N SER A 245 30.71 -31.69 9.20
CA SER A 245 30.78 -30.40 9.86
C SER A 245 30.73 -30.66 11.35
N ILE A 246 31.64 -30.05 12.11
CA ILE A 246 31.67 -30.20 13.56
C ILE A 246 30.88 -29.05 14.18
N GLN A 247 29.88 -29.36 14.98
CA GLN A 247 29.11 -28.29 15.59
C GLN A 247 29.84 -27.78 16.84
N ILE A 248 29.81 -26.48 17.02
CA ILE A 248 30.14 -25.85 18.30
C ILE A 248 28.85 -25.30 18.91
N THR A 249 28.48 -25.85 20.07
CA THR A 249 27.23 -25.47 20.70
C THR A 249 27.44 -24.24 21.58
N ALA A 250 26.40 -23.42 21.69
CA ALA A 250 26.48 -22.24 22.54
C ALA A 250 26.61 -22.68 24.01
N PRO A 251 27.14 -21.85 24.88
CA PRO A 251 27.25 -22.26 26.29
C PRO A 251 25.90 -22.35 26.99
N ALA A 252 25.92 -23.03 28.15
CA ALA A 252 24.69 -23.35 28.87
C ALA A 252 23.91 -22.09 29.23
N SER A 253 24.63 -21.02 29.60
CA SER A 253 23.98 -19.76 29.96
C SER A 253 23.21 -19.13 28.80
N MET A 254 23.50 -19.54 27.55
CA MET A 254 22.76 -19.12 26.37
C MET A 254 21.66 -20.11 26.02
N LEU A 255 21.93 -21.41 26.12
CA LEU A 255 20.93 -22.42 25.77
C LEU A 255 19.70 -22.40 26.67
N ILE A 256 19.74 -21.77 27.86
CA ILE A 256 18.55 -21.72 28.71
C ILE A 256 17.42 -20.91 28.10
N GLY A 257 17.65 -20.17 27.02
CA GLY A 257 16.58 -19.39 26.43
C GLY A 257 16.95 -18.89 25.05
N ASP A 258 16.12 -17.97 24.53
CA ASP A 258 16.43 -17.43 23.22
C ASP A 258 17.76 -16.70 23.26
N HIS A 259 18.51 -16.79 22.17
CA HIS A 259 19.82 -16.13 22.10
C HIS A 259 20.16 -15.90 20.64
N TYR A 260 21.31 -15.27 20.44
CA TYR A 260 21.87 -14.91 19.15
C TYR A 260 23.35 -15.27 19.16
N LEU A 261 23.84 -15.63 17.98
CA LEU A 261 25.25 -15.62 17.71
C LEU A 261 25.57 -14.23 17.24
N CYS A 262 26.54 -13.56 17.87
CA CYS A 262 26.72 -12.14 17.51
C CYS A 262 28.12 -11.77 17.08
N ASP A 263 29.10 -12.66 17.23
CA ASP A 263 30.43 -12.39 16.68
C ASP A 263 31.17 -13.70 16.45
N VAL A 264 31.94 -13.75 15.37
CA VAL A 264 32.84 -14.85 15.06
C VAL A 264 34.17 -14.21 14.66
N THR A 265 35.25 -14.57 15.37
CA THR A 265 36.57 -14.03 15.09
C THR A 265 37.59 -15.14 15.26
N TRP A 266 38.28 -15.52 14.18
CA TRP A 266 39.35 -16.48 14.32
C TRP A 266 40.50 -15.83 15.07
N ALA A 267 41.11 -16.59 15.97
CA ALA A 267 42.27 -16.13 16.73
C ALA A 267 43.59 -16.63 16.14
N THR A 268 43.67 -17.93 15.87
CA THR A 268 44.83 -18.59 15.27
C THR A 268 44.34 -19.58 14.22
N GLN A 269 45.27 -20.38 13.70
CA GLN A 269 44.89 -21.39 12.72
C GLN A 269 43.99 -22.43 13.35
N GLU A 270 44.03 -22.56 14.68
CA GLU A 270 43.31 -23.65 15.35
C GLU A 270 42.51 -23.15 16.54
N ARG A 271 42.22 -21.84 16.61
CA ARG A 271 41.47 -21.26 17.71
C ARG A 271 40.49 -20.23 17.19
N ILE A 272 39.23 -20.39 17.53
CA ILE A 272 38.17 -19.47 17.10
C ILE A 272 37.42 -18.96 18.31
N SER A 273 37.06 -17.69 18.30
CA SER A 273 36.22 -17.14 19.35
C SER A 273 34.86 -16.80 18.78
N LEU A 274 33.84 -17.06 19.58
CA LEU A 274 32.45 -16.77 19.29
C LEU A 274 31.88 -15.96 20.43
N GLN A 275 31.07 -14.96 20.11
CA GLN A 275 30.28 -14.32 21.15
C GLN A 275 28.82 -14.57 20.86
N TRP A 276 28.10 -14.91 21.93
CA TRP A 276 26.68 -15.18 21.98
C TRP A 276 26.02 -14.13 22.87
N LEU A 277 24.77 -13.82 22.57
CA LEU A 277 24.05 -12.72 23.21
C LEU A 277 22.69 -13.23 23.62
N ARG A 278 22.27 -12.98 24.87
CA ARG A 278 20.92 -13.41 25.21
C ARG A 278 19.92 -12.55 24.48
N ARG A 279 18.70 -13.07 24.32
CA ARG A 279 17.64 -12.29 23.66
C ARG A 279 17.35 -11.03 24.47
N ILE A 280 17.45 -11.12 25.80
CA ILE A 280 17.58 -9.93 26.63
C ILE A 280 19.05 -9.51 26.58
N GLN A 281 19.31 -8.42 25.85
CA GLN A 281 20.64 -8.19 25.29
C GLN A 281 21.55 -7.48 26.27
N ASN A 282 21.39 -7.70 27.58
CA ASN A 282 22.30 -7.15 28.57
C ASN A 282 23.30 -8.20 29.10
N TYR A 283 23.44 -9.32 28.39
CA TYR A 283 24.31 -10.41 28.83
C TYR A 283 24.85 -11.17 27.63
N SER A 284 26.16 -11.24 27.51
CA SER A 284 26.87 -11.78 26.37
C SER A 284 27.97 -12.67 26.92
N VAL A 285 28.31 -13.74 26.19
CA VAL A 285 29.39 -14.68 26.56
C VAL A 285 30.29 -14.92 25.36
N MET A 286 31.61 -14.79 25.54
CA MET A 286 32.61 -15.22 24.56
C MET A 286 33.13 -16.60 24.91
N ASP A 287 33.06 -17.51 23.96
CA ASP A 287 33.76 -18.79 23.99
C ASP A 287 35.01 -18.69 23.14
N ILE A 288 36.04 -19.41 23.57
CA ILE A 288 37.28 -19.51 22.83
C ILE A 288 37.56 -20.99 22.65
N CYS A 289 37.53 -21.48 21.40
CA CYS A 289 37.49 -22.90 21.09
C CYS A 289 38.74 -23.32 20.31
N ASP A 290 39.35 -24.42 20.73
CA ASP A 290 40.59 -24.95 20.19
C ASP A 290 40.29 -26.24 19.46
N TYR A 291 40.88 -26.38 18.27
CA TYR A 291 40.82 -27.64 17.54
C TYR A 291 41.64 -28.71 18.28
N ASP A 292 41.03 -29.89 18.47
CA ASP A 292 41.58 -31.06 19.15
C ASP A 292 41.81 -32.08 18.05
N GLU A 293 43.09 -32.23 17.70
CA GLU A 293 43.49 -33.07 16.59
C GLU A 293 43.20 -34.55 16.85
N SER A 294 43.17 -34.96 18.12
CA SER A 294 42.97 -36.37 18.42
C SER A 294 41.53 -36.79 18.17
N SER A 295 40.57 -35.93 18.51
CA SER A 295 39.17 -36.26 18.33
C SER A 295 38.58 -35.61 17.10
N GLY A 296 39.36 -34.76 16.41
CA GLY A 296 38.79 -33.93 15.37
C GLY A 296 37.79 -32.92 15.86
N ARG A 297 37.73 -32.69 17.16
CA ARG A 297 36.68 -31.89 17.79
C ARG A 297 37.15 -30.45 18.00
N TRP A 298 36.19 -29.60 18.37
CA TRP A 298 36.46 -28.25 18.84
C TRP A 298 36.00 -28.19 20.29
N ASN A 299 36.91 -27.86 21.21
CA ASN A 299 36.55 -27.75 22.62
C ASN A 299 36.69 -26.30 23.08
N CYS A 300 35.66 -25.83 23.78
CA CYS A 300 35.63 -24.49 24.35
C CYS A 300 35.75 -24.63 25.87
N LEU A 301 36.96 -24.52 26.40
CA LEU A 301 37.12 -24.63 27.85
C LEU A 301 36.36 -23.52 28.59
N VAL A 302 35.68 -23.93 29.67
CA VAL A 302 34.94 -22.98 30.50
C VAL A 302 35.86 -21.94 31.09
N ALA A 303 37.09 -22.33 31.45
CA ALA A 303 38.05 -21.36 31.96
C ALA A 303 38.41 -20.29 30.93
N ARG A 304 38.10 -20.48 29.65
CA ARG A 304 38.40 -19.46 28.65
C ARG A 304 37.18 -18.63 28.27
N GLN A 305 36.10 -18.76 29.02
CA GLN A 305 34.87 -18.07 28.71
C GLN A 305 34.92 -16.65 29.27
N HIS A 306 34.34 -15.67 28.57
CA HIS A 306 34.40 -14.30 29.06
C HIS A 306 33.01 -13.70 29.04
N ILE A 307 32.56 -13.23 30.16
CA ILE A 307 31.21 -12.70 30.28
C ILE A 307 31.25 -11.21 30.15
N GLU A 308 30.30 -10.66 29.40
CA GLU A 308 30.17 -9.23 29.26
C GLU A 308 28.71 -8.84 29.49
N MET A 309 28.45 -8.03 30.52
CA MET A 309 27.07 -7.68 30.82
C MET A 309 26.97 -6.18 31.07
N SER A 310 25.75 -5.72 31.11
CA SER A 310 25.49 -4.31 31.37
C SER A 310 24.39 -4.24 32.41
N THR A 311 24.60 -3.43 33.44
CA THR A 311 23.53 -3.12 34.38
C THR A 311 22.68 -1.92 33.98
N THR A 312 23.14 -1.07 33.05
CA THR A 312 22.38 0.15 32.73
C THR A 312 21.70 0.12 31.38
N GLY A 313 22.10 -0.77 30.49
CA GLY A 313 21.53 -0.85 29.17
C GLY A 313 21.85 -2.18 28.56
N TRP A 314 22.08 -2.16 27.27
CA TRP A 314 22.42 -3.34 26.49
C TRP A 314 23.94 -3.47 26.45
N VAL A 315 24.46 -4.50 25.78
CA VAL A 315 25.90 -4.73 25.68
C VAL A 315 26.40 -4.19 24.36
N GLY A 316 27.42 -3.36 24.41
CA GLY A 316 28.04 -2.85 23.20
C GLY A 316 27.23 -1.68 22.65
N ARG A 317 27.83 -1.00 21.68
CA ARG A 317 27.11 0.11 21.05
C ARG A 317 25.83 -0.37 20.38
N PHE A 318 25.96 -1.30 19.42
CA PHE A 318 24.82 -1.98 18.83
C PHE A 318 24.88 -3.48 19.07
N ARG A 319 26.04 -4.01 19.49
CA ARG A 319 26.27 -5.41 19.75
C ARG A 319 27.65 -5.53 20.44
N PRO A 320 27.94 -6.64 21.10
CA PRO A 320 29.27 -6.76 21.72
C PRO A 320 30.38 -6.58 20.66
N SER A 321 31.44 -5.89 21.07
CA SER A 321 32.55 -5.54 20.16
C SER A 321 33.39 -6.76 19.82
N GLU A 322 34.15 -6.64 18.73
CA GLU A 322 35.02 -7.68 18.20
C GLU A 322 36.36 -7.67 18.95
N PRO A 323 36.86 -8.86 19.31
CA PRO A 323 38.18 -8.96 19.93
C PRO A 323 39.28 -8.89 18.88
N HIS A 324 40.43 -8.39 19.30
CA HIS A 324 41.62 -8.34 18.44
C HIS A 324 42.67 -9.17 19.12
N PHE A 325 42.92 -10.35 18.58
CA PHE A 325 43.87 -11.27 19.16
C PHE A 325 45.30 -10.94 18.76
N THR A 326 46.21 -11.22 19.66
CA THR A 326 47.63 -11.16 19.36
C THR A 326 48.03 -12.27 18.39
N LEU A 327 49.27 -12.20 17.94
CA LEU A 327 49.76 -13.19 16.97
C LEU A 327 49.62 -14.62 17.48
N ASP A 328 50.02 -14.89 18.73
CA ASP A 328 49.87 -16.25 19.25
C ASP A 328 48.45 -16.57 19.73
N GLY A 329 47.53 -15.63 19.69
CA GLY A 329 46.18 -15.88 20.12
C GLY A 329 45.97 -16.14 21.60
N ASN A 330 46.97 -15.85 22.45
CA ASN A 330 46.79 -16.13 23.88
C ASN A 330 46.18 -14.96 24.65
N SER A 331 45.98 -13.82 24.00
CA SER A 331 45.41 -12.66 24.67
C SER A 331 44.79 -11.80 23.58
N PHE A 332 43.97 -10.86 23.99
CA PHE A 332 43.27 -10.06 23.00
C PHE A 332 42.88 -8.73 23.60
N TYR A 333 42.62 -7.77 22.71
CA TYR A 333 42.17 -6.44 23.08
C TYR A 333 40.74 -6.26 22.61
N LYS A 334 39.95 -5.59 23.40
CA LYS A 334 38.53 -5.49 23.11
C LYS A 334 38.01 -4.21 23.73
N ILE A 335 37.18 -3.48 22.99
CA ILE A 335 36.55 -2.29 23.53
C ILE A 335 35.38 -2.72 24.41
N ILE A 336 35.31 -2.13 25.60
CA ILE A 336 34.44 -2.49 26.71
C ILE A 336 34.04 -1.19 27.40
N SER A 337 32.80 -1.09 27.87
CA SER A 337 32.40 0.06 28.69
C SER A 337 33.09 -0.06 30.06
N ASN A 338 33.82 0.98 30.48
CA ASN A 338 34.52 0.89 31.76
C ASN A 338 33.58 1.25 32.92
N GLU A 339 34.13 1.38 34.13
CA GLU A 339 33.29 1.60 35.30
C GLU A 339 32.66 2.98 35.32
N GLU A 340 33.20 3.95 34.56
CA GLU A 340 32.54 5.25 34.38
C GLU A 340 31.57 5.28 33.21
N GLY A 341 31.37 4.14 32.54
CA GLY A 341 30.50 4.10 31.38
C GLY A 341 31.12 4.59 30.08
N TYR A 342 32.44 4.76 30.03
CA TYR A 342 33.10 5.17 28.80
C TYR A 342 33.81 3.98 28.14
N ARG A 343 33.67 3.86 26.84
CA ARG A 343 34.15 2.69 26.11
C ARG A 343 35.65 2.83 25.82
N HIS A 344 36.42 1.89 26.37
CA HIS A 344 37.88 1.94 26.33
C HIS A 344 38.42 0.55 26.01
N ILE A 345 39.71 0.51 25.71
CA ILE A 345 40.34 -0.75 25.32
C ILE A 345 40.76 -1.53 26.54
N CYS A 346 40.28 -2.77 26.64
CA CYS A 346 40.63 -3.67 27.73
C CYS A 346 41.50 -4.82 27.16
N TYR A 347 42.51 -5.21 27.91
CA TYR A 347 43.44 -6.26 27.51
C TYR A 347 43.13 -7.52 28.30
N PHE A 348 42.73 -8.59 27.62
CA PHE A 348 42.33 -9.86 28.23
C PHE A 348 43.38 -10.93 27.98
N GLN A 349 43.54 -11.84 28.95
CA GLN A 349 44.23 -13.10 28.72
C GLN A 349 43.19 -14.18 28.49
N ILE A 350 43.46 -15.12 27.58
CA ILE A 350 42.35 -15.99 27.19
C ILE A 350 41.83 -16.82 28.35
N ASP A 351 42.64 -17.07 29.41
CA ASP A 351 42.18 -17.87 30.54
C ASP A 351 42.10 -17.05 31.84
N LYS A 352 41.84 -15.77 31.81
CA LYS A 352 41.66 -15.03 33.05
C LYS A 352 40.41 -14.19 32.95
N LYS A 353 39.70 -14.04 34.08
CA LYS A 353 38.44 -13.30 33.98
C LYS A 353 38.65 -11.80 33.95
N ASP A 354 39.60 -11.30 34.71
CA ASP A 354 39.79 -9.85 34.77
C ASP A 354 40.58 -9.36 33.57
N CYS A 355 40.14 -8.23 33.01
CA CYS A 355 40.91 -7.59 31.95
C CYS A 355 41.47 -6.29 32.48
N THR A 356 42.47 -5.73 31.78
CA THR A 356 43.12 -4.49 32.16
C THR A 356 42.81 -3.40 31.15
N PHE A 357 42.23 -2.28 31.61
CA PHE A 357 42.02 -1.17 30.70
C PHE A 357 43.35 -0.52 30.35
N ILE A 358 43.63 -0.39 29.06
CA ILE A 358 44.84 0.28 28.66
C ILE A 358 44.60 1.71 28.25
N THR A 359 43.33 2.12 28.08
CA THR A 359 42.99 3.52 27.87
C THR A 359 41.90 3.89 28.87
N LYS A 360 41.80 5.19 29.14
CA LYS A 360 40.86 5.67 30.13
C LYS A 360 40.62 7.16 29.88
N GLY A 361 39.50 7.67 30.39
CA GLY A 361 39.21 9.10 30.31
C GLY A 361 37.78 9.36 29.85
N THR A 362 37.40 10.64 29.85
CA THR A 362 36.02 11.02 29.53
C THR A 362 35.94 11.28 28.02
N TRP A 363 36.07 10.21 27.29
CA TRP A 363 36.00 10.18 25.83
C TRP A 363 35.97 8.70 25.48
N GLU A 364 35.79 8.38 24.20
CA GLU A 364 35.70 6.96 23.87
C GLU A 364 36.57 6.52 22.71
N VAL A 365 36.99 5.25 22.80
CA VAL A 365 37.62 4.58 21.68
C VAL A 365 36.52 4.17 20.71
N ILE A 366 36.65 4.59 19.45
CA ILE A 366 35.69 4.24 18.41
C ILE A 366 35.93 2.84 17.87
N GLY A 367 37.18 2.53 17.53
CA GLY A 367 37.49 1.21 17.00
C GLY A 367 38.96 0.93 17.17
N ILE A 368 39.29 -0.35 17.39
CA ILE A 368 40.65 -0.86 17.24
C ILE A 368 40.94 -1.14 15.77
N GLU A 369 42.03 -0.60 15.26
CA GLU A 369 42.27 -0.62 13.83
C GLU A 369 43.44 -1.53 13.41
N ALA A 370 44.45 -1.71 14.26
CA ALA A 370 45.58 -2.56 13.91
C ALA A 370 46.32 -2.87 15.20
N LEU A 371 46.99 -4.03 15.19
CA LEU A 371 47.68 -4.56 16.35
C LEU A 371 49.00 -5.13 15.88
N THR A 372 50.11 -4.72 16.50
CA THR A 372 51.42 -5.35 16.31
C THR A 372 51.94 -5.74 17.67
N SER A 373 53.14 -6.33 17.72
CA SER A 373 53.64 -6.73 19.02
C SER A 373 54.02 -5.51 19.85
N ASP A 374 54.30 -4.38 19.21
CA ASP A 374 54.66 -3.19 19.96
C ASP A 374 53.54 -2.19 20.15
N TYR A 375 52.60 -2.08 19.23
CA TYR A 375 51.61 -1.01 19.31
C TYR A 375 50.23 -1.54 19.00
N LEU A 376 49.24 -0.89 19.60
CA LEU A 376 47.88 -1.03 19.14
C LEU A 376 47.45 0.32 18.59
N TYR A 377 46.86 0.30 17.41
CA TYR A 377 46.37 1.50 16.71
C TYR A 377 44.86 1.59 16.87
N TYR A 378 44.36 2.79 17.21
CA TYR A 378 42.91 2.92 17.38
C TYR A 378 42.45 4.32 17.00
N ILE A 379 41.15 4.43 16.72
CA ILE A 379 40.49 5.73 16.47
C ILE A 379 39.74 6.13 17.74
N SER A 380 39.87 7.41 18.16
CA SER A 380 39.12 7.88 19.33
C SER A 380 38.65 9.30 19.09
N ASN A 381 37.72 9.76 19.94
CA ASN A 381 37.31 11.16 19.92
C ASN A 381 37.92 11.92 21.09
N GLU A 382 39.11 11.49 21.53
CA GLU A 382 39.80 12.17 22.64
C GLU A 382 40.16 13.62 22.29
N TYR A 383 40.62 13.88 21.06
CA TYR A 383 41.27 15.16 20.78
C TYR A 383 40.33 16.34 21.04
N LYS A 384 40.84 17.33 21.76
CA LYS A 384 40.13 18.56 22.12
C LYS A 384 38.78 18.29 22.80
N GLY A 385 38.58 17.12 23.39
CA GLY A 385 37.29 16.77 23.95
C GLY A 385 36.12 16.90 23.00
N MET A 386 36.34 16.66 21.70
CA MET A 386 35.23 16.80 20.76
C MET A 386 34.69 15.44 20.38
N PRO A 387 33.50 15.08 20.90
CA PRO A 387 32.96 13.73 20.62
C PRO A 387 32.64 13.51 19.17
N GLY A 388 32.46 14.58 18.40
CA GLY A 388 32.22 14.49 16.96
C GLY A 388 33.46 14.57 16.09
N GLY A 389 34.66 14.52 16.69
CA GLY A 389 35.92 14.43 15.96
C GLY A 389 36.50 13.02 16.08
N ARG A 390 37.37 12.62 15.16
CA ARG A 390 37.95 11.25 15.19
C ARG A 390 39.40 11.37 14.78
N ASN A 391 40.30 10.78 15.57
CA ASN A 391 41.70 10.76 15.21
C ASN A 391 42.29 9.39 15.47
N LEU A 392 43.38 9.12 14.75
CA LEU A 392 44.16 7.90 14.91
C LEU A 392 45.26 8.08 15.94
N TYR A 393 45.36 7.13 16.86
CA TYR A 393 46.34 7.06 17.93
C TYR A 393 47.04 5.72 17.89
N LYS A 394 48.23 5.69 18.48
CA LYS A 394 48.84 4.40 18.80
C LYS A 394 49.26 4.43 20.24
N ILE A 395 49.20 3.27 20.88
CA ILE A 395 49.55 3.11 22.27
C ILE A 395 50.61 2.01 22.37
N GLN A 396 51.69 2.33 23.09
CA GLN A 396 52.79 1.41 23.27
C GLN A 396 52.36 0.32 24.23
N LEU A 397 52.39 -0.92 23.77
CA LEU A 397 51.85 -2.01 24.56
C LEU A 397 52.72 -2.32 25.79
N SER A 398 53.99 -1.92 25.78
CA SER A 398 54.85 -2.10 26.97
C SER A 398 54.77 -0.93 27.94
N ASP A 399 54.10 0.15 27.58
CA ASP A 399 53.99 1.30 28.50
C ASP A 399 52.77 2.11 28.09
N TYR A 400 51.67 1.87 28.78
CA TYR A 400 50.41 2.46 28.38
C TYR A 400 50.41 3.97 28.57
N THR A 401 51.40 4.53 29.26
CA THR A 401 51.42 5.99 29.35
C THR A 401 51.91 6.63 28.05
N LYS A 402 52.42 5.85 27.10
CA LYS A 402 53.00 6.39 25.88
C LYS A 402 51.96 6.27 24.76
N VAL A 403 51.10 7.27 24.65
CA VAL A 403 50.06 7.32 23.64
C VAL A 403 50.36 8.46 22.68
N THR A 404 50.36 8.21 21.37
CA THR A 404 50.77 9.20 20.38
C THR A 404 49.62 9.43 19.42
N CYS A 405 49.20 10.70 19.27
CA CYS A 405 48.20 11.00 18.25
C CYS A 405 48.92 11.08 16.92
N LEU A 406 48.50 10.26 15.96
CA LEU A 406 49.14 10.23 14.66
C LEU A 406 48.45 11.13 13.64
N SER A 407 47.20 11.53 13.86
CA SER A 407 46.55 12.38 12.87
C SER A 407 46.15 13.76 13.38
N CYS A 408 46.21 14.00 14.70
CA CYS A 408 45.66 15.24 15.26
C CYS A 408 46.25 16.48 14.61
N GLU A 409 47.58 16.50 14.42
CA GLU A 409 48.22 17.75 14.03
C GLU A 409 48.61 17.80 12.57
N LEU A 410 48.18 16.83 11.77
CA LEU A 410 48.56 16.84 10.36
C LEU A 410 48.06 18.10 9.67
N ASN A 411 46.81 18.47 9.93
CA ASN A 411 46.09 19.52 9.22
C ASN A 411 44.87 19.90 10.08
N PRO A 412 45.12 20.51 11.25
CA PRO A 412 44.06 20.65 12.27
C PRO A 412 42.88 21.51 11.83
N GLU A 413 43.13 22.50 10.98
CA GLU A 413 42.03 23.32 10.47
C GLU A 413 41.15 22.54 9.51
N ARG A 414 41.74 21.73 8.67
CA ARG A 414 40.99 21.01 7.65
C ARG A 414 40.47 19.66 8.10
N CYS A 415 41.20 19.00 9.00
CA CYS A 415 41.01 17.57 9.23
C CYS A 415 40.85 17.30 10.73
N GLN A 416 39.61 16.96 11.13
CA GLN A 416 39.30 16.61 12.52
C GLN A 416 38.53 15.31 12.58
N TYR A 417 38.34 14.63 11.45
CA TYR A 417 37.56 13.40 11.41
C TYR A 417 38.27 12.45 10.46
N TYR A 418 38.88 11.43 11.02
CA TYR A 418 39.70 10.48 10.27
C TYR A 418 39.14 9.09 10.38
N SER A 419 39.33 8.30 9.33
CA SER A 419 39.32 6.85 9.43
C SER A 419 40.64 6.38 8.82
N VAL A 420 40.92 5.08 8.92
CA VAL A 420 42.26 4.60 8.55
C VAL A 420 42.15 3.24 7.89
N SER A 421 43.14 2.91 7.06
CA SER A 421 43.23 1.58 6.44
C SER A 421 44.68 1.10 6.46
N PHE A 422 44.99 0.07 7.24
CA PHE A 422 46.36 -0.42 7.43
C PHE A 422 46.67 -1.52 6.43
N SER A 423 47.94 -1.58 5.96
CA SER A 423 48.39 -2.72 5.19
C SER A 423 48.43 -3.99 6.08
N LYS A 424 48.77 -5.12 5.44
CA LYS A 424 48.46 -6.45 5.99
C LYS A 424 49.11 -6.65 7.37
N GLU A 425 50.31 -6.14 7.60
CA GLU A 425 50.76 -6.12 8.99
C GLU A 425 51.29 -4.75 9.39
N ALA A 426 50.48 -3.76 9.05
CA ALA A 426 50.55 -2.43 9.63
C ALA A 426 51.87 -1.75 9.33
N LYS A 427 52.54 -2.14 8.27
CA LYS A 427 53.74 -1.40 7.86
C LYS A 427 53.38 -0.03 7.29
N TYR A 428 52.20 0.08 6.69
CA TYR A 428 51.72 1.31 6.08
C TYR A 428 50.29 1.56 6.54
N TYR A 429 49.87 2.83 6.46
CA TYR A 429 48.46 3.11 6.63
C TYR A 429 48.06 4.27 5.73
N GLN A 430 46.82 4.19 5.24
CA GLN A 430 46.17 5.30 4.55
C GLN A 430 45.25 6.00 5.55
N LEU A 431 45.42 7.31 5.68
CA LEU A 431 44.47 8.14 6.44
C LEU A 431 43.46 8.77 5.49
N ARG A 432 42.19 8.75 5.91
CA ARG A 432 41.09 9.37 5.17
C ARG A 432 40.46 10.43 6.06
N CYS A 433 40.73 11.67 5.73
CA CYS A 433 40.18 12.82 6.42
C CYS A 433 38.88 13.19 5.71
N SER A 434 37.79 13.30 6.46
CA SER A 434 36.50 13.58 5.83
C SER A 434 35.88 14.90 6.30
N GLY A 435 36.61 15.70 7.10
CA GLY A 435 36.18 17.04 7.43
C GLY A 435 36.90 17.63 8.63
N PRO A 436 36.64 18.93 8.94
CA PRO A 436 35.60 19.80 8.36
C PRO A 436 35.90 20.37 6.95
N GLY A 437 37.12 20.34 6.44
CA GLY A 437 37.39 20.75 5.08
C GLY A 437 37.15 19.61 4.11
N LEU A 438 37.61 19.81 2.87
CA LEU A 438 37.41 18.78 1.84
C LEU A 438 38.22 17.54 2.15
N PRO A 439 37.71 16.37 1.76
CA PRO A 439 38.37 15.10 2.13
C PRO A 439 39.79 15.06 1.59
N LEU A 440 40.67 14.45 2.39
CA LEU A 440 42.10 14.42 2.13
C LEU A 440 42.60 13.02 2.42
N TYR A 441 43.16 12.38 1.42
CA TYR A 441 43.66 11.01 1.54
C TYR A 441 45.17 11.03 1.44
N THR A 442 45.81 10.40 2.43
CA THR A 442 47.26 10.41 2.56
C THR A 442 47.79 9.02 2.92
N LEU A 443 49.04 8.75 2.57
CA LEU A 443 49.67 7.44 2.83
C LEU A 443 50.87 7.62 3.76
N HIS A 444 51.03 6.70 4.71
CA HIS A 444 52.01 6.86 5.78
C HIS A 444 52.70 5.53 6.02
N SER A 445 53.94 5.58 6.55
CA SER A 445 54.64 4.39 7.01
C SER A 445 54.69 4.36 8.52
N SER A 446 54.47 3.17 9.11
CA SER A 446 54.30 3.05 10.55
C SER A 446 55.62 3.19 11.30
N VAL A 447 56.71 2.81 10.64
CA VAL A 447 58.01 2.73 11.32
C VAL A 447 58.32 4.02 12.10
N ASN A 448 58.25 5.17 11.42
CA ASN A 448 58.42 6.44 12.12
C ASN A 448 57.24 7.38 11.85
N ASP A 449 56.10 6.85 11.44
CA ASP A 449 54.90 7.68 11.16
C ASP A 449 55.22 8.80 10.15
N LYS A 450 56.00 8.46 9.13
CA LYS A 450 56.31 9.45 8.08
C LYS A 450 55.08 9.63 7.17
N GLY A 451 54.88 10.84 6.66
CA GLY A 451 53.81 11.08 5.68
C GLY A 451 54.40 10.84 4.31
N LEU A 452 54.06 9.74 3.67
CA LEU A 452 54.72 9.40 2.42
C LEU A 452 54.18 10.25 1.27
N ARG A 453 52.87 10.18 0.98
CA ARG A 453 52.33 10.95 -0.15
C ARG A 453 50.87 11.35 0.04
N VAL A 454 50.49 12.41 -0.69
CA VAL A 454 49.11 12.85 -0.84
C VAL A 454 48.51 12.01 -1.95
N LEU A 455 47.52 11.19 -1.61
CA LEU A 455 46.85 10.35 -2.61
C LEU A 455 45.75 11.11 -3.33
N GLU A 456 44.95 11.88 -2.59
CA GLU A 456 43.88 12.67 -3.22
C GLU A 456 43.56 13.84 -2.31
N ASP A 457 43.66 15.08 -2.81
CA ASP A 457 43.43 16.23 -1.93
C ASP A 457 42.18 17.04 -2.29
N ASN A 458 41.40 16.56 -3.26
CA ASN A 458 40.23 17.27 -3.73
C ASN A 458 40.53 18.71 -4.15
N SER A 459 41.71 19.01 -4.70
CA SER A 459 41.99 20.39 -5.07
C SER A 459 41.11 20.87 -6.23
N ALA A 460 40.72 19.97 -7.14
CA ALA A 460 39.81 20.35 -8.23
C ALA A 460 38.45 20.87 -7.69
N LEU A 461 37.79 20.07 -6.85
CA LEU A 461 36.51 20.51 -6.28
C LEU A 461 36.71 21.78 -5.46
N ASP A 462 37.81 21.88 -4.71
CA ASP A 462 38.06 23.10 -3.95
C ASP A 462 38.01 24.30 -4.88
N LYS A 463 38.68 24.20 -6.02
CA LYS A 463 38.58 25.36 -6.89
C LYS A 463 37.19 25.56 -7.50
N MET A 464 36.44 24.49 -7.80
CA MET A 464 35.07 24.71 -8.26
C MET A 464 34.23 25.39 -7.19
N LEU A 465 34.35 24.92 -5.95
CA LEU A 465 33.48 25.40 -4.88
C LEU A 465 33.77 26.84 -4.51
N GLN A 466 34.97 27.34 -4.85
CA GLN A 466 35.28 28.76 -4.66
C GLN A 466 34.31 29.65 -5.40
N ASN A 467 33.86 29.21 -6.57
CA ASN A 467 32.89 29.93 -7.39
C ASN A 467 31.45 29.80 -6.92
N VAL A 468 31.18 29.12 -5.78
CA VAL A 468 29.82 28.86 -5.28
C VAL A 468 29.66 29.50 -3.90
N GLN A 469 28.47 30.03 -3.64
CA GLN A 469 28.16 30.58 -2.32
C GLN A 469 27.84 29.44 -1.32
N MET A 470 28.88 28.80 -0.85
CA MET A 470 28.73 27.62 -0.01
C MET A 470 28.34 28.02 1.42
N PRO A 471 27.53 27.20 2.09
CA PRO A 471 27.17 27.45 3.49
C PRO A 471 28.34 27.09 4.38
N SER A 472 28.29 27.53 5.63
CA SER A 472 29.30 27.12 6.61
C SER A 472 28.67 26.19 7.62
N LYS A 473 29.52 25.59 8.45
CA LYS A 473 29.05 24.71 9.51
C LYS A 473 29.59 25.17 10.87
N LYS A 474 28.70 25.44 11.82
CA LYS A 474 29.09 25.71 13.21
C LYS A 474 28.81 24.47 14.06
N LEU A 475 29.83 23.97 14.77
CA LEU A 475 29.70 22.84 15.71
C LEU A 475 29.93 23.39 17.10
N ASP A 476 28.92 23.31 17.97
CA ASP A 476 29.02 23.92 19.31
C ASP A 476 28.23 23.04 20.26
N PHE A 477 27.99 23.53 21.48
CA PHE A 477 27.24 22.77 22.46
C PHE A 477 26.38 23.71 23.28
N ILE A 478 25.33 23.14 23.88
CA ILE A 478 24.50 23.79 24.86
C ILE A 478 24.52 22.92 26.11
N ILE A 479 24.20 23.52 27.22
CA ILE A 479 24.41 22.89 28.52
C ILE A 479 23.05 22.63 29.12
N LEU A 480 22.66 21.36 29.21
CA LEU A 480 21.43 20.93 29.88
C LEU A 480 21.81 20.14 31.12
N ASN A 481 21.43 20.65 32.31
CA ASN A 481 21.74 19.99 33.59
C ASN A 481 23.22 19.68 33.79
N GLU A 482 24.06 20.68 33.53
CA GLU A 482 25.51 20.55 33.62
C GLU A 482 26.07 19.47 32.73
N THR A 483 25.32 18.99 31.76
CA THR A 483 25.88 18.14 30.70
C THR A 483 25.94 18.95 29.40
N LYS A 484 27.09 18.89 28.73
CA LYS A 484 27.23 19.38 27.38
C LYS A 484 26.49 18.44 26.44
N PHE A 485 25.63 19.00 25.60
CA PHE A 485 25.08 18.31 24.44
C PHE A 485 25.40 19.14 23.21
N TRP A 486 25.96 18.48 22.19
CA TRP A 486 26.52 19.10 21.00
C TRP A 486 25.45 19.24 19.92
N TYR A 487 25.55 20.33 19.17
CA TYR A 487 24.74 20.55 17.99
C TYR A 487 25.60 21.10 16.87
N GLN A 488 25.08 21.01 15.66
CA GLN A 488 25.70 21.68 14.52
C GLN A 488 24.62 22.45 13.79
N MET A 489 25.02 23.51 13.09
CA MET A 489 24.16 24.34 12.25
C MET A 489 24.86 24.52 10.92
N ILE A 490 24.16 24.17 9.85
CA ILE A 490 24.53 24.55 8.51
C ILE A 490 23.96 25.95 8.32
N LEU A 491 24.86 26.90 8.11
CA LEU A 491 24.52 28.32 8.10
C LEU A 491 24.59 28.84 6.69
N PRO A 492 23.64 29.67 6.28
CA PRO A 492 23.65 30.24 4.92
C PRO A 492 24.92 31.03 4.64
N PRO A 493 25.31 31.16 3.38
CA PRO A 493 26.41 32.06 3.04
C PRO A 493 26.12 33.47 3.55
N HIS A 494 27.20 34.22 3.79
CA HIS A 494 27.04 35.63 4.18
C HIS A 494 26.18 35.74 5.43
N PHE A 495 26.29 34.73 6.29
CA PHE A 495 25.45 34.62 7.46
C PHE A 495 25.52 35.86 8.34
N ASP A 496 24.37 36.43 8.63
CA ASP A 496 24.29 37.72 9.30
C ASP A 496 23.53 37.52 10.60
N LYS A 497 24.26 37.60 11.71
CA LYS A 497 23.71 37.33 13.03
C LYS A 497 22.61 38.27 13.44
N SER A 498 22.49 39.43 12.80
CA SER A 498 21.42 40.36 13.06
C SER A 498 20.16 40.07 12.25
N LYS A 499 20.18 39.14 11.30
CA LYS A 499 18.90 38.80 10.67
C LYS A 499 18.31 37.55 11.30
N LYS A 500 17.01 37.33 11.05
CA LYS A 500 16.31 36.16 11.56
C LYS A 500 16.11 35.17 10.41
N TYR A 501 16.58 33.96 10.59
CA TYR A 501 16.48 32.96 9.55
C TYR A 501 15.48 31.90 9.98
N PRO A 502 14.74 31.32 9.04
CA PRO A 502 13.99 30.10 9.39
C PRO A 502 14.96 28.98 9.75
N LEU A 503 14.49 28.05 10.55
CA LEU A 503 15.38 26.95 10.97
C LEU A 503 14.71 25.60 10.74
N LEU A 504 15.44 24.66 10.12
CA LEU A 504 15.02 23.28 9.98
C LEU A 504 15.85 22.40 10.92
N LEU A 505 15.20 21.70 11.83
CA LEU A 505 15.84 20.72 12.69
C LEU A 505 15.87 19.38 11.96
N ASP A 506 17.06 18.99 11.53
CA ASP A 506 17.31 17.72 10.86
C ASP A 506 17.63 16.71 11.94
N VAL A 507 16.76 15.72 12.16
CA VAL A 507 16.85 14.86 13.34
C VAL A 507 17.04 13.41 12.91
N TYR A 508 17.92 12.69 13.62
CA TYR A 508 17.87 11.23 13.57
C TYR A 508 17.61 10.70 14.97
N ALA A 509 18.56 10.88 15.89
CA ALA A 509 18.40 10.77 17.34
C ALA A 509 18.18 9.33 17.81
N GLY A 510 18.50 8.33 16.99
CA GLY A 510 18.45 6.93 17.44
C GLY A 510 19.52 6.63 18.51
N PRO A 511 19.40 5.49 19.19
CA PRO A 511 20.37 5.18 20.26
C PRO A 511 21.76 5.05 19.67
N CYS A 512 22.72 5.72 20.31
CA CYS A 512 24.11 5.75 19.87
C CYS A 512 24.29 6.55 18.59
N SER A 513 23.32 7.38 18.22
CA SER A 513 23.51 8.15 17.01
C SER A 513 24.42 9.37 17.27
N GLN A 514 24.88 9.98 16.19
CA GLN A 514 25.66 11.21 16.28
C GLN A 514 25.36 12.01 15.03
N LYS A 515 24.69 13.15 15.19
CA LYS A 515 24.33 14.04 14.09
C LYS A 515 25.08 15.36 14.14
N ALA A 516 25.87 15.58 15.19
CA ALA A 516 26.71 16.77 15.32
C ALA A 516 28.13 16.26 15.15
N ASP A 517 28.77 16.60 14.04
CA ASP A 517 30.14 16.13 13.88
C ASP A 517 30.93 17.08 12.98
N THR A 518 32.19 16.74 12.75
CA THR A 518 33.06 17.59 11.96
C THR A 518 33.12 17.16 10.50
N VAL A 519 32.24 16.29 10.06
CA VAL A 519 32.26 15.77 8.70
C VAL A 519 31.73 16.80 7.69
N PHE A 520 32.44 16.94 6.58
CA PHE A 520 32.01 17.76 5.44
C PHE A 520 31.03 16.97 4.56
N ARG A 521 29.83 17.51 4.33
CA ARG A 521 28.83 16.84 3.46
C ARG A 521 28.24 17.80 2.44
N LEU A 522 27.90 17.23 1.31
CA LEU A 522 27.17 17.91 0.24
C LEU A 522 25.83 17.19 0.16
N ASN A 523 24.78 17.83 0.66
CA ASN A 523 23.51 17.13 0.78
C ASN A 523 22.37 18.12 0.65
N TRP A 524 21.15 17.66 0.97
CA TRP A 524 19.99 18.53 0.85
C TRP A 524 20.13 19.76 1.72
N ALA A 525 20.66 19.60 2.95
CA ALA A 525 20.86 20.76 3.81
C ALA A 525 21.80 21.80 3.18
N THR A 526 22.82 21.36 2.43
CA THR A 526 23.69 22.32 1.74
C THR A 526 22.88 23.23 0.86
N TYR A 527 21.96 22.64 0.10
CA TYR A 527 21.11 23.41 -0.78
C TYR A 527 20.16 24.32 0.00
N LEU A 528 19.55 23.79 1.08
CA LEU A 528 18.60 24.62 1.85
C LEU A 528 19.28 25.85 2.42
N ALA A 529 20.49 25.67 2.93
CA ALA A 529 21.20 26.80 3.49
C ALA A 529 21.73 27.73 2.39
N SER A 530 22.33 27.17 1.35
CA SER A 530 22.97 28.01 0.32
C SER A 530 21.94 28.79 -0.50
N THR A 531 20.93 28.11 -1.01
CA THR A 531 19.96 28.74 -1.90
C THR A 531 18.75 29.30 -1.16
N GLU A 532 18.22 28.59 -0.17
CA GLU A 532 17.00 29.03 0.47
C GLU A 532 17.27 29.82 1.75
N ASN A 533 18.52 29.93 2.18
CA ASN A 533 18.87 30.70 3.37
C ASN A 533 18.14 30.17 4.60
N ILE A 534 18.05 28.85 4.72
CA ILE A 534 17.56 28.15 5.89
C ILE A 534 18.74 27.67 6.73
N ILE A 535 18.68 27.90 8.03
CA ILE A 535 19.64 27.24 8.93
C ILE A 535 19.19 25.80 9.12
N VAL A 536 20.10 24.84 8.93
CA VAL A 536 19.74 23.45 9.15
C VAL A 536 20.52 22.96 10.37
N ALA A 537 19.81 22.74 11.47
CA ALA A 537 20.46 22.41 12.72
C ALA A 537 20.26 20.94 13.05
N SER A 538 21.21 20.36 13.77
CA SER A 538 21.03 19.02 14.30
C SER A 538 21.59 18.99 15.72
N PHE A 539 21.01 18.12 16.54
CA PHE A 539 21.31 18.10 17.97
C PHE A 539 21.45 16.66 18.45
N ASP A 540 22.47 16.40 19.30
CA ASP A 540 22.70 15.06 19.89
C ASP A 540 22.35 15.13 21.37
N GLY A 541 21.16 14.65 21.72
CA GLY A 541 20.66 14.70 23.09
C GLY A 541 20.82 13.38 23.81
N ARG A 542 19.96 13.15 24.80
CA ARG A 542 20.06 11.88 25.51
C ARG A 542 19.81 10.71 24.56
N GLY A 543 20.55 9.65 24.78
CA GLY A 543 20.55 8.53 23.90
C GLY A 543 21.63 8.55 22.83
N SER A 544 22.27 9.70 22.57
CA SER A 544 23.26 9.77 21.49
C SER A 544 24.57 9.08 21.91
N GLY A 545 25.44 8.77 20.93
CA GLY A 545 26.56 7.87 21.18
C GLY A 545 27.89 8.61 21.43
N TYR A 546 28.92 7.83 21.77
CA TYR A 546 30.32 8.26 21.79
C TYR A 546 30.62 9.24 22.92
N GLN A 547 29.69 9.40 23.88
CA GLN A 547 29.89 10.29 25.03
C GLN A 547 29.71 9.53 26.33
N GLY A 548 29.73 8.19 26.30
CA GLY A 548 29.55 7.43 27.50
C GLY A 548 28.13 7.00 27.74
N ASP A 549 27.98 5.98 28.63
CA ASP A 549 26.69 5.32 28.84
C ASP A 549 25.70 6.18 29.63
N LYS A 550 26.15 7.08 30.49
CA LYS A 550 25.18 7.94 31.17
C LYS A 550 24.25 8.61 30.15
N ILE A 551 24.82 9.15 29.07
CA ILE A 551 24.02 9.73 27.99
C ILE A 551 23.42 8.66 27.10
N MET A 552 24.23 7.69 26.65
CA MET A 552 23.69 6.67 25.74
C MET A 552 22.55 5.86 26.33
N HIS A 553 22.70 5.36 27.55
CA HIS A 553 21.71 4.48 28.14
C HIS A 553 20.56 5.24 28.76
N ALA A 554 20.52 6.57 28.62
CA ALA A 554 19.44 7.31 29.25
C ALA A 554 18.10 6.90 28.69
N ILE A 555 18.05 6.39 27.44
CA ILE A 555 16.75 6.01 26.85
C ILE A 555 16.53 4.51 26.94
N ASN A 556 17.30 3.80 27.75
CA ASN A 556 17.09 2.37 27.91
C ASN A 556 15.65 2.09 28.37
N ARG A 557 14.95 1.19 27.67
CA ARG A 557 13.58 0.79 27.98
C ARG A 557 12.58 1.91 27.76
N ARG A 558 13.02 3.01 27.16
CA ARG A 558 12.20 4.21 27.12
C ARG A 558 12.38 4.95 25.79
N LEU A 559 12.42 4.23 24.65
CA LEU A 559 12.50 4.94 23.38
C LEU A 559 11.31 5.88 23.23
N GLY A 560 11.54 6.99 22.53
CA GLY A 560 10.50 7.96 22.34
C GLY A 560 10.19 8.76 23.59
N THR A 561 11.13 8.88 24.51
CA THR A 561 10.89 9.85 25.57
C THR A 561 11.96 10.95 25.61
N PHE A 562 13.16 10.66 26.17
CA PHE A 562 14.10 11.76 26.42
C PHE A 562 14.73 12.27 25.13
N GLU A 563 14.96 11.39 24.16
CA GLU A 563 15.57 11.87 22.93
C GLU A 563 14.58 12.75 22.15
N VAL A 564 13.27 12.53 22.32
CA VAL A 564 12.25 13.41 21.73
C VAL A 564 12.19 14.74 22.49
N GLU A 565 12.09 14.66 23.83
CA GLU A 565 12.06 15.91 24.58
C GLU A 565 13.31 16.75 24.35
N ASP A 566 14.47 16.09 24.18
CA ASP A 566 15.71 16.86 24.04
C ASP A 566 15.78 17.60 22.72
N GLN A 567 15.26 17.02 21.63
CA GLN A 567 15.10 17.77 20.38
C GLN A 567 14.19 18.97 20.59
N ILE A 568 13.09 18.77 21.32
CA ILE A 568 12.23 19.93 21.58
C ILE A 568 12.99 21.01 22.35
N GLU A 569 13.73 20.62 23.40
CA GLU A 569 14.46 21.59 24.21
C GLU A 569 15.54 22.31 23.38
N ALA A 570 16.28 21.55 22.54
CA ALA A 570 17.26 22.16 21.64
C ALA A 570 16.60 23.20 20.76
N ALA A 571 15.47 22.84 20.16
CA ALA A 571 14.78 23.79 19.29
C ALA A 571 14.34 25.02 20.08
N ARG A 572 13.90 24.83 21.34
CA ARG A 572 13.59 25.98 22.21
C ARG A 572 14.75 26.92 22.38
N GLN A 573 15.92 26.36 22.70
CA GLN A 573 17.13 27.14 22.87
C GLN A 573 17.43 27.88 21.58
N PHE A 574 17.41 27.16 20.45
CA PHE A 574 17.68 27.79 19.16
C PHE A 574 16.68 28.93 18.90
N SER A 575 15.41 28.71 19.22
CA SER A 575 14.37 29.66 18.87
C SER A 575 14.53 30.95 19.64
N LYS A 576 15.35 30.91 20.69
CA LYS A 576 15.56 32.11 21.54
C LYS A 576 16.85 32.80 21.08
N MET A 577 17.58 32.19 20.16
CA MET A 577 18.76 32.89 19.61
C MET A 577 18.25 34.01 18.70
N GLY A 578 18.97 35.13 18.62
CA GLY A 578 18.48 36.30 17.88
C GLY A 578 18.50 36.17 16.38
N PHE A 579 19.16 35.15 15.85
CA PHE A 579 19.16 34.94 14.41
C PHE A 579 18.20 33.83 13.97
N VAL A 580 17.30 33.36 14.84
CA VAL A 580 16.31 32.34 14.48
C VAL A 580 14.93 32.98 14.48
N ASP A 581 14.21 32.82 13.37
CA ASP A 581 12.81 33.23 13.34
C ASP A 581 11.96 32.18 14.04
N ASN A 582 11.46 32.49 15.24
CA ASN A 582 10.73 31.47 15.98
C ASN A 582 9.36 31.13 15.38
N LYS A 583 8.86 31.93 14.42
CA LYS A 583 7.65 31.62 13.67
C LYS A 583 7.88 30.57 12.58
N ARG A 584 9.13 30.22 12.29
CA ARG A 584 9.45 29.39 11.13
C ARG A 584 10.51 28.34 11.51
N ILE A 585 10.15 27.44 12.41
CA ILE A 585 11.02 26.34 12.77
C ILE A 585 10.31 25.07 12.35
N ALA A 586 11.02 24.22 11.62
CA ALA A 586 10.49 22.99 11.05
C ALA A 586 11.35 21.85 11.55
N ILE A 587 10.88 20.63 11.32
CA ILE A 587 11.67 19.46 11.71
C ILE A 587 11.49 18.38 10.67
N TRP A 588 12.53 17.61 10.41
CA TRP A 588 12.39 16.48 9.52
C TRP A 588 13.38 15.40 9.88
N GLY A 589 13.03 14.18 9.49
CA GLY A 589 13.93 13.07 9.67
C GLY A 589 13.43 11.85 8.94
N TRP A 590 14.31 10.86 8.87
CA TRP A 590 14.10 9.64 8.11
C TRP A 590 14.23 8.47 9.06
N SER A 591 13.26 7.58 8.99
CA SER A 591 13.31 6.33 9.75
C SER A 591 13.22 6.60 11.26
N TYR A 592 14.25 6.26 12.05
CA TYR A 592 14.25 6.66 13.45
C TYR A 592 14.01 8.18 13.54
N GLY A 593 14.60 8.95 12.61
CA GLY A 593 14.34 10.39 12.57
C GLY A 593 12.91 10.76 12.19
N GLY A 594 12.23 9.91 11.39
CA GLY A 594 10.83 10.17 11.10
C GLY A 594 9.95 9.91 12.30
N TYR A 595 10.28 8.85 13.06
CA TYR A 595 9.63 8.60 14.35
C TYR A 595 9.80 9.80 15.28
N VAL A 596 11.05 10.27 15.49
CA VAL A 596 11.26 11.39 16.42
C VAL A 596 10.58 12.64 15.91
N THR A 597 10.72 12.97 14.61
CA THR A 597 9.97 14.09 14.03
C THR A 597 8.47 13.98 14.36
N SER A 598 7.89 12.80 14.12
CA SER A 598 6.44 12.63 14.34
C SER A 598 6.10 12.75 15.82
N MET A 599 6.92 12.17 16.68
CA MET A 599 6.66 12.29 18.12
C MET A 599 6.78 13.74 18.60
N VAL A 600 7.72 14.50 18.01
CA VAL A 600 7.86 15.92 18.34
C VAL A 600 6.64 16.72 17.84
N LEU A 601 6.21 16.44 16.60
CA LEU A 601 5.07 17.17 16.04
C LEU A 601 3.80 16.86 16.80
N GLY A 602 3.71 15.65 17.37
CA GLY A 602 2.60 15.23 18.19
C GLY A 602 2.72 15.56 19.67
N SER A 603 3.79 16.25 20.09
CA SER A 603 3.99 16.51 21.49
C SER A 603 3.18 17.70 22.02
N GLY A 604 2.59 18.52 21.14
CA GLY A 604 1.92 19.71 21.63
C GLY A 604 2.84 20.81 22.13
N SER A 605 4.13 20.78 21.76
CA SER A 605 5.07 21.81 22.24
C SER A 605 4.77 23.19 21.67
N GLY A 606 4.20 23.29 20.47
CA GLY A 606 3.95 24.58 19.86
C GLY A 606 5.19 25.24 19.25
N VAL A 607 6.34 24.59 19.34
CA VAL A 607 7.61 25.13 18.85
C VAL A 607 7.74 25.02 17.31
N PHE A 608 7.17 23.98 16.72
CA PHE A 608 7.39 23.63 15.33
C PHE A 608 6.18 23.96 14.49
N LYS A 609 6.40 24.64 13.36
CA LYS A 609 5.32 25.00 12.44
C LYS A 609 4.94 23.80 11.58
N CYS A 610 5.94 23.02 11.19
CA CYS A 610 5.70 21.98 10.20
C CYS A 610 6.82 20.96 10.30
N GLY A 611 6.56 19.78 9.73
CA GLY A 611 7.64 18.82 9.62
C GLY A 611 7.33 17.70 8.64
N ILE A 612 8.38 16.91 8.36
CA ILE A 612 8.37 15.86 7.35
C ILE A 612 8.92 14.59 7.97
N ALA A 613 8.16 13.51 7.91
CA ALA A 613 8.58 12.19 8.36
C ALA A 613 8.72 11.31 7.12
N VAL A 614 9.91 10.78 6.89
CA VAL A 614 10.17 9.84 5.80
C VAL A 614 10.36 8.45 6.38
N ALA A 615 9.57 7.49 5.89
CA ALA A 615 9.56 6.10 6.35
C ALA A 615 9.72 6.02 7.88
N PRO A 616 8.85 6.67 8.64
CA PRO A 616 9.01 6.62 10.10
C PRO A 616 8.65 5.29 10.70
N VAL A 617 9.35 4.95 11.79
CA VAL A 617 8.77 4.02 12.74
C VAL A 617 7.60 4.72 13.44
N SER A 618 6.51 3.99 13.74
CA SER A 618 5.38 4.58 14.45
C SER A 618 4.98 3.84 15.71
N ARG A 619 5.37 2.58 15.86
CA ARG A 619 4.97 1.76 17.00
C ARG A 619 6.00 0.64 17.11
N TRP A 620 6.71 0.53 18.22
CA TRP A 620 7.86 -0.41 18.29
C TRP A 620 7.51 -1.89 18.05
N GLU A 621 6.26 -2.29 18.32
CA GLU A 621 5.82 -3.67 18.05
C GLU A 621 5.87 -3.99 16.54
N TYR A 622 5.94 -2.97 15.68
CA TYR A 622 6.00 -3.17 14.22
C TYR A 622 7.45 -3.38 13.77
N TYR A 623 8.40 -3.00 14.61
CA TYR A 623 9.84 -3.09 14.22
C TYR A 623 10.40 -4.47 14.61
N ASP A 624 11.60 -4.79 14.11
CA ASP A 624 12.13 -6.14 14.28
C ASP A 624 12.61 -6.38 15.70
N SER A 625 12.69 -7.66 16.07
CA SER A 625 13.01 -8.08 17.44
C SER A 625 14.41 -7.62 17.88
N VAL A 626 15.44 -7.90 17.08
CA VAL A 626 16.82 -7.71 17.53
C VAL A 626 17.08 -6.24 17.89
N TYR A 627 16.74 -5.32 16.98
CA TYR A 627 16.93 -3.92 17.29
C TYR A 627 16.00 -3.45 18.41
N THR A 628 14.68 -3.67 18.24
CA THR A 628 13.72 -3.06 19.18
C THR A 628 13.93 -3.56 20.61
N GLU A 629 14.00 -4.88 20.77
CA GLU A 629 14.17 -5.47 22.10
C GLU A 629 15.50 -5.06 22.73
N ARG A 630 16.53 -4.78 21.89
CA ARG A 630 17.79 -4.31 22.51
C ARG A 630 17.56 -3.13 23.44
N TYR A 631 16.69 -2.20 23.03
CA TYR A 631 16.44 -0.98 23.79
C TYR A 631 15.19 -1.05 24.64
N MET A 632 14.24 -1.89 24.26
CA MET A 632 12.90 -1.83 24.80
C MET A 632 12.54 -3.07 25.62
N GLY A 633 13.44 -4.07 25.68
CA GLY A 633 12.99 -5.34 26.24
C GLY A 633 11.80 -5.90 25.42
N LEU A 634 10.99 -6.75 26.07
CA LEU A 634 9.91 -7.49 25.39
C LEU A 634 8.56 -6.84 25.66
N PRO A 635 7.66 -6.85 24.67
CA PRO A 635 6.36 -6.19 24.81
C PRO A 635 5.33 -7.09 25.50
N THR A 636 5.62 -7.46 26.74
CA THR A 636 4.75 -8.29 27.55
C THR A 636 4.44 -7.57 28.85
N PRO A 637 3.30 -7.86 29.48
CA PRO A 637 2.96 -7.12 30.71
C PRO A 637 3.99 -7.29 31.81
N GLU A 638 4.67 -8.44 31.87
CA GLU A 638 5.73 -8.64 32.85
C GLU A 638 7.01 -7.87 32.49
N ASP A 639 7.20 -7.46 31.24
CA ASP A 639 8.45 -6.74 30.98
C ASP A 639 8.22 -5.27 30.63
N ASN A 640 7.89 -4.94 29.37
CA ASN A 640 7.89 -3.52 29.05
C ASN A 640 6.72 -3.13 28.14
N LEU A 641 5.64 -3.95 28.14
CA LEU A 641 4.51 -3.65 27.26
C LEU A 641 3.98 -2.23 27.45
N ASP A 642 3.81 -1.76 28.70
CA ASP A 642 3.28 -0.40 28.91
C ASP A 642 4.05 0.67 28.13
N HIS A 643 5.38 0.60 28.15
CA HIS A 643 6.06 1.64 27.40
C HIS A 643 6.04 1.40 25.90
N TYR A 644 5.95 0.15 25.45
CA TYR A 644 5.68 -0.09 24.04
C TYR A 644 4.39 0.63 23.62
N ARG A 645 3.37 0.57 24.48
CA ARG A 645 2.07 1.12 24.10
C ARG A 645 1.97 2.63 24.27
N ASN A 646 2.70 3.21 25.23
CA ASN A 646 2.77 4.66 25.44
C ASN A 646 3.62 5.40 24.43
N SER A 647 4.43 4.72 23.64
CA SER A 647 5.44 5.40 22.82
C SER A 647 5.09 5.37 21.34
N THR A 648 3.81 5.24 20.97
CA THR A 648 3.46 5.25 19.56
C THR A 648 3.18 6.67 19.03
N VAL A 649 3.39 6.84 17.73
CA VAL A 649 2.97 8.09 17.10
C VAL A 649 1.46 8.23 17.13
N MET A 650 0.74 7.15 16.84
CA MET A 650 -0.73 7.17 16.69
C MET A 650 -1.43 7.78 17.90
N SER A 651 -0.94 7.52 19.11
CA SER A 651 -1.63 8.05 20.30
C SER A 651 -1.56 9.57 20.36
N ARG A 652 -0.68 10.20 19.59
CA ARG A 652 -0.50 11.65 19.60
C ARG A 652 -1.25 12.34 18.48
N ALA A 653 -2.10 11.59 17.74
CA ALA A 653 -2.70 12.12 16.51
C ALA A 653 -3.38 13.48 16.74
N GLU A 654 -4.15 13.60 17.82
CA GLU A 654 -4.88 14.85 18.08
C GLU A 654 -3.97 16.10 18.04
N ASN A 655 -2.73 15.97 18.53
CA ASN A 655 -1.83 17.12 18.60
C ASN A 655 -1.32 17.55 17.24
N PHE A 656 -1.58 16.76 16.20
CA PHE A 656 -1.15 17.23 14.90
C PHE A 656 -2.07 18.32 14.36
N LYS A 657 -3.20 18.60 15.03
CA LYS A 657 -3.98 19.74 14.56
C LYS A 657 -3.18 21.00 14.53
N GLN A 658 -2.14 21.12 15.34
CA GLN A 658 -1.40 22.37 15.41
C GLN A 658 -0.40 22.59 14.26
N VAL A 659 -0.10 21.58 13.43
CA VAL A 659 1.12 21.62 12.62
C VAL A 659 0.79 21.19 11.19
N GLU A 660 1.68 21.54 10.26
CA GLU A 660 1.60 20.98 8.91
C GLU A 660 2.56 19.81 8.81
N TYR A 661 2.06 18.67 8.37
CA TYR A 661 2.78 17.41 8.40
C TYR A 661 2.81 16.82 7.01
N LEU A 662 3.98 16.35 6.59
CA LEU A 662 4.14 15.61 5.35
C LEU A 662 4.68 14.23 5.70
N LEU A 663 3.95 13.20 5.32
CA LEU A 663 4.23 11.81 5.66
C LEU A 663 4.55 11.09 4.36
N ILE A 664 5.74 10.47 4.28
CA ILE A 664 6.23 9.86 3.05
C ILE A 664 6.73 8.45 3.37
N HIS A 665 6.46 7.50 2.47
CA HIS A 665 6.88 6.12 2.71
C HIS A 665 6.89 5.33 1.41
N GLY A 666 7.93 4.50 1.22
CA GLY A 666 7.96 3.57 0.09
C GLY A 666 7.10 2.33 0.37
N THR A 667 6.37 1.87 -0.66
CA THR A 667 5.43 0.74 -0.44
C THR A 667 6.12 -0.62 -0.31
N ALA A 668 7.34 -0.74 -0.85
CA ALA A 668 8.11 -1.98 -0.78
C ALA A 668 9.24 -1.90 0.26
N ASP A 669 9.03 -1.11 1.31
CA ASP A 669 9.97 -0.99 2.42
C ASP A 669 9.95 -2.29 3.21
N ASP A 670 11.02 -3.10 3.08
CA ASP A 670 11.15 -4.34 3.85
C ASP A 670 11.63 -4.11 5.27
N ASN A 671 12.10 -2.90 5.56
CA ASN A 671 12.79 -2.64 6.82
C ASN A 671 11.84 -1.98 7.82
N VAL A 672 11.42 -0.74 7.55
CA VAL A 672 10.34 -0.08 8.30
C VAL A 672 9.09 -0.24 7.43
N HIS A 673 8.20 -1.18 7.78
CA HIS A 673 7.17 -1.56 6.79
C HIS A 673 6.21 -0.40 6.54
N PHE A 674 5.68 -0.37 5.31
CA PHE A 674 4.71 0.67 4.96
C PHE A 674 3.56 0.72 5.99
N GLN A 675 3.19 -0.45 6.53
CA GLN A 675 2.31 -0.53 7.70
C GLN A 675 2.49 0.60 8.71
N GLN A 676 3.74 0.96 9.04
CA GLN A 676 3.95 1.94 10.11
C GLN A 676 3.33 3.30 9.76
N SER A 677 3.53 3.75 8.51
CA SER A 677 2.92 5.00 8.04
C SER A 677 1.43 4.83 7.75
N ALA A 678 1.02 3.65 7.28
CA ALA A 678 -0.41 3.40 7.08
C ALA A 678 -1.19 3.54 8.39
N GLN A 679 -0.57 3.14 9.52
CA GLN A 679 -1.27 3.33 10.81
C GLN A 679 -1.21 4.79 11.27
N ILE A 680 -0.12 5.50 10.98
CA ILE A 680 -0.11 6.94 11.26
C ILE A 680 -1.25 7.66 10.52
N SER A 681 -1.34 7.45 9.23
CA SER A 681 -2.33 8.16 8.43
C SER A 681 -3.74 7.82 8.91
N LYS A 682 -4.01 6.53 9.21
CA LYS A 682 -5.34 6.16 9.68
C LYS A 682 -5.69 6.87 11.00
N ALA A 683 -4.70 6.99 11.92
CA ALA A 683 -4.99 7.67 13.19
C ALA A 683 -5.26 9.17 13.00
N LEU A 684 -4.49 9.81 12.09
CA LEU A 684 -4.78 11.22 11.76
C LEU A 684 -6.18 11.38 11.13
N VAL A 685 -6.52 10.49 10.20
CA VAL A 685 -7.86 10.58 9.60
C VAL A 685 -8.90 10.39 10.69
N ASP A 686 -8.63 9.48 11.62
CA ASP A 686 -9.65 9.19 12.62
C ASP A 686 -9.87 10.36 13.56
N VAL A 687 -8.90 11.24 13.76
CA VAL A 687 -9.17 12.41 14.61
C VAL A 687 -9.45 13.68 13.78
N GLY A 688 -9.57 13.57 12.46
CA GLY A 688 -9.93 14.74 11.68
C GLY A 688 -8.80 15.74 11.45
N VAL A 689 -7.57 15.28 11.34
CA VAL A 689 -6.40 16.13 11.11
C VAL A 689 -6.01 16.07 9.64
N ASP A 690 -5.92 17.24 8.99
CA ASP A 690 -5.46 17.22 7.61
C ASP A 690 -3.94 17.13 7.58
N PHE A 691 -3.40 16.51 6.52
CA PHE A 691 -1.95 16.41 6.38
C PHE A 691 -1.66 16.09 4.92
N GLN A 692 -0.38 16.12 4.59
CA GLN A 692 0.15 15.84 3.26
C GLN A 692 0.82 14.49 3.26
N ALA A 693 0.68 13.78 2.15
CA ALA A 693 1.18 12.41 2.07
C ALA A 693 1.81 12.17 0.71
N MET A 694 2.76 11.25 0.68
CA MET A 694 3.24 10.72 -0.59
C MET A 694 3.73 9.30 -0.40
N TRP A 695 3.19 8.35 -1.18
CA TRP A 695 3.74 7.00 -1.21
C TRP A 695 4.67 6.92 -2.42
N TYR A 696 5.69 6.03 -2.35
CA TYR A 696 6.55 5.77 -3.49
C TYR A 696 6.38 4.30 -3.86
N THR A 697 5.69 4.06 -4.95
CA THR A 697 5.42 2.72 -5.41
C THR A 697 6.72 1.97 -5.60
N ASP A 698 6.83 0.82 -4.93
CA ASP A 698 7.89 -0.17 -5.08
C ASP A 698 9.25 0.33 -4.59
N GLU A 699 9.29 1.46 -3.91
CA GLU A 699 10.54 1.93 -3.31
C GLU A 699 10.70 1.29 -1.93
N ASP A 700 11.95 1.00 -1.56
CA ASP A 700 12.24 0.44 -0.25
C ASP A 700 12.65 1.54 0.74
N HIS A 701 13.29 1.15 1.84
CA HIS A 701 13.60 2.11 2.90
C HIS A 701 14.49 3.25 2.40
N GLY A 702 15.30 3.00 1.36
CA GLY A 702 16.20 4.04 0.93
C GLY A 702 15.57 5.08 0.03
N ILE A 703 14.40 4.79 -0.55
CA ILE A 703 13.76 5.61 -1.59
C ILE A 703 14.87 6.16 -2.47
N ALA A 704 15.66 5.25 -3.06
CA ALA A 704 16.96 5.64 -3.59
C ALA A 704 17.09 5.41 -5.09
N SER A 705 16.08 4.88 -5.76
CA SER A 705 16.19 4.88 -7.21
C SER A 705 16.41 6.32 -7.69
N SER A 706 17.05 6.47 -8.86
CA SER A 706 17.38 7.80 -9.35
C SER A 706 16.12 8.69 -9.42
N THR A 707 15.03 8.18 -10.01
CA THR A 707 13.86 9.03 -10.16
C THR A 707 13.18 9.31 -8.83
N ALA A 708 13.02 8.30 -7.97
CA ALA A 708 12.34 8.53 -6.69
C ALA A 708 13.15 9.47 -5.80
N HIS A 709 14.47 9.32 -5.80
CA HIS A 709 15.31 10.22 -5.01
C HIS A 709 15.15 11.68 -5.47
N GLN A 710 15.18 11.90 -6.78
CA GLN A 710 14.92 13.23 -7.28
C GLN A 710 13.51 13.71 -6.91
N HIS A 711 12.52 12.83 -7.01
CA HIS A 711 11.13 13.22 -6.78
C HIS A 711 10.90 13.57 -5.31
N ILE A 712 11.41 12.74 -4.40
CA ILE A 712 11.15 12.99 -2.98
C ILE A 712 11.78 14.28 -2.55
N TYR A 713 13.03 14.54 -2.97
CA TYR A 713 13.63 15.78 -2.50
C TYR A 713 12.98 17.00 -3.14
N THR A 714 12.51 16.86 -4.37
CA THR A 714 11.77 17.97 -4.97
C THR A 714 10.48 18.23 -4.19
N HIS A 715 9.77 17.18 -3.81
CA HIS A 715 8.48 17.34 -3.13
C HIS A 715 8.66 17.92 -1.73
N MET A 716 9.69 17.45 -1.02
CA MET A 716 10.01 18.00 0.30
C MET A 716 10.45 19.44 0.18
N SER A 717 11.22 19.79 -0.87
CA SER A 717 11.65 21.17 -1.02
C SER A 717 10.45 22.11 -1.22
N HIS A 718 9.47 21.71 -2.04
CA HIS A 718 8.23 22.50 -2.16
C HIS A 718 7.55 22.65 -0.79
N PHE A 719 7.46 21.56 -0.03
CA PHE A 719 6.75 21.61 1.24
C PHE A 719 7.42 22.58 2.21
N ILE A 720 8.76 22.48 2.33
CA ILE A 720 9.50 23.36 3.24
C ILE A 720 9.37 24.80 2.81
N LYS A 721 9.53 25.07 1.51
CA LYS A 721 9.44 26.45 1.02
C LYS A 721 8.07 27.06 1.34
N GLN A 722 6.99 26.33 1.05
CA GLN A 722 5.67 26.88 1.31
C GLN A 722 5.47 27.05 2.83
N CYS A 723 5.96 26.11 3.64
CA CYS A 723 5.90 26.30 5.08
C CYS A 723 6.61 27.56 5.53
N PHE A 724 7.72 27.94 4.88
CA PHE A 724 8.51 29.11 5.29
C PHE A 724 8.21 30.37 4.47
N SER A 725 7.20 30.34 3.57
CA SER A 725 6.78 31.50 2.73
C SER A 725 7.84 31.94 1.70
N LEU A 726 8.53 30.98 1.08
CA LEU A 726 9.65 31.30 0.18
C LEU A 726 9.27 31.32 -1.31
N ALA B 1 -27.83 36.05 4.39
CA ALA B 1 -28.10 34.63 4.66
C ALA B 1 -26.79 33.84 4.60
N LYS B 2 -26.63 32.86 5.49
CA LYS B 2 -25.46 31.98 5.44
C LYS B 2 -25.43 31.24 4.11
N THR B 3 -24.27 30.69 3.77
CA THR B 3 -24.13 29.80 2.61
C THR B 3 -24.18 28.34 3.04
N TYR B 4 -24.21 27.44 2.06
CA TYR B 4 -24.10 26.00 2.28
C TYR B 4 -22.63 25.63 2.38
N THR B 5 -22.12 25.45 3.59
CA THR B 5 -20.70 25.30 3.87
C THR B 5 -20.24 23.84 3.77
N LEU B 6 -18.92 23.66 3.81
CA LEU B 6 -18.39 22.30 3.76
C LEU B 6 -18.84 21.52 4.98
N THR B 7 -18.88 22.17 6.14
CA THR B 7 -19.36 21.53 7.35
C THR B 7 -20.80 21.12 7.23
N ASP B 8 -21.61 21.92 6.54
CA ASP B 8 -23.00 21.50 6.34
C ASP B 8 -23.06 20.20 5.58
N TYR B 9 -22.26 20.07 4.52
CA TYR B 9 -22.23 18.84 3.75
C TYR B 9 -21.75 17.67 4.60
N LEU B 10 -20.62 17.85 5.27
CA LEU B 10 -19.96 16.76 5.99
C LEU B 10 -20.70 16.38 7.29
N LYS B 11 -21.41 17.32 7.92
CA LYS B 11 -22.17 17.01 9.12
C LYS B 11 -23.62 16.72 8.83
N ASN B 12 -24.06 16.79 7.57
CA ASN B 12 -25.45 16.55 7.23
C ASN B 12 -26.39 17.48 8.00
N THR B 13 -26.04 18.77 8.03
CA THR B 13 -26.89 19.74 8.70
C THR B 13 -28.30 19.75 8.10
N TYR B 14 -28.41 19.63 6.78
CA TYR B 14 -29.70 19.74 6.07
C TYR B 14 -30.02 18.36 5.48
N ARG B 15 -30.97 17.66 6.08
CA ARG B 15 -31.22 16.25 5.78
C ARG B 15 -32.44 16.09 4.88
N LEU B 16 -32.28 15.36 3.78
CA LEU B 16 -33.43 14.93 2.99
C LEU B 16 -34.24 13.89 3.76
N LYS B 17 -35.53 14.15 3.98
CA LYS B 17 -36.36 13.10 4.54
C LYS B 17 -36.77 12.12 3.44
N LEU B 18 -36.84 10.85 3.82
CA LEU B 18 -37.25 9.76 2.96
C LEU B 18 -38.62 9.30 3.40
N TYR B 19 -39.17 8.39 2.63
CA TYR B 19 -40.33 7.63 3.09
C TYR B 19 -40.12 6.23 2.53
N SER B 20 -39.42 5.40 3.29
CA SER B 20 -39.03 4.08 2.83
C SER B 20 -40.02 3.07 3.37
N LEU B 21 -40.84 2.50 2.51
CA LEU B 21 -41.83 1.56 2.99
C LEU B 21 -41.53 0.19 2.41
N ARG B 22 -42.08 -0.83 3.06
CA ARG B 22 -42.04 -2.19 2.54
C ARG B 22 -43.43 -2.74 2.40
N TRP B 23 -43.86 -2.98 1.16
CA TRP B 23 -45.15 -3.62 0.97
C TRP B 23 -45.09 -5.03 1.55
N ILE B 24 -46.12 -5.40 2.32
CA ILE B 24 -46.23 -6.77 2.82
C ILE B 24 -47.40 -7.51 2.18
N SER B 25 -48.21 -6.83 1.39
CA SER B 25 -49.42 -7.39 0.85
C SER B 25 -49.83 -6.49 -0.31
N ASP B 26 -50.99 -6.76 -0.87
CA ASP B 26 -51.53 -5.81 -1.84
C ASP B 26 -52.03 -4.50 -1.22
N HIS B 27 -52.18 -4.41 0.10
CA HIS B 27 -52.72 -3.17 0.62
C HIS B 27 -52.13 -2.68 1.93
N GLU B 28 -51.10 -3.30 2.46
CA GLU B 28 -50.47 -2.78 3.66
C GLU B 28 -48.97 -2.65 3.43
N TYR B 29 -48.39 -1.68 4.11
CA TYR B 29 -46.96 -1.58 4.07
C TYR B 29 -46.43 -1.32 5.47
N LEU B 30 -45.16 -1.69 5.66
CA LEU B 30 -44.47 -1.42 6.91
C LEU B 30 -43.62 -0.17 6.77
N TYR B 31 -43.58 0.61 7.85
CA TYR B 31 -42.86 1.86 7.89
C TYR B 31 -42.32 2.04 9.30
N LYS B 32 -41.11 2.55 9.41
CA LYS B 32 -40.49 2.76 10.72
C LYS B 32 -41.01 4.06 11.38
CA ASN B 36 -40.85 1.19 16.19
C ASN B 36 -41.42 0.98 14.79
N ILE B 37 -42.01 -0.19 14.52
CA ILE B 37 -42.52 -0.52 13.18
C ILE B 37 -44.04 -0.45 13.15
N LEU B 38 -44.56 0.39 12.26
CA LEU B 38 -45.98 0.53 12.01
C LEU B 38 -46.37 -0.21 10.73
N VAL B 39 -47.56 -0.78 10.74
CA VAL B 39 -48.18 -1.25 9.53
C VAL B 39 -49.22 -0.21 9.14
N PHE B 40 -49.19 0.22 7.87
CA PHE B 40 -50.12 1.18 7.31
C PHE B 40 -51.07 0.49 6.36
N ASN B 41 -52.35 0.87 6.44
CA ASN B 41 -53.36 0.55 5.45
C ASN B 41 -53.25 1.56 4.32
N ALA B 42 -52.97 1.08 3.10
CA ALA B 42 -52.76 2.01 1.99
C ALA B 42 -54.04 2.80 1.68
N GLU B 43 -55.20 2.13 1.64
CA GLU B 43 -56.44 2.80 1.22
C GLU B 43 -56.81 3.97 2.11
N TYR B 44 -56.74 3.80 3.42
CA TYR B 44 -57.21 4.84 4.32
C TYR B 44 -56.09 5.62 5.00
N GLY B 45 -54.87 5.10 5.03
CA GLY B 45 -53.76 5.79 5.69
C GLY B 45 -53.66 5.57 7.18
N ASN B 46 -54.59 4.83 7.79
CA ASN B 46 -54.51 4.55 9.22
C ASN B 46 -53.43 3.52 9.49
N SER B 47 -52.87 3.58 10.69
CA SER B 47 -51.85 2.62 11.06
C SER B 47 -52.16 2.04 12.42
N SER B 48 -51.55 0.90 12.67
CA SER B 48 -51.47 0.33 14.01
C SER B 48 -50.03 -0.12 14.22
N VAL B 49 -49.67 -0.34 15.48
CA VAL B 49 -48.28 -0.64 15.79
C VAL B 49 -48.00 -2.10 15.44
N PHE B 50 -47.07 -2.31 14.53
CA PHE B 50 -46.80 -3.69 14.13
C PHE B 50 -45.79 -4.36 15.06
N LEU B 51 -44.79 -3.61 15.51
CA LEU B 51 -43.82 -4.19 16.42
C LEU B 51 -43.27 -3.05 17.26
N GLU B 52 -43.67 -3.04 18.55
CA GLU B 52 -43.24 -2.04 19.53
C GLU B 52 -41.73 -1.85 19.48
N ASN B 53 -41.27 -0.60 19.58
CA ASN B 53 -39.82 -0.40 19.63
C ASN B 53 -39.21 -0.91 20.93
N SER B 54 -40.02 -1.31 21.91
CA SER B 54 -39.51 -1.93 23.13
C SER B 54 -39.42 -3.45 23.04
N THR B 55 -39.89 -4.07 21.94
CA THR B 55 -40.04 -5.52 21.92
C THR B 55 -38.70 -6.21 22.14
N PHE B 56 -37.64 -5.69 21.52
CA PHE B 56 -36.33 -6.31 21.60
C PHE B 56 -35.33 -5.47 22.42
N ASP B 57 -35.84 -4.68 23.38
CA ASP B 57 -34.95 -3.97 24.29
C ASP B 57 -33.99 -4.93 24.97
N GLU B 58 -34.50 -6.06 25.44
CA GLU B 58 -33.72 -7.02 26.20
C GLU B 58 -33.10 -8.09 25.30
N PHE B 59 -33.18 -7.90 23.98
CA PHE B 59 -32.66 -8.88 23.03
C PHE B 59 -31.16 -9.11 23.18
N GLY B 60 -30.41 -8.09 23.58
CA GLY B 60 -28.99 -8.26 23.82
C GLY B 60 -28.08 -7.97 22.65
N HIS B 61 -28.62 -7.74 21.46
CA HIS B 61 -27.84 -7.33 20.29
C HIS B 61 -28.55 -6.20 19.57
N SER B 62 -27.76 -5.36 18.89
CA SER B 62 -28.37 -4.33 18.07
C SER B 62 -28.82 -4.95 16.74
N ILE B 63 -30.07 -4.71 16.36
CA ILE B 63 -30.66 -5.40 15.23
C ILE B 63 -30.38 -4.57 13.99
N ASN B 64 -29.67 -5.15 13.02
CA ASN B 64 -29.33 -4.39 11.82
C ASN B 64 -30.47 -4.31 10.83
N ASP B 65 -31.31 -5.34 10.78
CA ASP B 65 -32.38 -5.34 9.77
C ASP B 65 -33.36 -6.45 10.12
N TYR B 66 -34.51 -6.39 9.47
CA TYR B 66 -35.56 -7.37 9.70
C TYR B 66 -36.16 -7.77 8.38
N SER B 67 -36.94 -8.85 8.41
CA SER B 67 -37.52 -9.35 7.18
C SER B 67 -38.71 -10.23 7.58
N ILE B 68 -39.88 -9.85 7.20
CA ILE B 68 -41.06 -10.59 7.64
C ILE B 68 -41.40 -11.65 6.60
N SER B 69 -41.81 -12.82 7.06
CA SER B 69 -42.16 -13.86 6.13
C SER B 69 -43.41 -13.44 5.36
N PRO B 70 -43.57 -13.90 4.14
CA PRO B 70 -44.72 -13.46 3.33
C PRO B 70 -46.09 -13.74 3.96
N ASP B 71 -46.21 -14.74 4.82
CA ASP B 71 -47.48 -15.03 5.49
C ASP B 71 -47.63 -14.29 6.81
N GLY B 72 -46.69 -13.39 7.12
CA GLY B 72 -46.69 -12.59 8.34
C GLY B 72 -46.52 -13.36 9.63
N GLN B 73 -46.12 -14.63 9.58
CA GLN B 73 -46.08 -15.43 10.79
C GLN B 73 -44.76 -15.32 11.55
N PHE B 74 -43.69 -14.93 10.86
CA PHE B 74 -42.36 -14.94 11.44
C PHE B 74 -41.64 -13.67 11.00
N ILE B 75 -40.75 -13.20 11.85
CA ILE B 75 -39.88 -12.09 11.49
C ILE B 75 -38.44 -12.56 11.64
N LEU B 76 -37.65 -12.32 10.61
CA LEU B 76 -36.24 -12.65 10.56
C LEU B 76 -35.44 -11.42 11.01
N LEU B 77 -34.63 -11.57 12.04
CA LEU B 77 -33.85 -10.48 12.61
C LEU B 77 -32.38 -10.71 12.29
N GLU B 78 -31.79 -9.72 11.64
CA GLU B 78 -30.41 -9.73 11.21
C GLU B 78 -29.57 -8.88 12.15
N TYR B 79 -28.50 -9.48 12.65
CA TYR B 79 -27.57 -8.78 13.53
C TYR B 79 -26.16 -9.32 13.28
N ASN B 80 -25.17 -8.74 13.97
CA ASN B 80 -23.76 -9.07 13.72
C ASN B 80 -23.44 -8.88 12.24
N TYR B 81 -23.99 -7.84 11.65
CA TYR B 81 -23.73 -7.55 10.25
C TYR B 81 -22.25 -7.25 10.01
N VAL B 82 -21.64 -7.91 9.02
CA VAL B 82 -20.26 -7.60 8.63
C VAL B 82 -20.17 -7.50 7.09
N LYS B 83 -19.96 -6.27 6.60
CA LYS B 83 -19.94 -5.98 5.18
C LYS B 83 -18.83 -6.75 4.49
N GLN B 84 -19.10 -7.31 3.31
CA GLN B 84 -17.97 -7.75 2.51
C GLN B 84 -17.78 -6.82 1.32
N TRP B 85 -18.39 -7.09 0.16
CA TRP B 85 -18.19 -6.25 -1.02
C TRP B 85 -19.39 -5.34 -1.19
N ARG B 86 -19.72 -4.95 -2.41
CA ARG B 86 -20.73 -3.91 -2.55
C ARG B 86 -22.08 -4.38 -2.01
N HIS B 87 -22.44 -5.66 -2.23
CA HIS B 87 -23.71 -6.23 -1.81
C HIS B 87 -23.56 -7.33 -0.77
N SER B 88 -22.44 -8.06 -0.79
CA SER B 88 -22.30 -9.22 0.07
C SER B 88 -21.96 -8.78 1.49
N TYR B 89 -22.31 -9.65 2.44
CA TYR B 89 -22.06 -9.47 3.86
C TYR B 89 -22.40 -10.80 4.54
N THR B 90 -21.96 -10.95 5.78
CA THR B 90 -22.42 -12.06 6.62
C THR B 90 -23.12 -11.50 7.86
N ALA B 91 -23.94 -12.34 8.46
CA ALA B 91 -24.70 -11.88 9.61
C ALA B 91 -25.18 -13.09 10.40
N SER B 92 -25.60 -12.81 11.63
CA SER B 92 -26.40 -13.71 12.43
C SER B 92 -27.87 -13.40 12.27
N TYR B 93 -28.69 -14.41 12.57
CA TYR B 93 -30.13 -14.31 12.40
C TYR B 93 -30.82 -15.03 13.53
N ASP B 94 -31.85 -14.40 14.06
CA ASP B 94 -32.83 -15.10 14.86
C ASP B 94 -34.16 -14.97 14.16
N ILE B 95 -35.07 -15.88 14.46
CA ILE B 95 -36.43 -15.82 13.96
C ILE B 95 -37.34 -15.61 15.16
N TYR B 96 -38.26 -14.65 15.07
CA TYR B 96 -39.21 -14.38 16.13
C TYR B 96 -40.57 -14.80 15.60
N ASP B 97 -41.31 -15.56 16.41
CA ASP B 97 -42.66 -16.01 16.08
C ASP B 97 -43.65 -14.93 16.54
N LEU B 98 -44.37 -14.35 15.57
CA LEU B 98 -45.23 -13.19 15.83
C LEU B 98 -46.53 -13.55 16.50
N ASN B 99 -46.96 -14.80 16.41
CA ASN B 99 -48.16 -15.24 17.12
C ASN B 99 -47.85 -15.54 18.58
N LYS B 100 -46.78 -16.30 18.84
CA LYS B 100 -46.44 -16.67 20.20
C LYS B 100 -45.73 -15.55 20.96
N ARG B 101 -45.31 -14.49 20.26
CA ARG B 101 -44.40 -13.49 20.82
C ARG B 101 -43.21 -14.16 21.48
N GLN B 102 -42.62 -15.10 20.77
CA GLN B 102 -41.51 -15.90 21.26
C GLN B 102 -40.38 -15.81 20.25
N LEU B 103 -39.17 -15.64 20.76
CA LEU B 103 -37.98 -15.89 19.94
C LEU B 103 -37.86 -17.40 19.74
N ILE B 104 -37.39 -17.81 18.58
CA ILE B 104 -37.12 -19.25 18.34
C ILE B 104 -35.68 -19.56 18.71
N THR B 105 -35.50 -20.50 19.65
CA THR B 105 -34.18 -20.76 20.22
C THR B 105 -33.58 -22.06 19.73
N GLU B 106 -34.35 -22.84 19.00
CA GLU B 106 -33.94 -24.15 18.54
C GLU B 106 -33.69 -24.14 17.05
N GLU B 107 -32.66 -24.90 16.62
CA GLU B 107 -32.33 -25.10 15.22
C GLU B 107 -32.10 -23.77 14.52
N ARG B 108 -31.28 -22.94 15.15
CA ARG B 108 -31.08 -21.57 14.75
C ARG B 108 -30.29 -21.50 13.44
N ILE B 109 -30.56 -20.49 12.64
CA ILE B 109 -29.69 -20.19 11.51
C ILE B 109 -28.28 -20.02 12.07
N PRO B 110 -27.24 -20.59 11.44
CA PRO B 110 -25.90 -20.49 12.03
C PRO B 110 -25.34 -19.08 11.94
N ASN B 111 -24.32 -18.84 12.77
CA ASN B 111 -23.56 -17.61 12.64
C ASN B 111 -22.75 -17.61 11.34
N ASN B 112 -22.40 -16.41 10.88
CA ASN B 112 -21.63 -16.25 9.63
C ASN B 112 -22.40 -16.76 8.42
N THR B 113 -23.72 -16.63 8.47
CA THR B 113 -24.55 -16.98 7.32
C THR B 113 -24.34 -15.91 6.24
N GLN B 114 -24.20 -16.36 5.00
CA GLN B 114 -23.85 -15.49 3.88
C GLN B 114 -25.04 -14.93 3.15
N TRP B 115 -26.16 -15.63 3.13
CA TRP B 115 -27.37 -15.14 2.48
C TRP B 115 -28.54 -15.89 3.06
N VAL B 116 -29.67 -15.21 3.26
CA VAL B 116 -30.88 -15.91 3.69
C VAL B 116 -32.06 -15.27 3.01
N THR B 117 -33.03 -16.08 2.58
CA THR B 117 -34.23 -15.49 2.02
C THR B 117 -35.42 -16.39 2.35
N TRP B 118 -36.55 -15.76 2.66
CA TRP B 118 -37.83 -16.47 2.76
C TRP B 118 -38.24 -16.96 1.39
N SER B 119 -39.06 -18.02 1.35
CA SER B 119 -39.79 -18.34 0.11
C SER B 119 -40.76 -17.19 -0.22
N PRO B 120 -41.19 -17.07 -1.48
CA PRO B 120 -42.08 -15.94 -1.83
C PRO B 120 -43.47 -16.00 -1.22
N VAL B 121 -43.93 -17.19 -0.81
CA VAL B 121 -45.15 -17.43 -0.06
C VAL B 121 -44.80 -18.36 1.08
N GLY B 122 -45.63 -18.33 2.12
CA GLY B 122 -45.39 -19.18 3.26
C GLY B 122 -44.25 -18.66 4.11
N HIS B 123 -43.44 -19.60 4.67
CA HIS B 123 -42.34 -19.24 5.56
C HIS B 123 -41.15 -20.23 5.48
N LYS B 124 -40.94 -20.87 4.32
CA LYS B 124 -39.70 -21.63 4.13
C LYS B 124 -38.55 -20.64 4.09
N LEU B 125 -37.36 -21.13 4.42
CA LEU B 125 -36.13 -20.34 4.40
C LEU B 125 -35.10 -21.09 3.59
N ALA B 126 -34.34 -20.37 2.80
CA ALA B 126 -33.16 -20.94 2.18
C ALA B 126 -32.01 -20.04 2.59
N TYR B 127 -30.87 -20.65 2.94
CA TYR B 127 -29.73 -19.85 3.36
C TYR B 127 -28.42 -20.51 2.89
N VAL B 128 -27.38 -19.70 2.81
CA VAL B 128 -26.06 -20.16 2.39
C VAL B 128 -25.12 -19.99 3.56
N TRP B 129 -24.41 -21.06 3.91
CA TRP B 129 -23.48 -21.02 5.02
C TRP B 129 -22.27 -21.86 4.65
N ASN B 130 -21.08 -21.31 4.83
CA ASN B 130 -19.84 -21.96 4.33
C ASN B 130 -19.99 -22.41 2.86
N ASN B 131 -20.62 -21.58 2.06
CA ASN B 131 -20.71 -21.75 0.61
C ASN B 131 -21.64 -22.89 0.20
N ASP B 132 -22.47 -23.42 1.11
CA ASP B 132 -23.44 -24.45 0.76
C ASP B 132 -24.85 -23.98 1.08
N ILE B 133 -25.82 -24.58 0.38
CA ILE B 133 -27.22 -24.19 0.49
C ILE B 133 -27.91 -25.13 1.46
N TYR B 134 -28.78 -24.55 2.30
CA TYR B 134 -29.59 -25.22 3.30
C TYR B 134 -31.00 -24.68 3.16
N VAL B 135 -31.99 -25.53 3.44
CA VAL B 135 -33.39 -25.15 3.40
C VAL B 135 -34.03 -25.54 4.72
N LYS B 136 -34.83 -24.64 5.29
CA LYS B 136 -35.65 -24.95 6.46
C LYS B 136 -37.10 -24.88 6.01
N ILE B 137 -37.84 -25.97 6.17
CA ILE B 137 -39.26 -25.97 5.84
C ILE B 137 -40.04 -25.20 6.91
N GLU B 138 -39.65 -25.38 8.18
CA GLU B 138 -40.21 -24.68 9.31
C GLU B 138 -39.09 -23.99 10.07
N PRO B 139 -39.32 -22.77 10.57
CA PRO B 139 -38.24 -21.99 11.22
C PRO B 139 -37.59 -22.70 12.40
N ASN B 140 -38.34 -23.51 13.13
CA ASN B 140 -37.84 -24.20 14.32
C ASN B 140 -37.39 -25.63 14.08
N LEU B 141 -37.42 -26.12 12.84
CA LEU B 141 -37.03 -27.49 12.54
C LEU B 141 -35.65 -27.55 11.87
N PRO B 142 -35.04 -28.75 11.80
CA PRO B 142 -33.69 -28.83 11.22
C PRO B 142 -33.67 -28.45 9.75
N SER B 143 -32.51 -27.92 9.33
CA SER B 143 -32.21 -27.64 7.95
C SER B 143 -31.94 -28.92 7.17
N TYR B 144 -32.27 -28.86 5.89
CA TYR B 144 -31.87 -29.84 4.89
C TYR B 144 -30.69 -29.26 4.12
N ARG B 145 -29.56 -29.94 4.16
CA ARG B 145 -28.43 -29.54 3.33
C ARG B 145 -28.74 -29.87 1.88
N ILE B 146 -28.43 -28.95 0.97
CA ILE B 146 -28.67 -29.12 -0.47
C ILE B 146 -27.38 -29.38 -1.25
N THR B 147 -26.25 -28.77 -0.85
CA THR B 147 -24.99 -28.93 -1.56
C THR B 147 -23.88 -29.28 -0.57
N TRP B 148 -22.89 -30.00 -1.05
CA TRP B 148 -21.76 -30.44 -0.24
C TRP B 148 -20.44 -29.99 -0.85
N THR B 149 -20.48 -29.28 -1.96
CA THR B 149 -19.28 -28.86 -2.68
C THR B 149 -18.73 -27.49 -2.25
N GLY B 150 -19.45 -26.75 -1.41
CA GLY B 150 -19.02 -25.38 -1.10
C GLY B 150 -17.61 -25.37 -0.57
N LYS B 151 -16.81 -24.41 -1.04
CA LYS B 151 -15.42 -24.37 -0.59
C LYS B 151 -14.98 -22.93 -0.69
N GLU B 152 -14.47 -22.39 0.41
CA GLU B 152 -14.14 -20.97 0.50
C GLU B 152 -13.27 -20.52 -0.67
N ASP B 153 -13.63 -19.39 -1.28
CA ASP B 153 -12.87 -18.89 -2.44
C ASP B 153 -12.83 -19.81 -3.65
N ILE B 154 -13.51 -20.97 -3.63
CA ILE B 154 -13.37 -21.86 -4.78
C ILE B 154 -14.72 -22.27 -5.34
N ILE B 155 -15.59 -22.88 -4.52
CA ILE B 155 -16.92 -23.27 -5.02
C ILE B 155 -17.96 -22.48 -4.24
N TYR B 156 -18.82 -21.78 -4.97
CA TYR B 156 -19.86 -20.95 -4.40
C TYR B 156 -21.21 -21.51 -4.83
N ASN B 157 -22.01 -22.00 -3.87
CA ASN B 157 -23.38 -22.48 -4.18
C ASN B 157 -24.40 -21.48 -3.65
N GLY B 158 -25.22 -20.94 -4.55
CA GLY B 158 -26.26 -20.05 -4.12
C GLY B 158 -25.82 -18.64 -3.79
N ILE B 159 -24.52 -18.33 -3.91
CA ILE B 159 -23.99 -16.98 -3.76
C ILE B 159 -23.00 -16.74 -4.90
N THR B 160 -22.81 -15.48 -5.24
CA THR B 160 -21.94 -15.10 -6.33
C THR B 160 -20.51 -14.97 -5.84
N ASP B 161 -19.55 -15.13 -6.76
CA ASP B 161 -18.17 -14.76 -6.47
C ASP B 161 -18.03 -13.25 -6.67
N TRP B 162 -16.79 -12.72 -6.58
CA TRP B 162 -16.63 -11.27 -6.63
C TRP B 162 -17.17 -10.68 -7.93
N VAL B 163 -16.81 -11.29 -9.07
CA VAL B 163 -17.14 -10.60 -10.31
C VAL B 163 -18.60 -10.78 -10.67
N TYR B 164 -19.20 -11.94 -10.34
CA TYR B 164 -20.65 -12.07 -10.59
C TYR B 164 -21.45 -11.15 -9.68
N GLU B 165 -21.02 -11.01 -8.41
CA GLU B 165 -21.65 -10.05 -7.51
C GLU B 165 -21.60 -8.63 -8.09
N GLU B 166 -20.42 -8.19 -8.49
CA GLU B 166 -20.26 -6.79 -8.87
C GLU B 166 -20.82 -6.50 -10.28
N GLU B 167 -20.58 -7.40 -11.27
CA GLU B 167 -20.77 -7.04 -12.68
C GLU B 167 -21.91 -7.78 -13.38
N VAL B 168 -22.47 -8.83 -12.79
CA VAL B 168 -23.54 -9.58 -13.43
C VAL B 168 -24.83 -9.46 -12.66
N PHE B 169 -24.87 -9.94 -11.41
CA PHE B 169 -26.14 -9.93 -10.69
C PHE B 169 -26.35 -8.74 -9.76
N SER B 170 -25.34 -7.91 -9.49
CA SER B 170 -25.52 -6.80 -8.53
C SER B 170 -26.15 -7.31 -7.24
N ALA B 171 -25.70 -8.48 -6.81
CA ALA B 171 -26.29 -9.12 -5.64
C ALA B 171 -25.35 -10.24 -5.26
N TYR B 172 -25.31 -10.52 -3.96
CA TYR B 172 -24.59 -11.69 -3.47
C TYR B 172 -25.39 -12.95 -3.71
N SER B 173 -26.71 -12.84 -3.61
CA SER B 173 -27.61 -13.97 -3.73
C SER B 173 -27.51 -14.60 -5.12
N ALA B 174 -27.45 -15.93 -5.19
CA ALA B 174 -27.62 -16.65 -6.44
C ALA B 174 -28.62 -17.80 -6.22
N LEU B 175 -29.74 -17.47 -5.57
CA LEU B 175 -30.83 -18.37 -5.22
C LEU B 175 -32.11 -17.75 -5.76
N TRP B 176 -32.99 -18.56 -6.34
CA TRP B 176 -34.24 -18.05 -6.92
C TRP B 176 -35.35 -19.05 -6.64
N TRP B 177 -36.21 -18.74 -5.67
CA TRP B 177 -37.35 -19.57 -5.39
C TRP B 177 -38.34 -19.48 -6.53
N SER B 178 -38.99 -20.61 -6.87
CA SER B 178 -40.14 -20.55 -7.78
C SER B 178 -41.31 -19.83 -7.10
N PRO B 179 -42.30 -19.34 -7.87
CA PRO B 179 -43.28 -18.39 -7.30
C PRO B 179 -44.05 -18.91 -6.08
N ASN B 180 -44.44 -20.18 -6.02
CA ASN B 180 -45.11 -20.71 -4.83
C ASN B 180 -44.16 -21.45 -3.90
N GLY B 181 -42.85 -21.42 -4.19
CA GLY B 181 -41.85 -21.94 -3.30
C GLY B 181 -41.62 -23.43 -3.39
N THR B 182 -42.20 -24.12 -4.38
CA THR B 182 -41.91 -25.55 -4.52
C THR B 182 -40.45 -25.78 -4.88
N PHE B 183 -39.95 -25.04 -5.88
CA PHE B 183 -38.61 -25.26 -6.37
C PHE B 183 -37.68 -24.18 -5.88
N LEU B 184 -36.41 -24.55 -5.69
CA LEU B 184 -35.33 -23.62 -5.41
C LEU B 184 -34.30 -23.76 -6.51
N ALA B 185 -34.14 -22.71 -7.32
CA ALA B 185 -33.12 -22.70 -8.36
C ALA B 185 -31.87 -22.02 -7.80
N TYR B 186 -30.71 -22.44 -8.28
CA TYR B 186 -29.49 -21.79 -7.81
C TYR B 186 -28.38 -21.95 -8.82
N ALA B 187 -27.45 -21.02 -8.74
CA ALA B 187 -26.24 -21.09 -9.53
C ALA B 187 -25.07 -21.54 -8.66
N GLN B 188 -24.09 -22.16 -9.31
CA GLN B 188 -22.88 -22.61 -8.66
C GLN B 188 -21.71 -22.08 -9.46
N PHE B 189 -20.80 -21.36 -8.79
CA PHE B 189 -19.64 -20.77 -9.45
C PHE B 189 -18.38 -21.47 -9.01
N ASN B 190 -17.50 -21.71 -9.97
CA ASN B 190 -16.25 -22.43 -9.75
C ASN B 190 -15.09 -21.48 -10.12
N ASP B 191 -14.38 -21.00 -9.11
CA ASP B 191 -13.29 -20.06 -9.29
C ASP B 191 -11.93 -20.75 -9.19
N THR B 192 -11.88 -22.07 -9.45
CA THR B 192 -10.65 -22.83 -9.15
C THR B 192 -9.43 -22.19 -9.79
N GLU B 193 -9.54 -21.77 -11.04
CA GLU B 193 -8.38 -21.28 -11.80
C GLU B 193 -8.37 -19.77 -11.98
N VAL B 194 -9.26 -19.06 -11.30
CA VAL B 194 -9.32 -17.59 -11.33
C VAL B 194 -8.17 -17.05 -10.49
N PRO B 195 -7.34 -16.14 -11.02
CA PRO B 195 -6.24 -15.57 -10.23
C PRO B 195 -6.78 -14.72 -9.08
N LEU B 196 -5.93 -14.54 -8.07
CA LEU B 196 -6.26 -13.76 -6.87
C LEU B 196 -5.64 -12.37 -6.96
N ILE B 197 -6.42 -11.34 -6.66
CA ILE B 197 -5.83 -10.07 -6.27
C ILE B 197 -5.46 -10.19 -4.79
N GLU B 198 -4.29 -9.70 -4.44
CA GLU B 198 -3.76 -9.79 -3.10
C GLU B 198 -3.39 -8.38 -2.69
N TYR B 199 -3.80 -7.95 -1.50
CA TYR B 199 -3.42 -6.64 -1.02
C TYR B 199 -3.39 -6.66 0.50
N SER B 200 -2.62 -5.76 1.08
CA SER B 200 -2.50 -5.71 2.53
C SER B 200 -3.70 -5.02 3.14
N PHE B 201 -4.06 -5.51 4.31
CA PHE B 201 -5.06 -4.91 5.19
C PHE B 201 -4.40 -4.74 6.53
N TYR B 202 -4.35 -3.49 7.01
CA TYR B 202 -3.54 -3.17 8.20
C TYR B 202 -4.33 -3.37 9.49
N SER B 203 -5.67 -3.13 9.46
CA SER B 203 -6.53 -3.36 10.63
C SER B 203 -6.24 -2.36 11.74
N ASP B 204 -6.77 -2.64 12.95
CA ASP B 204 -6.43 -1.78 14.08
C ASP B 204 -4.94 -1.87 14.37
N GLU B 205 -4.43 -0.83 15.02
CA GLU B 205 -2.99 -0.74 15.18
C GLU B 205 -2.45 -1.82 16.10
N SER B 206 -3.32 -2.46 16.91
CA SER B 206 -2.91 -3.61 17.72
C SER B 206 -2.51 -4.82 16.86
N LEU B 207 -2.90 -4.88 15.59
CA LEU B 207 -2.48 -6.02 14.77
C LEU B 207 -1.01 -5.89 14.39
N GLN B 208 -0.19 -6.84 14.85
CA GLN B 208 1.26 -6.65 14.73
C GLN B 208 1.74 -6.83 13.28
N TYR B 209 1.25 -7.88 12.56
CA TYR B 209 1.52 -8.16 11.12
C TYR B 209 0.32 -7.82 10.26
N PRO B 210 0.48 -7.11 9.14
CA PRO B 210 -0.64 -6.91 8.22
C PRO B 210 -1.10 -8.18 7.60
N LYS B 211 -2.34 -8.08 7.13
CA LYS B 211 -3.06 -9.27 6.84
C LYS B 211 -3.10 -9.21 5.33
N THR B 212 -2.93 -10.30 4.65
CA THR B 212 -3.04 -10.24 3.20
C THR B 212 -4.43 -10.75 2.75
N VAL B 213 -5.23 -9.84 2.17
CA VAL B 213 -6.51 -10.19 1.59
C VAL B 213 -6.28 -10.74 0.19
N ARG B 214 -6.89 -11.88 -0.08
CA ARG B 214 -6.78 -12.60 -1.36
C ARG B 214 -8.18 -12.87 -1.88
N VAL B 215 -8.50 -12.33 -3.07
CA VAL B 215 -9.85 -12.43 -3.63
C VAL B 215 -9.77 -13.00 -5.05
N PRO B 216 -10.49 -14.08 -5.38
CA PRO B 216 -10.53 -14.48 -6.79
C PRO B 216 -11.18 -13.38 -7.62
N TYR B 217 -10.46 -12.86 -8.58
CA TYR B 217 -10.80 -11.64 -9.29
C TYR B 217 -10.18 -11.78 -10.65
N PRO B 218 -10.97 -12.02 -11.70
CA PRO B 218 -10.41 -12.13 -13.05
C PRO B 218 -10.24 -10.73 -13.63
N LYS B 219 -8.99 -10.34 -13.87
CA LYS B 219 -8.73 -9.11 -14.62
C LYS B 219 -8.89 -9.38 -16.11
N ALA B 220 -8.84 -8.31 -16.92
CA ALA B 220 -9.24 -8.46 -18.32
C ALA B 220 -8.42 -9.54 -19.02
N GLY B 221 -9.12 -10.47 -19.68
CA GLY B 221 -8.50 -11.52 -20.44
C GLY B 221 -8.05 -12.70 -19.61
N ALA B 222 -8.17 -12.64 -18.29
CA ALA B 222 -7.73 -13.74 -17.44
C ALA B 222 -8.76 -14.88 -17.43
N VAL B 223 -8.43 -15.95 -16.70
CA VAL B 223 -9.37 -17.07 -16.55
C VAL B 223 -10.52 -16.65 -15.66
N ASN B 224 -11.77 -16.82 -16.16
CA ASN B 224 -13.06 -16.50 -15.56
C ASN B 224 -13.58 -17.67 -14.72
N PRO B 225 -14.46 -17.38 -13.74
CA PRO B 225 -15.21 -18.46 -13.08
C PRO B 225 -16.06 -19.18 -14.10
N THR B 226 -16.33 -20.46 -13.86
CA THR B 226 -17.31 -21.16 -14.67
C THR B 226 -18.57 -21.26 -13.84
N VAL B 227 -19.71 -21.61 -14.47
CA VAL B 227 -20.99 -21.55 -13.77
C VAL B 227 -21.81 -22.75 -14.16
N LYS B 228 -22.56 -23.29 -13.20
CA LYS B 228 -23.58 -24.29 -13.45
C LYS B 228 -24.88 -23.83 -12.79
N PHE B 229 -25.98 -24.36 -13.29
CA PHE B 229 -27.32 -23.97 -12.86
C PHE B 229 -28.12 -25.21 -12.47
N PHE B 230 -28.80 -25.15 -11.32
CA PHE B 230 -29.51 -26.30 -10.77
C PHE B 230 -30.88 -25.87 -10.25
N VAL B 231 -31.80 -26.82 -10.19
CA VAL B 231 -33.11 -26.63 -9.58
C VAL B 231 -33.38 -27.81 -8.67
N VAL B 232 -33.79 -27.56 -7.45
CA VAL B 232 -34.12 -28.65 -6.55
C VAL B 232 -35.57 -28.49 -6.11
N ASN B 233 -36.25 -29.62 -5.93
CA ASN B 233 -37.64 -29.62 -5.48
C ASN B 233 -37.65 -29.69 -3.96
N THR B 234 -37.93 -28.54 -3.31
CA THR B 234 -37.87 -28.52 -1.84
C THR B 234 -39.06 -29.22 -1.23
N ASP B 235 -40.16 -29.44 -1.98
CA ASP B 235 -41.25 -30.21 -1.41
C ASP B 235 -40.86 -31.67 -1.22
N SER B 236 -39.83 -32.10 -1.94
CA SER B 236 -39.36 -33.51 -1.92
C SER B 236 -38.52 -33.83 -0.67
N LEU B 237 -38.11 -32.80 0.07
CA LEU B 237 -37.24 -33.01 1.26
C LEU B 237 -37.88 -34.10 2.16
N SER B 238 -38.16 -35.31 1.60
CA SER B 238 -38.78 -36.53 2.20
C SER B 238 -38.11 -37.73 1.48
N SER B 239 -36.96 -37.48 0.87
CA SER B 239 -36.16 -38.55 0.22
C SER B 239 -34.84 -38.57 0.99
N VAL B 240 -34.28 -39.72 1.40
CA VAL B 240 -33.06 -39.91 2.26
C VAL B 240 -32.45 -38.57 2.65
N THR B 241 -33.27 -37.60 3.06
CA THR B 241 -32.81 -36.20 3.23
C THR B 241 -31.98 -35.80 2.01
N ASN B 242 -31.80 -36.63 0.97
CA ASN B 242 -30.91 -36.18 -0.16
C ASN B 242 -31.70 -35.81 -1.43
N ALA B 243 -32.27 -34.62 -1.46
CA ALA B 243 -33.00 -34.14 -2.66
C ALA B 243 -32.02 -33.97 -3.82
N THR B 244 -32.46 -34.33 -5.00
CA THR B 244 -31.62 -34.31 -6.20
C THR B 244 -31.65 -32.91 -6.82
N SER B 245 -30.47 -32.33 -7.06
CA SER B 245 -30.39 -31.04 -7.76
C SER B 245 -30.31 -31.33 -9.26
N ILE B 246 -31.31 -30.90 -10.02
CA ILE B 246 -31.36 -31.19 -11.46
C ILE B 246 -30.63 -30.07 -12.18
N GLN B 247 -29.61 -30.40 -12.96
CA GLN B 247 -28.87 -29.39 -13.69
C GLN B 247 -29.63 -28.98 -14.95
N ILE B 248 -29.60 -27.69 -15.24
CA ILE B 248 -30.03 -27.23 -16.56
C ILE B 248 -28.78 -26.71 -17.24
N THR B 249 -28.40 -27.34 -18.33
CA THR B 249 -27.13 -26.98 -18.95
C THR B 249 -27.34 -25.82 -19.91
N ALA B 250 -26.31 -25.02 -20.09
CA ALA B 250 -26.35 -23.90 -21.03
C ALA B 250 -26.53 -24.43 -22.45
N PRO B 251 -27.09 -23.62 -23.35
CA PRO B 251 -27.25 -24.06 -24.74
C PRO B 251 -25.91 -24.29 -25.42
N ALA B 252 -25.94 -25.12 -26.47
CA ALA B 252 -24.74 -25.43 -27.27
C ALA B 252 -24.03 -24.17 -27.80
N SER B 253 -24.79 -23.16 -28.23
CA SER B 253 -24.21 -21.91 -28.70
C SER B 253 -23.38 -21.20 -27.63
N MET B 254 -23.60 -21.54 -26.36
CA MET B 254 -22.86 -20.98 -25.22
C MET B 254 -21.68 -21.87 -24.81
N LEU B 255 -21.87 -23.19 -24.83
CA LEU B 255 -20.90 -24.19 -24.38
C LEU B 255 -19.66 -24.24 -25.25
N ILE B 256 -19.73 -23.74 -26.49
CA ILE B 256 -18.56 -23.69 -27.37
C ILE B 256 -17.45 -22.79 -26.85
N GLY B 257 -17.73 -21.91 -25.89
CA GLY B 257 -16.65 -21.09 -25.35
C GLY B 257 -17.00 -20.56 -23.98
N ASP B 258 -16.17 -19.64 -23.48
CA ASP B 258 -16.46 -19.02 -22.20
C ASP B 258 -17.81 -18.31 -22.25
N HIS B 259 -18.55 -18.35 -21.14
CA HIS B 259 -19.86 -17.71 -21.12
C HIS B 259 -20.21 -17.35 -19.69
N TYR B 260 -21.31 -16.62 -19.55
CA TYR B 260 -21.89 -16.18 -18.29
C TYR B 260 -23.36 -16.59 -18.24
N LEU B 261 -23.83 -16.93 -17.05
CA LEU B 261 -25.25 -16.89 -16.74
C LEU B 261 -25.61 -15.47 -16.32
N CYS B 262 -26.48 -14.80 -17.07
CA CYS B 262 -26.70 -13.42 -16.74
C CYS B 262 -28.10 -13.06 -16.31
N ASP B 263 -29.08 -13.98 -16.39
CA ASP B 263 -30.41 -13.64 -15.87
C ASP B 263 -31.15 -14.92 -15.50
N VAL B 264 -31.90 -14.87 -14.41
CA VAL B 264 -32.75 -15.96 -13.98
C VAL B 264 -34.11 -15.36 -13.64
N THR B 265 -35.16 -15.81 -14.34
CA THR B 265 -36.51 -15.29 -14.08
C THR B 265 -37.50 -16.45 -14.20
N TRP B 266 -38.16 -16.76 -13.09
CA TRP B 266 -39.24 -17.75 -13.13
C TRP B 266 -40.42 -17.18 -13.90
N ALA B 267 -41.07 -18.01 -14.70
CA ALA B 267 -42.25 -17.56 -15.45
C ALA B 267 -43.55 -18.09 -14.87
N THR B 268 -43.55 -19.34 -14.41
CA THR B 268 -44.69 -19.98 -13.77
C THR B 268 -44.16 -20.87 -12.66
N GLN B 269 -45.06 -21.65 -12.05
CA GLN B 269 -44.65 -22.63 -11.03
C GLN B 269 -43.71 -23.68 -11.62
N GLU B 270 -43.80 -23.93 -12.93
CA GLU B 270 -43.08 -25.06 -13.53
C GLU B 270 -42.28 -24.63 -14.76
N ARG B 271 -41.94 -23.36 -14.86
CA ARG B 271 -41.31 -22.81 -16.06
C ARG B 271 -40.37 -21.70 -15.61
N ILE B 272 -39.10 -21.84 -15.98
CA ILE B 272 -38.08 -20.88 -15.61
C ILE B 272 -37.36 -20.44 -16.88
N SER B 273 -36.98 -19.16 -16.94
CA SER B 273 -36.23 -18.67 -18.08
C SER B 273 -34.85 -18.30 -17.57
N LEU B 274 -33.86 -18.62 -18.39
CA LEU B 274 -32.47 -18.28 -18.10
C LEU B 274 -31.88 -17.55 -19.29
N GLN B 275 -31.11 -16.51 -19.04
CA GLN B 275 -30.33 -15.90 -20.12
C GLN B 275 -28.85 -16.13 -19.87
N TRP B 276 -28.18 -16.51 -20.93
CA TRP B 276 -26.75 -16.77 -20.99
C TRP B 276 -26.12 -15.75 -21.93
N LEU B 277 -24.88 -15.36 -21.61
CA LEU B 277 -24.16 -14.34 -22.38
C LEU B 277 -22.77 -14.86 -22.75
N ARG B 278 -22.39 -14.77 -24.03
CA ARG B 278 -21.03 -15.18 -24.40
C ARG B 278 -20.00 -14.26 -23.78
N ARG B 279 -18.79 -14.78 -23.56
CA ARG B 279 -17.75 -13.91 -22.99
C ARG B 279 -17.50 -12.69 -23.87
N ILE B 280 -17.55 -12.85 -25.19
CA ILE B 280 -17.74 -11.73 -26.12
C ILE B 280 -19.21 -11.33 -26.02
N GLN B 281 -19.48 -10.24 -25.34
CA GLN B 281 -20.83 -9.97 -24.85
C GLN B 281 -21.73 -9.29 -25.86
N ASN B 282 -21.70 -9.73 -27.11
CA ASN B 282 -22.61 -9.22 -28.13
C ASN B 282 -23.57 -10.30 -28.59
N TYR B 283 -23.73 -11.36 -27.81
CA TYR B 283 -24.56 -12.51 -28.19
C TYR B 283 -25.08 -13.15 -26.91
N SER B 284 -26.40 -13.21 -26.79
CA SER B 284 -27.07 -13.66 -25.59
C SER B 284 -28.17 -14.62 -26.03
N VAL B 285 -28.47 -15.62 -25.21
CA VAL B 285 -29.51 -16.60 -25.50
C VAL B 285 -30.39 -16.77 -24.27
N MET B 286 -31.71 -16.66 -24.45
CA MET B 286 -32.67 -17.00 -23.40
C MET B 286 -33.22 -18.40 -23.65
N ASP B 287 -33.15 -19.26 -22.66
CA ASP B 287 -33.78 -20.57 -22.67
C ASP B 287 -35.04 -20.49 -21.80
N ILE B 288 -36.08 -21.21 -22.19
CA ILE B 288 -37.30 -21.27 -21.40
C ILE B 288 -37.57 -22.73 -21.12
N CYS B 289 -37.50 -23.13 -19.85
CA CYS B 289 -37.38 -24.54 -19.49
C CYS B 289 -38.58 -24.94 -18.64
N ASP B 290 -39.24 -26.04 -19.02
CA ASP B 290 -40.39 -26.59 -18.30
C ASP B 290 -40.07 -27.85 -17.51
N TYR B 291 -40.64 -27.92 -16.30
CA TYR B 291 -40.57 -29.15 -15.51
C TYR B 291 -41.37 -30.26 -16.20
N ASP B 292 -40.77 -31.42 -16.31
CA ASP B 292 -41.40 -32.64 -16.82
C ASP B 292 -41.74 -33.53 -15.64
N GLU B 293 -43.02 -33.58 -15.26
CA GLU B 293 -43.48 -34.27 -14.06
C GLU B 293 -43.11 -35.74 -14.10
N SER B 294 -43.08 -36.33 -15.30
CA SER B 294 -42.87 -37.77 -15.41
C SER B 294 -41.41 -38.15 -15.21
N SER B 295 -40.48 -37.31 -15.65
CA SER B 295 -39.06 -37.58 -15.44
C SER B 295 -38.44 -36.76 -14.33
N GLY B 296 -39.15 -35.76 -13.82
CA GLY B 296 -38.49 -34.96 -12.81
C GLY B 296 -37.35 -34.11 -13.33
N ARG B 297 -37.24 -33.93 -14.63
CA ARG B 297 -36.18 -33.11 -15.23
C ARG B 297 -36.74 -31.84 -15.85
N TRP B 298 -35.82 -30.96 -16.28
CA TRP B 298 -36.17 -29.66 -16.82
C TRP B 298 -35.76 -29.59 -18.28
N ASN B 299 -36.73 -29.33 -19.17
CA ASN B 299 -36.44 -29.39 -20.60
C ASN B 299 -36.63 -28.01 -21.23
N CYS B 300 -35.64 -27.59 -22.02
CA CYS B 300 -35.66 -26.29 -22.66
C CYS B 300 -35.89 -26.44 -24.17
N LEU B 301 -37.14 -26.29 -24.60
CA LEU B 301 -37.46 -26.50 -26.00
C LEU B 301 -36.74 -25.47 -26.87
N VAL B 302 -36.07 -25.97 -27.90
CA VAL B 302 -35.33 -25.05 -28.75
C VAL B 302 -36.28 -24.06 -29.44
N ALA B 303 -37.54 -24.46 -29.71
CA ALA B 303 -38.51 -23.51 -30.25
C ALA B 303 -38.78 -22.34 -29.31
N ARG B 304 -38.44 -22.46 -28.02
CA ARG B 304 -38.70 -21.38 -27.07
C ARG B 304 -37.43 -20.60 -26.73
N GLN B 305 -36.36 -20.83 -27.48
CA GLN B 305 -35.11 -20.11 -27.25
C GLN B 305 -35.16 -18.74 -27.95
N HIS B 306 -34.64 -17.68 -27.32
CA HIS B 306 -34.68 -16.36 -27.94
C HIS B 306 -33.27 -15.78 -27.97
N ILE B 307 -32.86 -15.28 -29.12
CA ILE B 307 -31.50 -14.80 -29.33
C ILE B 307 -31.53 -13.28 -29.27
N GLU B 308 -30.55 -12.69 -28.58
CA GLU B 308 -30.46 -11.24 -28.54
C GLU B 308 -29.01 -10.87 -28.79
N MET B 309 -28.76 -10.11 -29.84
CA MET B 309 -27.40 -9.87 -30.25
C MET B 309 -27.27 -8.40 -30.62
N SER B 310 -26.04 -7.91 -30.68
CA SER B 310 -25.81 -6.53 -31.06
C SER B 310 -24.72 -6.51 -32.10
N THR B 311 -24.94 -5.76 -33.17
CA THR B 311 -23.92 -5.56 -34.19
C THR B 311 -23.05 -4.34 -33.92
N THR B 312 -23.51 -3.40 -33.10
CA THR B 312 -22.79 -2.16 -32.88
C THR B 312 -22.13 -2.08 -31.53
N GLY B 313 -22.44 -3.01 -30.63
CA GLY B 313 -21.99 -2.89 -29.26
C GLY B 313 -22.17 -4.19 -28.51
N TRP B 314 -22.39 -4.04 -27.21
CA TRP B 314 -22.69 -5.12 -26.33
C TRP B 314 -24.21 -5.25 -26.22
N VAL B 315 -24.69 -6.25 -25.48
CA VAL B 315 -26.12 -6.51 -25.35
C VAL B 315 -26.58 -5.91 -24.03
N GLY B 316 -27.60 -5.08 -24.09
CA GLY B 316 -28.15 -4.47 -22.90
C GLY B 316 -27.43 -3.19 -22.54
N ARG B 317 -28.01 -2.46 -21.58
CA ARG B 317 -27.31 -1.29 -21.05
C ARG B 317 -26.04 -1.72 -20.34
N PHE B 318 -26.17 -2.66 -19.41
CA PHE B 318 -25.03 -3.31 -18.74
C PHE B 318 -25.09 -4.82 -18.81
N ARG B 319 -26.24 -5.39 -19.14
CA ARG B 319 -26.46 -6.82 -19.33
C ARG B 319 -27.80 -6.99 -20.03
N PRO B 320 -28.10 -8.17 -20.59
CA PRO B 320 -29.42 -8.37 -21.20
C PRO B 320 -30.53 -8.10 -20.18
N SER B 321 -31.62 -7.49 -20.65
CA SER B 321 -32.67 -7.07 -19.72
C SER B 321 -33.52 -8.26 -19.24
N GLU B 322 -34.25 -8.07 -18.11
CA GLU B 322 -35.08 -9.12 -17.56
C GLU B 322 -36.39 -9.22 -18.37
N PRO B 323 -36.91 -10.43 -18.54
CA PRO B 323 -38.27 -10.57 -19.08
C PRO B 323 -39.31 -10.37 -17.99
N HIS B 324 -40.49 -9.91 -18.41
CA HIS B 324 -41.64 -9.83 -17.53
C HIS B 324 -42.75 -10.66 -18.13
N PHE B 325 -43.08 -11.77 -17.48
CA PHE B 325 -43.99 -12.75 -18.05
C PHE B 325 -45.43 -12.44 -17.70
N THR B 326 -46.32 -12.67 -18.64
CA THR B 326 -47.73 -12.65 -18.30
C THR B 326 -48.01 -13.81 -17.36
N LEU B 327 -49.15 -13.72 -16.66
CA LEU B 327 -49.47 -14.69 -15.60
C LEU B 327 -49.37 -16.13 -16.10
N ASP B 328 -49.93 -16.42 -17.28
CA ASP B 328 -49.87 -17.79 -17.77
C ASP B 328 -48.48 -18.21 -18.28
N GLY B 329 -47.49 -17.31 -18.29
CA GLY B 329 -46.15 -17.70 -18.72
C GLY B 329 -46.00 -17.94 -20.20
N ASN B 330 -47.00 -17.60 -21.01
CA ASN B 330 -46.90 -17.90 -22.43
C ASN B 330 -46.41 -16.74 -23.28
N SER B 331 -46.18 -15.59 -22.64
CA SER B 331 -45.65 -14.44 -23.34
C SER B 331 -44.95 -13.56 -22.32
N PHE B 332 -44.10 -12.67 -22.82
CA PHE B 332 -43.35 -11.83 -21.90
C PHE B 332 -43.02 -10.51 -22.58
N TYR B 333 -42.72 -9.51 -21.75
CA TYR B 333 -42.30 -8.21 -22.22
C TYR B 333 -40.86 -8.02 -21.81
N LYS B 334 -40.12 -7.29 -22.62
CA LYS B 334 -38.69 -7.15 -22.42
C LYS B 334 -38.21 -5.89 -23.11
N ILE B 335 -37.32 -5.13 -22.46
CA ILE B 335 -36.76 -3.94 -23.08
C ILE B 335 -35.62 -4.35 -24.01
N ILE B 336 -35.69 -3.90 -25.26
CA ILE B 336 -34.82 -4.31 -26.36
C ILE B 336 -34.47 -3.07 -27.16
N SER B 337 -33.26 -3.03 -27.68
CA SER B 337 -32.90 -1.95 -28.59
C SER B 337 -33.65 -2.16 -29.91
N ASN B 338 -34.38 -1.14 -30.37
CA ASN B 338 -35.12 -1.31 -31.61
C ASN B 338 -34.20 -1.05 -32.80
N GLU B 339 -34.79 -1.01 -33.99
CA GLU B 339 -33.99 -0.92 -35.20
C GLU B 339 -33.31 0.45 -35.31
N GLU B 340 -33.86 1.48 -34.66
CA GLU B 340 -33.26 2.82 -34.63
C GLU B 340 -32.28 2.98 -33.48
N GLY B 341 -32.01 1.93 -32.73
CA GLY B 341 -31.10 2.03 -31.61
C GLY B 341 -31.69 2.51 -30.30
N TYR B 342 -33.02 2.58 -30.17
CA TYR B 342 -33.65 3.06 -28.93
C TYR B 342 -34.31 1.91 -28.17
N ARG B 343 -34.14 1.91 -26.86
CA ARG B 343 -34.60 0.80 -26.04
C ARG B 343 -36.08 0.97 -25.74
N HIS B 344 -36.86 -0.04 -26.16
CA HIS B 344 -38.31 0.00 -26.12
C HIS B 344 -38.84 -1.36 -25.71
N ILE B 345 -40.10 -1.39 -25.30
CA ILE B 345 -40.70 -2.62 -24.81
C ILE B 345 -41.13 -3.47 -26.00
N CYS B 346 -40.61 -4.69 -26.05
CA CYS B 346 -40.97 -5.66 -27.07
C CYS B 346 -41.79 -6.77 -26.40
N TYR B 347 -42.83 -7.24 -27.09
CA TYR B 347 -43.75 -8.25 -26.59
C TYR B 347 -43.50 -9.55 -27.36
N PHE B 348 -43.13 -10.60 -26.64
CA PHE B 348 -42.76 -11.90 -27.20
C PHE B 348 -43.80 -12.95 -26.87
N GLN B 349 -44.10 -13.83 -27.82
CA GLN B 349 -44.67 -15.13 -27.46
C GLN B 349 -43.53 -16.10 -27.22
N ILE B 350 -43.70 -17.03 -26.25
CA ILE B 350 -42.52 -17.79 -25.81
C ILE B 350 -41.97 -18.67 -26.92
N ASP B 351 -42.80 -19.10 -27.86
CA ASP B 351 -42.33 -19.96 -28.94
C ASP B 351 -42.36 -19.30 -30.31
N LYS B 352 -42.24 -17.97 -30.38
CA LYS B 352 -42.15 -17.27 -31.66
C LYS B 352 -40.93 -16.36 -31.60
N LYS B 353 -40.13 -16.32 -32.67
CA LYS B 353 -38.89 -15.59 -32.59
C LYS B 353 -39.04 -14.10 -32.80
N ASP B 354 -40.04 -13.66 -33.54
CA ASP B 354 -40.23 -12.22 -33.75
C ASP B 354 -41.09 -11.64 -32.64
N CYS B 355 -40.61 -10.57 -32.01
CA CYS B 355 -41.40 -9.84 -31.03
C CYS B 355 -42.05 -8.61 -31.68
N THR B 356 -42.99 -8.00 -30.95
CA THR B 356 -43.70 -6.78 -31.41
C THR B 356 -43.38 -5.65 -30.44
N PHE B 357 -42.83 -4.57 -30.96
CA PHE B 357 -42.58 -3.40 -30.14
C PHE B 357 -43.89 -2.72 -29.77
N ILE B 358 -44.08 -2.45 -28.50
CA ILE B 358 -45.30 -1.78 -28.07
C ILE B 358 -45.08 -0.32 -27.72
N THR B 359 -43.82 0.11 -27.63
CA THR B 359 -43.45 1.50 -27.54
C THR B 359 -42.42 1.81 -28.63
N LYS B 360 -42.33 3.07 -29.02
CA LYS B 360 -41.34 3.49 -30.01
C LYS B 360 -41.13 4.98 -29.84
N GLY B 361 -40.06 5.47 -30.44
CA GLY B 361 -39.79 6.89 -30.48
C GLY B 361 -38.35 7.17 -30.11
N THR B 362 -38.01 8.45 -30.18
CA THR B 362 -36.65 8.94 -29.98
C THR B 362 -36.46 9.26 -28.50
N TRP B 363 -36.57 8.23 -27.67
CA TRP B 363 -36.48 8.31 -26.21
C TRP B 363 -36.40 6.86 -25.76
N GLU B 364 -36.23 6.60 -24.46
CA GLU B 364 -36.05 5.21 -24.10
C GLU B 364 -36.90 4.80 -22.90
N VAL B 365 -37.30 3.54 -22.90
CA VAL B 365 -37.83 2.92 -21.69
C VAL B 365 -36.68 2.64 -20.73
N ILE B 366 -36.82 3.11 -19.50
CA ILE B 366 -35.85 2.86 -18.45
C ILE B 366 -36.07 1.49 -17.80
N GLY B 367 -37.31 1.18 -17.44
CA GLY B 367 -37.59 -0.09 -16.79
C GLY B 367 -39.07 -0.40 -16.85
N ILE B 368 -39.39 -1.68 -16.81
CA ILE B 368 -40.77 -2.14 -16.64
C ILE B 368 -40.99 -2.33 -15.15
N GLU B 369 -42.06 -1.72 -14.62
CA GLU B 369 -42.22 -1.67 -13.17
C GLU B 369 -43.30 -2.62 -12.65
N ALA B 370 -44.35 -2.89 -13.42
CA ALA B 370 -45.40 -3.79 -12.97
C ALA B 370 -46.18 -4.22 -14.22
N LEU B 371 -46.80 -5.38 -14.14
CA LEU B 371 -47.58 -5.94 -15.22
C LEU B 371 -48.84 -6.54 -14.61
N THR B 372 -49.99 -6.10 -15.07
CA THR B 372 -51.24 -6.74 -14.65
C THR B 372 -51.89 -7.33 -15.90
N SER B 373 -53.05 -7.97 -15.69
CA SER B 373 -53.82 -8.51 -16.81
C SER B 373 -54.14 -7.44 -17.85
N ASP B 374 -54.30 -6.18 -17.41
CA ASP B 374 -54.78 -5.12 -18.30
C ASP B 374 -53.76 -4.06 -18.66
N TYR B 375 -52.71 -3.87 -17.86
CA TYR B 375 -51.83 -2.71 -18.02
C TYR B 375 -50.39 -3.13 -17.81
N LEU B 376 -49.49 -2.50 -18.54
CA LEU B 376 -48.08 -2.58 -18.19
C LEU B 376 -47.64 -1.18 -17.76
N TYR B 377 -46.90 -1.09 -16.67
CA TYR B 377 -46.40 0.18 -16.12
C TYR B 377 -44.91 0.23 -16.32
N TYR B 378 -44.41 1.38 -16.80
CA TYR B 378 -42.99 1.49 -17.07
C TYR B 378 -42.54 2.92 -16.83
N ILE B 379 -41.24 3.09 -16.60
CA ILE B 379 -40.62 4.40 -16.45
C ILE B 379 -39.91 4.72 -17.76
N SER B 380 -40.01 5.96 -18.23
CA SER B 380 -39.23 6.35 -19.40
C SER B 380 -38.83 7.82 -19.29
N ASN B 381 -37.93 8.23 -20.20
CA ASN B 381 -37.55 9.62 -20.31
C ASN B 381 -38.23 10.31 -21.51
N GLU B 382 -39.44 9.84 -21.89
CA GLU B 382 -40.13 10.44 -23.04
C GLU B 382 -40.46 11.92 -22.80
N TYR B 383 -40.91 12.26 -21.58
CA TYR B 383 -41.58 13.54 -21.37
C TYR B 383 -40.66 14.71 -21.70
N LYS B 384 -41.17 15.63 -22.53
CA LYS B 384 -40.46 16.83 -22.98
C LYS B 384 -39.14 16.50 -23.63
N GLY B 385 -38.92 15.26 -24.10
CA GLY B 385 -37.66 14.95 -24.76
C GLY B 385 -36.47 15.17 -23.87
N MET B 386 -36.62 14.94 -22.57
CA MET B 386 -35.53 15.18 -21.64
C MET B 386 -34.96 13.85 -21.20
N PRO B 387 -33.80 13.44 -21.72
CA PRO B 387 -33.25 12.13 -21.37
C PRO B 387 -32.92 12.01 -19.91
N GLY B 388 -32.71 13.13 -19.23
CA GLY B 388 -32.43 13.11 -17.82
C GLY B 388 -33.63 13.25 -16.91
N GLY B 389 -34.85 13.16 -17.46
CA GLY B 389 -36.06 13.11 -16.64
C GLY B 389 -36.62 11.69 -16.63
N ARG B 390 -37.52 11.38 -15.69
CA ARG B 390 -38.07 10.03 -15.56
C ARG B 390 -39.53 10.15 -15.16
N ASN B 391 -40.42 9.45 -15.87
CA ASN B 391 -41.82 9.47 -15.52
C ASN B 391 -42.43 8.07 -15.61
N LEU B 392 -43.49 7.86 -14.84
CA LEU B 392 -44.25 6.61 -14.86
C LEU B 392 -45.39 6.70 -15.87
N TYR B 393 -45.50 5.67 -16.70
CA TYR B 393 -46.52 5.52 -17.72
C TYR B 393 -47.21 4.19 -17.55
N LYS B 394 -48.43 4.12 -18.09
CA LYS B 394 -49.18 2.87 -18.14
C LYS B 394 -49.77 2.71 -19.53
N ILE B 395 -49.59 1.52 -20.11
CA ILE B 395 -50.04 1.26 -21.46
C ILE B 395 -51.08 0.17 -21.38
N GLN B 396 -52.19 0.37 -22.07
CA GLN B 396 -53.29 -0.59 -22.06
C GLN B 396 -52.95 -1.80 -22.94
N LEU B 397 -52.95 -3.00 -22.34
CA LEU B 397 -52.50 -4.18 -23.09
C LEU B 397 -53.46 -4.50 -24.23
N SER B 398 -54.75 -4.20 -24.09
CA SER B 398 -55.62 -4.47 -25.23
C SER B 398 -55.61 -3.36 -26.28
N ASP B 399 -54.89 -2.23 -26.08
CA ASP B 399 -54.85 -1.16 -27.09
C ASP B 399 -53.63 -0.29 -26.81
N TYR B 400 -52.52 -0.58 -27.53
CA TYR B 400 -51.24 0.10 -27.29
C TYR B 400 -51.28 1.59 -27.60
N THR B 401 -52.28 2.07 -28.34
CA THR B 401 -52.43 3.51 -28.52
C THR B 401 -52.92 4.20 -27.26
N LYS B 402 -53.34 3.47 -26.23
CA LYS B 402 -53.77 4.11 -24.99
C LYS B 402 -52.59 4.05 -24.02
N VAL B 403 -51.82 5.13 -23.98
CA VAL B 403 -50.68 5.28 -23.08
C VAL B 403 -50.94 6.51 -22.22
N THR B 404 -50.96 6.34 -20.90
CA THR B 404 -51.22 7.43 -19.96
C THR B 404 -49.94 7.74 -19.21
N CYS B 405 -49.55 9.03 -19.13
CA CYS B 405 -48.46 9.41 -18.22
C CYS B 405 -49.07 9.63 -16.85
N LEU B 406 -48.66 8.81 -15.88
CA LEU B 406 -49.22 8.88 -14.54
C LEU B 406 -48.54 9.98 -13.70
N SER B 407 -47.28 10.34 -13.98
CA SER B 407 -46.58 11.27 -13.11
C SER B 407 -46.21 12.61 -13.76
N CYS B 408 -46.26 12.73 -15.10
CA CYS B 408 -45.72 13.89 -15.81
C CYS B 408 -46.26 15.20 -15.23
N GLU B 409 -47.57 15.25 -15.01
CA GLU B 409 -48.24 16.52 -14.73
C GLU B 409 -48.65 16.67 -13.27
N LEU B 410 -48.17 15.79 -12.39
CA LEU B 410 -48.54 15.95 -10.97
C LEU B 410 -47.97 17.24 -10.39
N ASN B 411 -46.69 17.51 -10.62
CA ASN B 411 -46.07 18.77 -10.24
C ASN B 411 -44.91 18.99 -11.18
N PRO B 412 -45.19 19.50 -12.36
CA PRO B 412 -44.18 19.52 -13.41
C PRO B 412 -43.02 20.45 -13.09
N GLU B 413 -43.22 21.47 -12.23
CA GLU B 413 -42.11 22.34 -11.88
C GLU B 413 -41.20 21.67 -10.88
N ARG B 414 -41.80 21.00 -9.90
CA ARG B 414 -41.04 20.40 -8.83
C ARG B 414 -40.55 19.01 -9.19
N CYS B 415 -41.31 18.26 -10.00
CA CYS B 415 -41.08 16.81 -10.13
C CYS B 415 -40.92 16.39 -11.59
N GLN B 416 -39.69 16.09 -11.97
CA GLN B 416 -39.40 15.56 -13.29
C GLN B 416 -38.64 14.25 -13.24
N TYR B 417 -38.37 13.69 -12.06
CA TYR B 417 -37.59 12.45 -11.94
C TYR B 417 -38.31 11.55 -10.95
N TYR B 418 -38.99 10.52 -11.45
CA TYR B 418 -39.74 9.64 -10.60
C TYR B 418 -39.14 8.25 -10.60
N SER B 419 -39.23 7.57 -9.47
CA SER B 419 -39.27 6.11 -9.42
C SER B 419 -40.59 5.71 -8.77
N VAL B 420 -40.87 4.40 -8.73
CA VAL B 420 -42.17 3.91 -8.26
C VAL B 420 -41.98 2.62 -7.47
N SER B 421 -42.89 2.40 -6.52
CA SER B 421 -42.95 1.14 -5.78
C SER B 421 -44.39 0.72 -5.71
N PHE B 422 -44.73 -0.39 -6.35
CA PHE B 422 -46.08 -0.93 -6.39
C PHE B 422 -46.28 -1.90 -5.25
N SER B 423 -47.52 -1.98 -4.77
CA SER B 423 -47.84 -3.03 -3.81
C SER B 423 -47.84 -4.39 -4.51
N LYS B 424 -48.17 -5.44 -3.76
CA LYS B 424 -47.92 -6.82 -4.22
C LYS B 424 -48.61 -7.12 -5.53
N GLU B 425 -49.91 -6.82 -5.66
CA GLU B 425 -50.61 -7.06 -6.93
C GLU B 425 -50.89 -5.75 -7.65
N ALA B 426 -50.06 -4.75 -7.39
CA ALA B 426 -50.12 -3.46 -8.03
C ALA B 426 -51.44 -2.75 -7.75
N LYS B 427 -52.07 -3.00 -6.60
CA LYS B 427 -53.29 -2.24 -6.36
C LYS B 427 -52.98 -0.82 -5.90
N TYR B 428 -51.78 -0.58 -5.37
CA TYR B 428 -51.36 0.76 -4.99
C TYR B 428 -49.94 1.01 -5.50
N TYR B 429 -49.58 2.30 -5.63
CA TYR B 429 -48.18 2.61 -5.90
C TYR B 429 -47.73 3.88 -5.17
N GLN B 430 -46.50 3.84 -4.69
CA GLN B 430 -45.83 5.00 -4.11
C GLN B 430 -44.99 5.61 -5.21
N LEU B 431 -45.22 6.89 -5.50
CA LEU B 431 -44.31 7.64 -6.36
C LEU B 431 -43.28 8.38 -5.52
N ARG B 432 -42.03 8.32 -5.96
CA ARG B 432 -40.90 9.01 -5.34
C ARG B 432 -40.33 9.99 -6.37
N CYS B 433 -40.62 11.25 -6.18
CA CYS B 433 -40.05 12.31 -6.99
C CYS B 433 -38.73 12.75 -6.37
N SER B 434 -37.67 12.83 -7.16
CA SER B 434 -36.39 13.16 -6.56
C SER B 434 -35.79 14.46 -7.11
N GLY B 435 -36.54 15.22 -7.91
CA GLY B 435 -36.07 16.51 -8.39
C GLY B 435 -36.88 17.00 -9.56
N PRO B 436 -36.61 18.23 -10.03
CA PRO B 436 -35.52 19.14 -9.60
C PRO B 436 -35.78 19.82 -8.27
N GLY B 437 -36.99 19.82 -7.73
CA GLY B 437 -37.24 20.33 -6.40
C GLY B 437 -36.97 19.29 -5.33
N LEU B 438 -37.41 19.62 -4.11
CA LEU B 438 -37.17 18.71 -2.99
C LEU B 438 -37.95 17.40 -3.19
N PRO B 439 -37.40 16.27 -2.73
CA PRO B 439 -38.07 14.99 -2.97
C PRO B 439 -39.45 15.01 -2.38
N LEU B 440 -40.35 14.31 -3.06
CA LEU B 440 -41.77 14.29 -2.73
C LEU B 440 -42.27 12.87 -2.89
N TYR B 441 -42.85 12.32 -1.83
CA TYR B 441 -43.33 10.95 -1.81
C TYR B 441 -44.82 10.95 -1.65
N THR B 442 -45.50 10.26 -2.55
CA THR B 442 -46.96 10.25 -2.58
C THR B 442 -47.47 8.83 -2.79
N LEU B 443 -48.70 8.58 -2.36
CA LEU B 443 -49.33 7.28 -2.55
C LEU B 443 -50.55 7.40 -3.45
N HIS B 444 -50.76 6.38 -4.29
CA HIS B 444 -51.79 6.44 -5.32
C HIS B 444 -52.49 5.09 -5.36
N SER B 445 -53.75 5.10 -5.78
CA SER B 445 -54.51 3.86 -5.98
C SER B 445 -54.61 3.56 -7.48
N SER B 446 -54.19 2.34 -7.88
CA SER B 446 -54.19 1.96 -9.30
C SER B 446 -55.59 1.82 -9.91
N VAL B 447 -56.60 1.53 -9.11
CA VAL B 447 -57.95 1.35 -9.63
C VAL B 447 -58.41 2.58 -10.42
N ASN B 448 -58.07 3.78 -9.97
CA ASN B 448 -58.38 4.94 -10.80
C ASN B 448 -57.33 6.03 -10.72
N ASP B 449 -56.10 5.67 -10.37
CA ASP B 449 -54.94 6.55 -10.46
C ASP B 449 -55.14 7.84 -9.67
N LYS B 450 -55.91 7.77 -8.58
CA LYS B 450 -56.11 8.95 -7.74
C LYS B 450 -54.98 9.05 -6.73
N GLY B 451 -54.54 10.29 -6.49
CA GLY B 451 -53.61 10.56 -5.41
C GLY B 451 -54.30 10.30 -4.09
N LEU B 452 -53.77 9.40 -3.28
CA LEU B 452 -54.40 9.15 -1.99
C LEU B 452 -53.93 10.14 -0.91
N ARG B 453 -52.63 10.40 -0.81
CA ARG B 453 -52.09 11.30 0.22
C ARG B 453 -50.63 11.54 -0.07
N VAL B 454 -50.14 12.65 0.46
CA VAL B 454 -48.72 12.96 0.43
C VAL B 454 -48.05 12.26 1.61
N LEU B 455 -47.04 11.44 1.35
CA LEU B 455 -46.40 10.72 2.41
C LEU B 455 -45.31 11.56 3.04
N GLU B 456 -44.57 12.30 2.21
CA GLU B 456 -43.45 13.11 2.72
C GLU B 456 -43.19 14.19 1.70
N ASP B 457 -43.27 15.46 2.11
CA ASP B 457 -43.00 16.54 1.16
C ASP B 457 -41.77 17.37 1.51
N ASN B 458 -41.06 17.04 2.57
CA ASN B 458 -39.83 17.72 2.94
C ASN B 458 -40.09 19.20 3.23
N SER B 459 -41.28 19.53 3.75
CA SER B 459 -41.58 20.93 4.03
C SER B 459 -40.65 21.51 5.10
N ALA B 460 -40.24 20.70 6.08
CA ALA B 460 -39.32 21.21 7.12
C ALA B 460 -37.97 21.61 6.52
N LEU B 461 -37.40 20.76 5.65
CA LEU B 461 -36.15 21.12 4.99
C LEU B 461 -36.34 22.33 4.08
N ASP B 462 -37.48 22.41 3.38
CA ASP B 462 -37.80 23.61 2.60
C ASP B 462 -37.65 24.86 3.46
N LYS B 463 -38.33 24.89 4.62
CA LYS B 463 -38.24 26.07 5.49
C LYS B 463 -36.80 26.37 5.85
N MET B 464 -36.03 25.33 6.23
CA MET B 464 -34.62 25.57 6.60
C MET B 464 -33.81 26.14 5.44
N LEU B 465 -33.98 25.57 4.24
CA LEU B 465 -33.16 25.99 3.12
C LEU B 465 -33.50 27.41 2.69
N GLN B 466 -34.69 27.89 3.04
CA GLN B 466 -35.05 29.24 2.61
C GLN B 466 -34.08 30.27 3.20
N ASN B 467 -33.56 30.01 4.42
CA ASN B 467 -32.52 30.81 5.08
C ASN B 467 -31.10 30.50 4.64
N VAL B 468 -30.86 29.75 3.57
CA VAL B 468 -29.51 29.48 3.07
C VAL B 468 -29.40 30.00 1.64
N GLN B 469 -28.23 30.55 1.29
CA GLN B 469 -27.96 30.91 -0.11
C GLN B 469 -27.64 29.68 -0.93
N MET B 470 -28.71 29.00 -1.36
CA MET B 470 -28.54 27.76 -2.09
C MET B 470 -28.14 28.05 -3.54
N PRO B 471 -27.33 27.18 -4.14
CA PRO B 471 -27.05 27.31 -5.57
C PRO B 471 -28.28 26.91 -6.36
N SER B 472 -28.28 27.22 -7.63
CA SER B 472 -29.33 26.73 -8.53
C SER B 472 -28.71 25.73 -9.49
N LYS B 473 -29.53 25.13 -10.32
CA LYS B 473 -29.05 24.14 -11.28
C LYS B 473 -29.65 24.43 -12.64
N LYS B 474 -28.81 24.50 -13.66
CA LYS B 474 -29.28 24.61 -15.04
C LYS B 474 -29.05 23.27 -15.71
N LEU B 475 -30.07 22.76 -16.39
CA LEU B 475 -29.98 21.56 -17.20
C LEU B 475 -30.31 21.96 -18.63
N ASP B 476 -29.38 21.73 -19.56
CA ASP B 476 -29.61 22.19 -20.92
C ASP B 476 -28.73 21.35 -21.85
N PHE B 477 -28.57 21.81 -23.08
CA PHE B 477 -27.81 21.02 -24.03
C PHE B 477 -27.01 21.94 -24.95
N ILE B 478 -26.00 21.37 -25.60
CA ILE B 478 -25.35 22.01 -26.72
C ILE B 478 -25.45 21.06 -27.91
N ILE B 479 -25.49 21.62 -29.12
CA ILE B 479 -25.54 20.82 -30.35
C ILE B 479 -24.11 20.66 -30.88
N LEU B 480 -23.66 19.41 -31.02
CA LEU B 480 -22.40 19.06 -31.69
C LEU B 480 -22.68 18.03 -32.78
N ASN B 481 -22.31 18.38 -34.03
CA ASN B 481 -22.56 17.55 -35.20
C ASN B 481 -24.03 17.22 -35.33
N GLU B 482 -24.87 18.25 -35.17
CA GLU B 482 -26.31 18.12 -35.25
C GLU B 482 -26.86 17.12 -34.24
N THR B 483 -26.09 16.84 -33.17
CA THR B 483 -26.54 16.00 -32.05
C THR B 483 -26.63 16.81 -30.76
N LYS B 484 -27.75 16.70 -30.05
CA LYS B 484 -27.87 17.31 -28.73
C LYS B 484 -27.06 16.51 -27.71
N PHE B 485 -26.23 17.20 -26.94
CA PHE B 485 -25.56 16.62 -25.80
C PHE B 485 -25.89 17.46 -24.58
N TRP B 486 -26.34 16.79 -23.52
CA TRP B 486 -26.88 17.50 -22.37
C TRP B 486 -25.79 17.76 -21.33
N TYR B 487 -25.89 18.90 -20.68
CA TYR B 487 -25.01 19.22 -19.59
C TYR B 487 -25.87 19.80 -18.48
N GLN B 488 -25.30 19.82 -17.28
CA GLN B 488 -25.88 20.57 -16.18
C GLN B 488 -24.80 21.41 -15.54
N MET B 489 -25.21 22.49 -14.91
CA MET B 489 -24.33 23.36 -14.14
C MET B 489 -24.97 23.61 -12.79
N ILE B 490 -24.21 23.40 -11.73
CA ILE B 490 -24.53 23.91 -10.41
C ILE B 490 -23.96 25.31 -10.35
N LEU B 491 -24.85 26.30 -10.24
CA LEU B 491 -24.48 27.69 -10.33
C LEU B 491 -24.54 28.37 -8.96
N PRO B 492 -23.57 29.21 -8.64
CA PRO B 492 -23.58 29.92 -7.36
C PRO B 492 -24.81 30.77 -7.20
N PRO B 493 -25.24 31.04 -5.97
CA PRO B 493 -26.35 31.96 -5.73
C PRO B 493 -26.05 33.33 -6.32
N HIS B 494 -27.10 34.04 -6.74
CA HIS B 494 -26.92 35.35 -7.39
C HIS B 494 -25.99 35.25 -8.59
N PHE B 495 -26.13 34.16 -9.34
CA PHE B 495 -25.30 33.96 -10.51
C PHE B 495 -25.47 35.09 -11.53
N ASP B 496 -24.34 35.62 -11.99
CA ASP B 496 -24.29 36.82 -12.83
C ASP B 496 -23.54 36.49 -14.11
N LYS B 497 -24.26 36.47 -15.23
CA LYS B 497 -23.69 36.07 -16.52
C LYS B 497 -22.58 36.99 -16.98
N SER B 498 -22.49 38.19 -16.44
CA SER B 498 -21.48 39.15 -16.88
C SER B 498 -20.14 38.96 -16.16
N LYS B 499 -20.11 38.10 -15.14
CA LYS B 499 -18.91 37.80 -14.36
C LYS B 499 -18.34 36.46 -14.77
N LYS B 500 -17.05 36.30 -14.46
CA LYS B 500 -16.31 35.13 -14.87
C LYS B 500 -16.08 34.29 -13.61
N TYR B 501 -16.53 33.06 -13.64
CA TYR B 501 -16.45 32.19 -12.49
C TYR B 501 -15.44 31.09 -12.75
N PRO B 502 -14.74 30.62 -11.72
CA PRO B 502 -14.01 29.36 -11.88
C PRO B 502 -15.01 28.24 -12.09
N LEU B 503 -14.56 27.20 -12.81
CA LEU B 503 -15.44 26.10 -13.16
C LEU B 503 -14.73 24.79 -12.82
N LEU B 504 -15.46 23.90 -12.17
CA LEU B 504 -15.03 22.53 -11.88
C LEU B 504 -15.88 21.59 -12.73
N LEU B 505 -15.25 20.84 -13.62
CA LEU B 505 -15.95 19.80 -14.37
C LEU B 505 -15.98 18.52 -13.53
N ASP B 506 -17.17 18.10 -13.16
CA ASP B 506 -17.41 16.92 -12.33
C ASP B 506 -17.70 15.80 -13.34
N VAL B 507 -16.79 14.85 -13.51
CA VAL B 507 -16.86 13.89 -14.61
C VAL B 507 -17.09 12.48 -14.07
N TYR B 508 -17.98 11.73 -14.71
CA TYR B 508 -17.94 10.28 -14.57
C TYR B 508 -17.73 9.64 -15.95
N ALA B 509 -18.71 9.81 -16.87
CA ALA B 509 -18.56 9.57 -18.29
C ALA B 509 -18.30 8.10 -18.66
N GLY B 510 -18.59 7.13 -17.81
CA GLY B 510 -18.53 5.75 -18.24
C GLY B 510 -19.65 5.39 -19.21
N PRO B 511 -19.55 4.22 -19.84
CA PRO B 511 -20.58 3.79 -20.81
C PRO B 511 -21.94 3.69 -20.13
N CYS B 512 -22.93 4.32 -20.74
CA CYS B 512 -24.31 4.38 -20.27
C CYS B 512 -24.46 5.21 -19.00
N SER B 513 -23.51 6.07 -18.71
CA SER B 513 -23.63 6.99 -17.59
C SER B 513 -24.57 8.15 -17.94
N GLN B 514 -24.98 8.86 -16.89
CA GLN B 514 -25.77 10.07 -17.08
C GLN B 514 -25.46 10.94 -15.89
N LYS B 515 -24.76 12.06 -16.15
CA LYS B 515 -24.44 13.03 -15.12
C LYS B 515 -25.20 14.32 -15.31
N ALA B 516 -26.02 14.44 -16.36
CA ALA B 516 -26.87 15.61 -16.56
C ALA B 516 -28.31 15.15 -16.36
N ASP B 517 -28.93 15.52 -15.24
CA ASP B 517 -30.27 15.01 -14.96
C ASP B 517 -31.03 16.03 -14.10
N THR B 518 -32.28 15.69 -13.76
CA THR B 518 -33.14 16.61 -13.03
C THR B 518 -33.13 16.33 -11.52
N VAL B 519 -32.19 15.53 -11.02
CA VAL B 519 -32.25 15.10 -9.63
C VAL B 519 -31.75 16.23 -8.73
N PHE B 520 -32.42 16.45 -7.58
CA PHE B 520 -31.99 17.41 -6.57
C PHE B 520 -30.95 16.75 -5.66
N ARG B 521 -29.75 17.34 -5.56
CA ARG B 521 -28.74 16.76 -4.67
C ARG B 521 -28.19 17.80 -3.70
N LEU B 522 -27.77 17.32 -2.52
CA LEU B 522 -27.03 18.11 -1.54
C LEU B 522 -25.68 17.43 -1.42
N ASN B 523 -24.64 18.02 -2.01
CA ASN B 523 -23.40 17.28 -2.04
C ASN B 523 -22.24 18.27 -2.07
N TRP B 524 -21.05 17.76 -2.41
CA TRP B 524 -19.87 18.63 -2.38
C TRP B 524 -20.05 19.79 -3.34
N ALA B 525 -20.63 19.52 -4.51
CA ALA B 525 -20.83 20.59 -5.49
C ALA B 525 -21.71 21.68 -4.93
N THR B 526 -22.70 21.30 -4.11
CA THR B 526 -23.56 22.31 -3.49
C THR B 526 -22.72 23.30 -2.68
N TYR B 527 -21.76 22.77 -1.91
CA TYR B 527 -20.88 23.65 -1.14
C TYR B 527 -19.97 24.47 -2.06
N LEU B 528 -19.40 23.84 -3.09
CA LEU B 528 -18.47 24.56 -3.95
C LEU B 528 -19.15 25.75 -4.60
N ALA B 529 -20.37 25.53 -5.12
CA ALA B 529 -21.16 26.59 -5.73
C ALA B 529 -21.62 27.63 -4.69
N SER B 530 -22.22 27.17 -3.59
CA SER B 530 -22.83 28.09 -2.62
C SER B 530 -21.76 28.93 -1.91
N THR B 531 -20.74 28.28 -1.36
CA THR B 531 -19.75 29.01 -0.58
C THR B 531 -18.56 29.48 -1.41
N GLU B 532 -18.00 28.65 -2.29
CA GLU B 532 -16.79 29.05 -2.99
C GLU B 532 -17.09 29.73 -4.32
N ASN B 533 -18.36 29.85 -4.69
CA ASN B 533 -18.75 30.53 -5.94
C ASN B 533 -18.07 29.90 -7.16
N ILE B 534 -18.01 28.57 -7.15
CA ILE B 534 -17.52 27.77 -8.25
C ILE B 534 -18.74 27.21 -9.01
N ILE B 535 -18.72 27.34 -10.33
CA ILE B 535 -19.67 26.61 -11.16
C ILE B 535 -19.22 25.15 -11.24
N VAL B 536 -20.10 24.22 -10.86
CA VAL B 536 -19.77 22.79 -11.00
C VAL B 536 -20.57 22.21 -12.16
N ALA B 537 -19.89 21.82 -13.23
CA ALA B 537 -20.53 21.41 -14.48
C ALA B 537 -20.34 19.91 -14.72
N SER B 538 -21.36 19.29 -15.34
CA SER B 538 -21.20 17.93 -15.83
C SER B 538 -21.80 17.84 -17.22
N PHE B 539 -21.29 16.88 -17.99
CA PHE B 539 -21.59 16.77 -19.41
C PHE B 539 -21.71 15.31 -19.82
N ASP B 540 -22.73 15.04 -20.64
CA ASP B 540 -22.99 13.68 -21.12
C ASP B 540 -22.66 13.64 -22.60
N GLY B 541 -21.45 13.18 -22.92
CA GLY B 541 -20.97 13.07 -24.28
C GLY B 541 -21.17 11.68 -24.86
N ARG B 542 -20.38 11.37 -25.88
CA ARG B 542 -20.47 10.06 -26.52
C ARG B 542 -20.15 8.97 -25.50
N GLY B 543 -20.88 7.86 -25.61
CA GLY B 543 -20.85 6.82 -24.61
C GLY B 543 -21.92 6.94 -23.53
N SER B 544 -22.53 8.12 -23.34
CA SER B 544 -23.49 8.26 -22.25
C SER B 544 -24.81 7.57 -22.59
N GLY B 545 -25.64 7.34 -21.56
CA GLY B 545 -26.78 6.46 -21.67
C GLY B 545 -28.14 7.16 -21.97
N TYR B 546 -29.15 6.31 -22.19
CA TYR B 546 -30.57 6.74 -22.23
C TYR B 546 -30.90 7.63 -23.43
N GLN B 547 -30.04 7.65 -24.45
CA GLN B 547 -30.24 8.49 -25.61
C GLN B 547 -30.06 7.72 -26.91
N GLY B 548 -30.12 6.40 -26.86
CA GLY B 548 -29.96 5.61 -28.04
C GLY B 548 -28.55 5.04 -28.19
N ASP B 549 -28.48 3.96 -28.97
CA ASP B 549 -27.22 3.24 -29.18
C ASP B 549 -26.21 4.04 -30.01
N LYS B 550 -26.67 4.90 -30.91
CA LYS B 550 -25.71 5.69 -31.66
C LYS B 550 -24.81 6.49 -30.72
N ILE B 551 -25.38 7.04 -29.63
CA ILE B 551 -24.54 7.71 -28.66
C ILE B 551 -23.87 6.70 -27.74
N MET B 552 -24.63 5.76 -27.19
CA MET B 552 -24.05 4.82 -26.23
C MET B 552 -22.87 4.01 -26.79
N HIS B 553 -23.04 3.42 -27.98
CA HIS B 553 -22.03 2.54 -28.52
C HIS B 553 -20.91 3.29 -29.21
N ALA B 554 -20.91 4.63 -29.16
CA ALA B 554 -19.86 5.36 -29.87
C ALA B 554 -18.48 5.06 -29.29
N ILE B 555 -18.38 4.60 -28.04
CA ILE B 555 -17.08 4.27 -27.47
C ILE B 555 -16.80 2.76 -27.48
N ASN B 556 -17.62 1.97 -28.20
CA ASN B 556 -17.40 0.53 -28.27
C ASN B 556 -15.96 0.22 -28.70
N ARG B 557 -15.30 -0.67 -27.97
CA ARG B 557 -13.90 -1.06 -28.21
C ARG B 557 -12.89 0.10 -28.09
N ARG B 558 -13.33 1.25 -27.58
CA ARG B 558 -12.52 2.46 -27.63
C ARG B 558 -12.69 3.26 -26.33
N LEU B 559 -12.66 2.61 -25.18
CA LEU B 559 -12.69 3.39 -23.93
C LEU B 559 -11.47 4.32 -23.89
N GLY B 560 -11.62 5.48 -23.26
CA GLY B 560 -10.53 6.42 -23.21
C GLY B 560 -10.36 7.26 -24.46
N THR B 561 -11.37 7.32 -25.34
CA THR B 561 -11.21 8.22 -26.47
C THR B 561 -12.29 9.29 -26.53
N PHE B 562 -13.48 8.96 -27.06
CA PHE B 562 -14.44 10.02 -27.37
C PHE B 562 -15.04 10.60 -26.10
N GLU B 563 -15.28 9.77 -25.09
CA GLU B 563 -15.84 10.28 -23.86
C GLU B 563 -14.85 11.19 -23.14
N VAL B 564 -13.54 10.99 -23.35
CA VAL B 564 -12.51 11.92 -22.86
C VAL B 564 -12.51 13.22 -23.67
N GLU B 565 -12.45 13.07 -25.00
CA GLU B 565 -12.42 14.24 -25.89
C GLU B 565 -13.63 15.11 -25.66
N ASP B 566 -14.79 14.50 -25.46
CA ASP B 566 -16.00 15.30 -25.32
C ASP B 566 -16.04 16.09 -24.02
N GLN B 567 -15.45 15.59 -22.92
CA GLN B 567 -15.30 16.40 -21.72
C GLN B 567 -14.41 17.60 -21.99
N ILE B 568 -13.30 17.40 -22.72
CA ILE B 568 -12.47 18.57 -23.09
C ILE B 568 -13.29 19.56 -23.94
N GLU B 569 -13.97 19.07 -24.98
CA GLU B 569 -14.77 19.96 -25.84
C GLU B 569 -15.85 20.68 -25.03
N ALA B 570 -16.49 19.97 -24.11
CA ALA B 570 -17.49 20.59 -23.23
C ALA B 570 -16.90 21.76 -22.48
N ALA B 571 -15.69 21.58 -21.90
CA ALA B 571 -15.05 22.69 -21.21
C ALA B 571 -14.78 23.87 -22.15
N ARG B 572 -14.34 23.60 -23.38
CA ARG B 572 -14.17 24.70 -24.34
C ARG B 572 -15.49 25.42 -24.59
N GLN B 573 -16.56 24.64 -24.73
CA GLN B 573 -17.89 25.19 -24.98
C GLN B 573 -18.35 26.05 -23.82
N PHE B 574 -18.17 25.55 -22.59
CA PHE B 574 -18.54 26.32 -21.40
C PHE B 574 -17.74 27.61 -21.33
N SER B 575 -16.44 27.56 -21.63
CA SER B 575 -15.61 28.79 -21.65
C SER B 575 -16.23 29.83 -22.61
N LYS B 576 -16.63 29.41 -23.80
CA LYS B 576 -17.25 30.31 -24.82
C LYS B 576 -18.54 30.95 -24.32
N MET B 577 -19.16 30.42 -23.27
CA MET B 577 -20.44 30.98 -22.75
C MET B 577 -20.21 32.34 -22.07
N GLY B 578 -18.97 32.70 -21.73
CA GLY B 578 -18.69 34.07 -21.23
C GLY B 578 -18.66 34.26 -19.73
N PHE B 579 -19.10 33.30 -18.94
CA PHE B 579 -19.18 33.42 -17.47
C PHE B 579 -18.12 32.52 -16.81
N VAL B 580 -17.16 32.05 -17.60
CA VAL B 580 -16.12 31.16 -17.08
C VAL B 580 -14.78 31.86 -17.19
N ASP B 581 -14.05 31.92 -16.08
CA ASP B 581 -12.64 32.30 -16.09
C ASP B 581 -11.84 31.16 -16.69
N ASN B 582 -11.34 31.34 -17.91
CA ASN B 582 -10.70 30.19 -18.53
C ASN B 582 -9.32 29.90 -17.96
N LYS B 583 -8.83 30.73 -17.05
CA LYS B 583 -7.61 30.45 -16.33
C LYS B 583 -7.86 29.58 -15.10
N ARG B 584 -9.11 29.31 -14.77
CA ARG B 584 -9.45 28.58 -13.56
C ARG B 584 -10.48 27.49 -13.86
N ILE B 585 -10.12 26.57 -14.75
CA ILE B 585 -10.94 25.41 -15.02
C ILE B 585 -10.27 24.17 -14.44
N ALA B 586 -11.00 23.43 -13.64
CA ALA B 586 -10.48 22.22 -13.00
C ALA B 586 -11.37 21.05 -13.39
N ILE B 587 -10.95 19.83 -13.03
CA ILE B 587 -11.72 18.63 -13.36
C ILE B 587 -11.51 17.58 -12.29
N TRP B 588 -12.56 16.81 -11.99
CA TRP B 588 -12.41 15.78 -10.97
C TRP B 588 -13.42 14.66 -11.24
N GLY B 589 -13.12 13.49 -10.69
CA GLY B 589 -14.04 12.37 -10.83
C GLY B 589 -13.52 11.20 -10.02
N TRP B 590 -14.43 10.24 -9.83
CA TRP B 590 -14.16 9.06 -9.01
C TRP B 590 -14.29 7.84 -9.90
N SER B 591 -13.32 6.92 -9.79
CA SER B 591 -13.39 5.63 -10.48
C SER B 591 -13.29 5.83 -11.99
N TYR B 592 -14.34 5.46 -12.79
CA TYR B 592 -14.28 5.82 -14.21
C TYR B 592 -14.04 7.32 -14.35
N GLY B 593 -14.63 8.12 -13.46
CA GLY B 593 -14.44 9.56 -13.50
C GLY B 593 -13.01 9.96 -13.18
N GLY B 594 -12.32 9.17 -12.35
CA GLY B 594 -10.91 9.46 -12.10
C GLY B 594 -10.07 9.06 -13.30
N TYR B 595 -10.46 7.98 -13.98
CA TYR B 595 -9.80 7.64 -15.24
C TYR B 595 -9.94 8.77 -16.23
N VAL B 596 -11.17 9.24 -16.44
CA VAL B 596 -11.36 10.28 -17.44
C VAL B 596 -10.67 11.56 -17.03
N THR B 597 -10.79 11.94 -15.74
CA THR B 597 -10.04 13.09 -15.27
C THR B 597 -8.57 12.98 -15.61
N SER B 598 -7.98 11.81 -15.35
CA SER B 598 -6.54 11.64 -15.56
C SER B 598 -6.20 11.71 -17.04
N MET B 599 -7.00 11.04 -17.88
CA MET B 599 -6.81 11.08 -19.33
C MET B 599 -6.87 12.52 -19.83
N VAL B 600 -7.84 13.30 -19.33
CA VAL B 600 -7.97 14.69 -19.74
C VAL B 600 -6.74 15.47 -19.27
N LEU B 601 -6.32 15.27 -18.03
CA LEU B 601 -5.20 16.04 -17.52
C LEU B 601 -3.91 15.65 -18.25
N GLY B 602 -3.82 14.41 -18.75
CA GLY B 602 -2.67 14.00 -19.52
C GLY B 602 -2.80 14.27 -20.99
N SER B 603 -3.87 14.96 -21.41
CA SER B 603 -4.05 15.09 -22.85
C SER B 603 -3.20 16.18 -23.47
N GLY B 604 -2.62 17.10 -22.69
CA GLY B 604 -1.95 18.24 -23.30
C GLY B 604 -2.87 19.33 -23.81
N SER B 605 -4.17 19.31 -23.49
CA SER B 605 -5.10 20.26 -24.10
C SER B 605 -4.89 21.69 -23.64
N GLY B 606 -4.23 21.88 -22.51
CA GLY B 606 -4.07 23.19 -21.94
C GLY B 606 -5.33 23.79 -21.34
N VAL B 607 -6.46 23.09 -21.42
CA VAL B 607 -7.73 23.69 -20.98
C VAL B 607 -7.82 23.75 -19.46
N PHE B 608 -7.24 22.78 -18.77
CA PHE B 608 -7.45 22.58 -17.34
C PHE B 608 -6.23 22.95 -16.53
N LYS B 609 -6.45 23.75 -15.49
CA LYS B 609 -5.35 24.12 -14.60
C LYS B 609 -4.96 22.95 -13.67
N CYS B 610 -5.95 22.19 -13.19
CA CYS B 610 -5.70 21.21 -12.14
C CYS B 610 -6.81 20.17 -12.12
N GLY B 611 -6.55 19.06 -11.45
CA GLY B 611 -7.61 18.09 -11.31
C GLY B 611 -7.35 17.09 -10.22
N ILE B 612 -8.42 16.38 -9.82
CA ILE B 612 -8.41 15.39 -8.75
C ILE B 612 -8.93 14.07 -9.31
N ALA B 613 -8.15 13.00 -9.17
CA ALA B 613 -8.63 11.68 -9.57
C ALA B 613 -8.77 10.84 -8.30
N VAL B 614 -9.97 10.35 -8.02
CA VAL B 614 -10.19 9.49 -6.85
C VAL B 614 -10.41 8.04 -7.30
N ALA B 615 -9.63 7.12 -6.72
CA ALA B 615 -9.56 5.71 -7.10
C ALA B 615 -9.71 5.48 -8.61
N PRO B 616 -8.86 6.10 -9.41
CA PRO B 616 -9.01 5.96 -10.85
C PRO B 616 -8.70 4.56 -11.37
N VAL B 617 -9.40 4.14 -12.45
CA VAL B 617 -8.80 3.15 -13.35
C VAL B 617 -7.63 3.83 -14.05
N SER B 618 -6.53 3.10 -14.25
CA SER B 618 -5.43 3.65 -15.04
C SER B 618 -5.05 2.81 -16.25
N ARG B 619 -5.48 1.56 -16.30
CA ARG B 619 -5.11 0.68 -17.41
C ARG B 619 -6.13 -0.44 -17.43
N TRP B 620 -6.80 -0.65 -18.56
CA TRP B 620 -7.96 -1.53 -18.59
C TRP B 620 -7.59 -2.97 -18.31
N GLU B 621 -6.34 -3.40 -18.61
CA GLU B 621 -5.98 -4.76 -18.20
C GLU B 621 -5.96 -4.95 -16.67
N TYR B 622 -5.95 -3.88 -15.88
CA TYR B 622 -6.06 -4.07 -14.42
C TYR B 622 -7.49 -4.27 -13.92
N TYR B 623 -8.50 -3.94 -14.74
CA TYR B 623 -9.87 -3.99 -14.25
C TYR B 623 -10.50 -5.36 -14.59
N ASP B 624 -11.70 -5.62 -14.05
CA ASP B 624 -12.17 -7.01 -14.13
C ASP B 624 -12.67 -7.35 -15.54
N SER B 625 -12.74 -8.66 -15.83
CA SER B 625 -13.03 -9.12 -17.19
C SER B 625 -14.45 -8.75 -17.65
N VAL B 626 -15.46 -8.97 -16.81
CA VAL B 626 -16.83 -8.86 -17.31
C VAL B 626 -17.13 -7.43 -17.77
N TYR B 627 -16.87 -6.46 -16.89
CA TYR B 627 -17.03 -5.07 -17.24
C TYR B 627 -16.11 -4.69 -18.40
N THR B 628 -14.80 -4.99 -18.27
CA THR B 628 -13.86 -4.41 -19.24
C THR B 628 -14.08 -4.97 -20.63
N GLU B 629 -14.21 -6.30 -20.72
CA GLU B 629 -14.36 -6.97 -22.01
C GLU B 629 -15.68 -6.62 -22.69
N ARG B 630 -16.72 -6.30 -21.88
CA ARG B 630 -17.97 -5.86 -22.48
C ARG B 630 -17.76 -4.74 -23.48
N TYR B 631 -16.91 -3.78 -23.13
CA TYR B 631 -16.67 -2.62 -23.97
C TYR B 631 -15.41 -2.76 -24.78
N MET B 632 -14.42 -3.54 -24.31
CA MET B 632 -13.10 -3.48 -24.89
C MET B 632 -12.72 -4.76 -25.61
N GLY B 633 -13.56 -5.79 -25.56
CA GLY B 633 -13.09 -7.02 -26.15
C GLY B 633 -11.93 -7.57 -25.32
N LEU B 634 -11.14 -8.46 -25.97
CA LEU B 634 -10.07 -9.16 -25.27
C LEU B 634 -8.72 -8.50 -25.50
N PRO B 635 -7.84 -8.49 -24.49
CA PRO B 635 -6.55 -7.81 -24.67
C PRO B 635 -5.52 -8.70 -25.35
N THR B 636 -5.83 -9.12 -26.56
CA THR B 636 -4.97 -9.99 -27.34
C THR B 636 -4.64 -9.33 -28.67
N PRO B 637 -3.50 -9.71 -29.28
CA PRO B 637 -3.17 -9.19 -30.61
C PRO B 637 -4.28 -9.41 -31.62
N GLU B 638 -5.02 -10.55 -31.54
CA GLU B 638 -6.07 -10.82 -32.52
C GLU B 638 -7.30 -9.98 -32.24
N ASP B 639 -7.48 -9.49 -31.02
CA ASP B 639 -8.71 -8.75 -30.81
C ASP B 639 -8.39 -7.27 -30.58
N ASN B 640 -8.09 -6.83 -29.35
CA ASN B 640 -8.07 -5.39 -29.15
C ASN B 640 -6.89 -4.91 -28.32
N LEU B 641 -5.78 -5.66 -28.29
CA LEU B 641 -4.69 -5.32 -27.38
C LEU B 641 -4.12 -3.93 -27.68
N ASP B 642 -4.04 -3.54 -28.96
CA ASP B 642 -3.44 -2.24 -29.28
C ASP B 642 -4.18 -1.10 -28.57
N HIS B 643 -5.51 -1.15 -28.53
CA HIS B 643 -6.21 -0.07 -27.84
C HIS B 643 -6.20 -0.23 -26.32
N TYR B 644 -6.20 -1.46 -25.80
CA TYR B 644 -5.89 -1.63 -24.39
C TYR B 644 -4.60 -0.91 -24.04
N ARG B 645 -3.58 -1.05 -24.88
CA ARG B 645 -2.30 -0.45 -24.48
C ARG B 645 -2.20 1.04 -24.78
N ASN B 646 -3.04 1.55 -25.68
CA ASN B 646 -3.03 2.94 -26.07
C ASN B 646 -3.82 3.83 -25.12
N SER B 647 -4.65 3.25 -24.27
CA SER B 647 -5.63 3.99 -23.47
C SER B 647 -5.27 4.02 -22.00
N THR B 648 -3.98 3.87 -21.66
CA THR B 648 -3.59 3.90 -20.25
C THR B 648 -3.32 5.32 -19.78
N VAL B 649 -3.50 5.56 -18.47
CA VAL B 649 -3.11 6.86 -17.94
C VAL B 649 -1.59 7.04 -18.03
N MET B 650 -0.84 5.99 -17.70
CA MET B 650 0.62 6.08 -17.55
C MET B 650 1.32 6.58 -18.80
N SER B 651 0.76 6.27 -19.99
CA SER B 651 1.44 6.67 -21.23
C SER B 651 1.39 8.18 -21.45
N ARG B 652 0.54 8.88 -20.71
CA ARG B 652 0.39 10.32 -20.78
C ARG B 652 1.19 11.05 -19.68
N ALA B 653 2.04 10.34 -18.92
CA ALA B 653 2.67 10.95 -17.73
C ALA B 653 3.37 12.28 -18.03
N GLU B 654 4.11 12.36 -19.14
CA GLU B 654 4.85 13.58 -19.46
C GLU B 654 3.94 14.82 -19.48
N ASN B 655 2.70 14.66 -19.99
CA ASN B 655 1.83 15.82 -20.12
C ASN B 655 1.36 16.34 -18.77
N PHE B 656 1.49 15.55 -17.70
CA PHE B 656 1.10 16.07 -16.38
C PHE B 656 2.05 17.16 -15.91
N LYS B 657 3.19 17.37 -16.58
CA LYS B 657 4.00 18.56 -16.29
C LYS B 657 3.19 19.85 -16.45
N GLN B 658 2.12 19.85 -17.24
CA GLN B 658 1.33 21.06 -17.51
C GLN B 658 0.30 21.40 -16.43
N VAL B 659 0.05 20.52 -15.46
CA VAL B 659 -1.11 20.60 -14.57
C VAL B 659 -0.74 20.28 -13.12
N GLU B 660 -1.65 20.65 -12.22
CA GLU B 660 -1.60 20.31 -10.80
C GLU B 660 -2.55 19.14 -10.61
N TYR B 661 -2.04 18.04 -10.11
CA TYR B 661 -2.81 16.80 -10.01
C TYR B 661 -2.83 16.32 -8.57
N LEU B 662 -3.99 15.88 -8.11
CA LEU B 662 -4.12 15.23 -6.82
C LEU B 662 -4.67 13.84 -7.08
N LEU B 663 -3.97 12.82 -6.56
CA LEU B 663 -4.27 11.41 -6.78
C LEU B 663 -4.59 10.75 -5.44
N ILE B 664 -5.72 10.08 -5.35
CA ILE B 664 -6.24 9.60 -4.08
C ILE B 664 -6.74 8.16 -4.28
N HIS B 665 -6.43 7.28 -3.33
CA HIS B 665 -6.89 5.91 -3.46
C HIS B 665 -6.91 5.23 -2.08
N GLY B 666 -7.94 4.42 -1.82
CA GLY B 666 -7.93 3.59 -0.59
C GLY B 666 -7.14 2.30 -0.79
N THR B 667 -6.33 1.96 0.22
CA THR B 667 -5.45 0.81 0.05
C THR B 667 -6.18 -0.53 -0.01
N ALA B 668 -7.39 -0.61 0.52
CA ALA B 668 -8.13 -1.86 0.55
C ALA B 668 -9.26 -1.87 -0.49
N ASP B 669 -9.03 -1.20 -1.62
CA ASP B 669 -9.99 -1.15 -2.72
C ASP B 669 -9.96 -2.48 -3.45
N ASP B 670 -11.00 -3.30 -3.22
CA ASP B 670 -11.18 -4.60 -3.89
C ASP B 670 -11.68 -4.46 -5.31
N ASN B 671 -12.12 -3.27 -5.72
CA ASN B 671 -12.76 -3.11 -7.02
C ASN B 671 -11.81 -2.51 -8.07
N VAL B 672 -11.43 -1.25 -7.86
CA VAL B 672 -10.38 -0.60 -8.64
C VAL B 672 -9.13 -0.69 -7.77
N HIS B 673 -8.26 -1.66 -8.04
CA HIS B 673 -7.22 -1.98 -7.07
C HIS B 673 -6.26 -0.83 -6.86
N PHE B 674 -5.78 -0.68 -5.63
CA PHE B 674 -4.77 0.36 -5.37
C PHE B 674 -3.64 0.32 -6.39
N GLN B 675 -3.31 -0.86 -6.90
CA GLN B 675 -2.37 -1.05 -8.01
C GLN B 675 -2.53 0.01 -9.11
N GLN B 676 -3.78 0.33 -9.44
CA GLN B 676 -4.04 1.26 -10.55
C GLN B 676 -3.42 2.64 -10.28
N SER B 677 -3.59 3.14 -9.06
CA SER B 677 -2.97 4.44 -8.74
C SER B 677 -1.48 4.27 -8.42
N ALA B 678 -1.09 3.08 -7.92
CA ALA B 678 0.34 2.83 -7.67
C ALA B 678 1.12 2.93 -8.96
N GLN B 679 0.53 2.47 -10.07
CA GLN B 679 1.22 2.57 -11.36
C GLN B 679 1.16 4.00 -11.90
N ILE B 680 0.06 4.74 -11.68
CA ILE B 680 0.09 6.16 -12.10
C ILE B 680 1.23 6.89 -11.40
N SER B 681 1.30 6.74 -10.08
CA SER B 681 2.27 7.53 -9.35
C SER B 681 3.68 7.14 -9.79
N LYS B 682 3.91 5.84 -10.04
CA LYS B 682 5.26 5.44 -10.45
C LYS B 682 5.60 6.03 -11.80
N ALA B 683 4.63 6.06 -12.74
CA ALA B 683 4.92 6.65 -14.05
C ALA B 683 5.20 8.14 -13.92
N LEU B 684 4.47 8.83 -13.03
CA LEU B 684 4.74 10.27 -12.82
C LEU B 684 6.12 10.48 -12.23
N VAL B 685 6.49 9.67 -11.24
CA VAL B 685 7.82 9.78 -10.65
C VAL B 685 8.88 9.54 -11.71
N ASP B 686 8.66 8.54 -12.57
CA ASP B 686 9.64 8.17 -13.58
C ASP B 686 9.88 9.29 -14.59
N VAL B 687 8.93 10.19 -14.82
CA VAL B 687 9.19 11.30 -15.74
C VAL B 687 9.43 12.62 -15.03
N GLY B 688 9.58 12.60 -13.70
CA GLY B 688 9.89 13.80 -12.96
C GLY B 688 8.75 14.80 -12.84
N VAL B 689 7.53 14.33 -12.67
CA VAL B 689 6.35 15.16 -12.51
C VAL B 689 6.01 15.27 -11.02
N ASP B 690 5.95 16.50 -10.49
CA ASP B 690 5.46 16.64 -9.13
C ASP B 690 3.93 16.61 -9.13
N PHE B 691 3.35 16.07 -8.06
CA PHE B 691 1.90 15.94 -7.93
C PHE B 691 1.60 15.75 -6.46
N GLN B 692 0.32 15.82 -6.10
CA GLN B 692 -0.13 15.63 -4.74
C GLN B 692 -0.78 14.25 -4.63
N ALA B 693 -0.66 13.63 -3.46
CA ALA B 693 -1.11 12.25 -3.34
C ALA B 693 -1.74 12.07 -1.96
N MET B 694 -2.67 11.11 -1.87
CA MET B 694 -3.20 10.69 -0.57
C MET B 694 -3.72 9.26 -0.70
N TRP B 695 -3.18 8.36 0.13
CA TRP B 695 -3.75 7.03 0.33
C TRP B 695 -4.67 7.08 1.54
N TYR B 696 -5.68 6.20 1.55
CA TYR B 696 -6.58 6.03 2.68
C TYR B 696 -6.45 4.59 3.18
N THR B 697 -5.73 4.43 4.28
CA THR B 697 -5.45 3.10 4.86
C THR B 697 -6.74 2.36 5.12
N ASP B 698 -6.85 1.17 4.53
CA ASP B 698 -7.94 0.20 4.74
C ASP B 698 -9.29 0.69 4.24
N GLU B 699 -9.33 1.75 3.42
CA GLU B 699 -10.58 2.18 2.82
C GLU B 699 -10.77 1.47 1.49
N ASP B 700 -12.02 1.23 1.13
CA ASP B 700 -12.26 0.52 -0.12
C ASP B 700 -12.67 1.53 -1.20
N HIS B 701 -13.29 1.03 -2.26
CA HIS B 701 -13.62 1.88 -3.39
C HIS B 701 -14.52 3.07 -3.00
N GLY B 702 -15.33 2.91 -1.95
CA GLY B 702 -16.22 4.02 -1.64
C GLY B 702 -15.63 5.10 -0.72
N ILE B 703 -14.44 4.86 -0.16
CA ILE B 703 -13.81 5.74 0.83
C ILE B 703 -14.92 6.37 1.68
N ALA B 704 -15.72 5.51 2.29
CA ALA B 704 -17.01 5.94 2.81
C ALA B 704 -17.16 5.80 4.32
N SER B 705 -16.14 5.34 5.05
CA SER B 705 -16.27 5.44 6.49
C SER B 705 -16.43 6.92 6.86
N SER B 706 -17.02 7.16 8.03
CA SER B 706 -17.36 8.51 8.43
C SER B 706 -16.14 9.40 8.45
N THR B 707 -15.05 8.92 9.05
CA THR B 707 -13.88 9.77 9.20
C THR B 707 -13.19 9.98 7.86
N ALA B 708 -13.05 8.91 7.07
CA ALA B 708 -12.37 9.05 5.79
C ALA B 708 -13.17 9.92 4.83
N HIS B 709 -14.50 9.74 4.81
CA HIS B 709 -15.34 10.59 3.99
C HIS B 709 -15.09 12.07 4.30
N GLN B 710 -15.10 12.42 5.59
CA GLN B 710 -14.83 13.81 5.97
C GLN B 710 -13.43 14.22 5.58
N HIS B 711 -12.48 13.32 5.76
CA HIS B 711 -11.09 13.68 5.51
C HIS B 711 -10.85 13.94 4.02
N ILE B 712 -11.39 13.06 3.15
CA ILE B 712 -11.11 13.21 1.74
C ILE B 712 -11.75 14.48 1.21
N TYR B 713 -12.98 14.78 1.62
CA TYR B 713 -13.58 16.00 1.05
C TYR B 713 -12.91 17.25 1.60
N THR B 714 -12.47 17.23 2.85
CA THR B 714 -11.68 18.36 3.35
C THR B 714 -10.40 18.55 2.53
N HIS B 715 -9.69 17.46 2.28
CA HIS B 715 -8.41 17.52 1.57
C HIS B 715 -8.62 18.02 0.14
N MET B 716 -9.64 17.48 -0.54
CA MET B 716 -9.94 17.97 -1.88
C MET B 716 -10.37 19.43 -1.88
N SER B 717 -11.15 19.86 -0.88
CA SER B 717 -11.57 21.26 -0.82
C SER B 717 -10.35 22.17 -0.72
N HIS B 718 -9.37 21.81 0.13
CA HIS B 718 -8.14 22.61 0.20
C HIS B 718 -7.43 22.68 -1.14
N PHE B 719 -7.33 21.54 -1.84
CA PHE B 719 -6.64 21.52 -3.13
C PHE B 719 -7.34 22.41 -4.16
N ILE B 720 -8.67 22.34 -4.23
CA ILE B 720 -9.39 23.12 -5.23
C ILE B 720 -9.26 24.61 -4.90
N LYS B 721 -9.46 24.95 -3.62
CA LYS B 721 -9.35 26.36 -3.24
C LYS B 721 -7.96 26.91 -3.53
N GLN B 722 -6.93 26.12 -3.29
CA GLN B 722 -5.58 26.53 -3.60
C GLN B 722 -5.41 26.72 -5.10
N CYS B 723 -5.92 25.77 -5.89
CA CYS B 723 -5.84 25.89 -7.33
C CYS B 723 -6.54 27.15 -7.84
N PHE B 724 -7.63 27.54 -7.19
CA PHE B 724 -8.42 28.65 -7.69
C PHE B 724 -8.04 29.98 -7.05
N SER B 725 -6.98 29.99 -6.24
CA SER B 725 -6.53 31.18 -5.51
C SER B 725 -7.67 31.77 -4.70
N LEU B 726 -8.49 30.87 -4.15
CA LEU B 726 -9.60 31.23 -3.28
C LEU B 726 -9.15 31.45 -1.82
N VAL C 1 18.49 -1.18 11.72
CA VAL C 1 18.61 0.09 12.46
C VAL C 1 17.28 0.87 12.38
N ALA C 2 16.69 0.97 11.20
CA ALA C 2 15.80 2.09 10.90
C ALA C 2 16.62 3.38 10.73
N MET C 3 17.58 3.32 9.83
CA MET C 3 18.35 4.49 9.43
C MET C 3 17.99 5.17 8.10
N PRO C 4 17.96 4.45 6.99
CA PRO C 4 18.20 5.39 5.88
C PRO C 4 17.13 5.56 4.90
N VAL D 1 -18.35 -2.49 -11.79
CA VAL D 1 -18.62 -1.16 -12.28
C VAL D 1 -17.52 -0.30 -11.67
N ALA D 2 -16.73 0.38 -12.50
CA ALA D 2 -15.82 1.36 -11.93
C ALA D 2 -16.59 2.61 -11.45
N MET D 3 -17.24 2.56 -10.25
CA MET D 3 -18.01 3.64 -9.63
C MET D 3 -18.15 3.40 -8.11
N PRO D 4 -17.96 4.45 -7.25
CA PRO D 4 -17.96 4.27 -5.77
C PRO D 4 -19.23 3.62 -5.14
#